data_8GJ7
# 
_entry.id   8GJ7 
# 
_audit_conform.dict_name       mmcif_pdbx.dic 
_audit_conform.dict_version    5.396 
_audit_conform.dict_location   http://mmcif.pdb.org/dictionaries/ascii/mmcif_pdbx.dic 
# 
loop_
_database_2.database_id 
_database_2.database_code 
_database_2.pdbx_database_accession 
_database_2.pdbx_DOI 
PDB   8GJ7         pdb_00008gj7 10.2210/pdb8gj7/pdb 
WWPDB D_1000273027 ?            ?                   
# 
loop_
_pdbx_audit_revision_history.ordinal 
_pdbx_audit_revision_history.data_content_type 
_pdbx_audit_revision_history.major_revision 
_pdbx_audit_revision_history.minor_revision 
_pdbx_audit_revision_history.revision_date 
1 'Structure model' 1 0 2023-11-15 
2 'Structure model' 2 0 2024-09-25 
# 
_pdbx_audit_revision_details.ordinal             1 
_pdbx_audit_revision_details.revision_ordinal    1 
_pdbx_audit_revision_details.data_content_type   'Structure model' 
_pdbx_audit_revision_details.provider            repository 
_pdbx_audit_revision_details.type                'Initial release' 
_pdbx_audit_revision_details.description         ? 
_pdbx_audit_revision_details.details             ? 
# 
loop_
_pdbx_audit_revision_group.ordinal 
_pdbx_audit_revision_group.revision_ordinal 
_pdbx_audit_revision_group.data_content_type 
_pdbx_audit_revision_group.group 
1 2 'Structure model' Advisory               
2 2 'Structure model' 'Atomic model'         
3 2 'Structure model' 'Data collection'      
4 2 'Structure model' 'Database references'  
5 2 'Structure model' 'Derived calculations' 
6 2 'Structure model' 'Polymer sequence'     
7 2 'Structure model' 'Source and taxonomy'  
8 2 'Structure model' 'Structure summary'    
# 
loop_
_pdbx_audit_revision_category.ordinal 
_pdbx_audit_revision_category.revision_ordinal 
_pdbx_audit_revision_category.data_content_type 
_pdbx_audit_revision_category.category 
1  2 'Structure model' atom_site                   
2  2 'Structure model' atom_site_anisotrop         
3  2 'Structure model' entity                      
4  2 'Structure model' entity_poly                 
5  2 'Structure model' entity_poly_seq             
6  2 'Structure model' pdbx_entity_nonpoly         
7  2 'Structure model' pdbx_entity_src_syn         
8  2 'Structure model' pdbx_nonpoly_scheme         
9  2 'Structure model' pdbx_poly_seq_scheme        
10 2 'Structure model' pdbx_struct_assembly_gen    
11 2 'Structure model' pdbx_validate_close_contact 
12 2 'Structure model' struct_asym                 
13 2 'Structure model' struct_conf                 
14 2 'Structure model' struct_conn                 
15 2 'Structure model' struct_ref                  
16 2 'Structure model' struct_ref_seq              
# 
loop_
_pdbx_audit_revision_item.ordinal 
_pdbx_audit_revision_item.revision_ordinal 
_pdbx_audit_revision_item.data_content_type 
_pdbx_audit_revision_item.item 
1  2 'Structure model' '_atom_site.B_iso_or_equiv'                 
2  2 'Structure model' '_atom_site.Cartn_x'                        
3  2 'Structure model' '_atom_site.Cartn_y'                        
4  2 'Structure model' '_atom_site.Cartn_z'                        
5  2 'Structure model' '_atom_site.auth_asym_id'                   
6  2 'Structure model' '_atom_site.auth_atom_id'                   
7  2 'Structure model' '_atom_site.auth_comp_id'                   
8  2 'Structure model' '_atom_site.auth_seq_id'                    
9  2 'Structure model' '_atom_site.group_PDB'                      
10 2 'Structure model' '_atom_site.label_alt_id'                   
11 2 'Structure model' '_atom_site.label_asym_id'                  
12 2 'Structure model' '_atom_site.label_atom_id'                  
13 2 'Structure model' '_atom_site.label_comp_id'                  
14 2 'Structure model' '_atom_site.label_entity_id'                
15 2 'Structure model' '_atom_site.label_seq_id'                   
16 2 'Structure model' '_atom_site.occupancy'                      
17 2 'Structure model' '_atom_site.type_symbol'                    
18 2 'Structure model' '_atom_site_anisotrop.U[1][1]'              
19 2 'Structure model' '_atom_site_anisotrop.U[1][2]'              
20 2 'Structure model' '_atom_site_anisotrop.U[1][3]'              
21 2 'Structure model' '_atom_site_anisotrop.U[2][2]'              
22 2 'Structure model' '_atom_site_anisotrop.U[2][3]'              
23 2 'Structure model' '_atom_site_anisotrop.U[3][3]'              
24 2 'Structure model' '_atom_site_anisotrop.id'                   
25 2 'Structure model' '_atom_site_anisotrop.pdbx_auth_asym_id'    
26 2 'Structure model' '_atom_site_anisotrop.pdbx_auth_atom_id'    
27 2 'Structure model' '_atom_site_anisotrop.pdbx_auth_comp_id'    
28 2 'Structure model' '_atom_site_anisotrop.pdbx_auth_seq_id'     
29 2 'Structure model' '_atom_site_anisotrop.pdbx_label_alt_id'    
30 2 'Structure model' '_atom_site_anisotrop.pdbx_label_asym_id'   
31 2 'Structure model' '_atom_site_anisotrop.pdbx_label_atom_id'   
32 2 'Structure model' '_atom_site_anisotrop.pdbx_label_comp_id'   
33 2 'Structure model' '_atom_site_anisotrop.pdbx_label_seq_id'    
34 2 'Structure model' '_atom_site_anisotrop.type_symbol'          
35 2 'Structure model' '_entity_poly.pdbx_seq_one_letter_code'     
36 2 'Structure model' '_entity_poly.pdbx_seq_one_letter_code_can' 
37 2 'Structure model' '_pdbx_entity_src_syn.pdbx_end_seq_num'     
38 2 'Structure model' '_pdbx_struct_assembly_gen.asym_id_list'    
39 2 'Structure model' '_struct_conf.beg_auth_comp_id'             
40 2 'Structure model' '_struct_conf.beg_auth_seq_id'              
41 2 'Structure model' '_struct_conf.beg_label_comp_id'            
42 2 'Structure model' '_struct_conf.beg_label_seq_id'             
43 2 'Structure model' '_struct_conf.end_label_seq_id'             
44 2 'Structure model' '_struct_conf.pdbx_PDB_helix_length'        
45 2 'Structure model' '_struct_conn.pdbx_dist_value'              
46 2 'Structure model' '_struct_conn.pdbx_leaving_atom_flag'       
47 2 'Structure model' '_struct_conn.ptnr1_auth_comp_id'           
48 2 'Structure model' '_struct_conn.ptnr1_auth_seq_id'            
49 2 'Structure model' '_struct_conn.ptnr1_label_atom_id'          
50 2 'Structure model' '_struct_conn.ptnr1_label_comp_id'          
51 2 'Structure model' '_struct_conn.ptnr1_label_seq_id'           
52 2 'Structure model' '_struct_conn.ptnr2_auth_comp_id'           
53 2 'Structure model' '_struct_conn.ptnr2_auth_seq_id'            
54 2 'Structure model' '_struct_conn.ptnr2_label_asym_id'          
55 2 'Structure model' '_struct_conn.ptnr2_label_atom_id'          
56 2 'Structure model' '_struct_conn.ptnr2_label_comp_id'          
57 2 'Structure model' '_struct_conn.ptnr2_label_seq_id'           
58 2 'Structure model' '_struct_ref.entity_id'                     
59 2 'Structure model' '_struct_ref_seq.seq_align_beg'             
60 2 'Structure model' '_struct_ref_seq.seq_align_end'             
# 
_pdbx_database_status.status_code                     REL 
_pdbx_database_status.status_code_sf                  REL 
_pdbx_database_status.status_code_mr                  ? 
_pdbx_database_status.entry_id                        8GJ7 
_pdbx_database_status.recvd_initial_deposition_date   2023-03-15 
_pdbx_database_status.SG_entry                        N 
_pdbx_database_status.deposit_site                    RCSB 
_pdbx_database_status.process_site                    RCSB 
_pdbx_database_status.status_code_cs                  ? 
_pdbx_database_status.status_code_nmr_data            ? 
_pdbx_database_status.methods_development_category    ? 
_pdbx_database_status.pdb_format_compatible           Y 
# 
_pdbx_contact_author.id                 2 
_pdbx_contact_author.email              andyn@uic.edu 
_pdbx_contact_author.name_first         Andy 
_pdbx_contact_author.name_last          Nguyen 
_pdbx_contact_author.name_mi            I 
_pdbx_contact_author.role               'principal investigator/group leader' 
_pdbx_contact_author.identifier_ORCID   0000-0003-4137-6453 
# 
loop_
_audit_author.name 
_audit_author.pdbx_ordinal 
_audit_author.identifier_ORCID 
'Hess, S.S.'   1 0000-0002-2125-7679 
'Nguyen, A.I.' 2 0000-0003-4137-6453 
# 
_citation.abstract                  ? 
_citation.abstract_id_CAS           ? 
_citation.book_id_ISBN              ? 
_citation.book_publisher            ? 
_citation.book_publisher_city       ? 
_citation.book_title                ? 
_citation.coordinate_linkage        ? 
_citation.country                   US 
_citation.database_id_Medline       ? 
_citation.details                   ? 
_citation.id                        primary 
_citation.journal_abbrev            J.Am.Chem.Soc. 
_citation.journal_id_ASTM           JACSAT 
_citation.journal_id_CSD            ? 
_citation.journal_id_ISSN           1520-5126 
_citation.journal_full              ? 
_citation.journal_issue             ? 
_citation.journal_volume            145 
_citation.language                  ? 
_citation.page_first                19588 
_citation.page_last                 19600 
_citation.title                     'Noncovalent Peptide Assembly Enables Crystalline, Permutable, and Reactive Thiol Frameworks.' 
_citation.year                      2023 
_citation.database_id_CSD           ? 
_citation.pdbx_database_id_DOI      10.1021/jacs.3c03645 
_citation.pdbx_database_id_PubMed   37639365 
_citation.pdbx_database_id_patent   ? 
_citation.unpublished_flag          ? 
# 
loop_
_citation_author.citation_id 
_citation_author.name 
_citation_author.ordinal 
_citation_author.identifier_ORCID 
primary 'Hess, S.S.'   1 ?                   
primary 'Coppola, F.'  2 0000-0002-2429-204X 
primary 'Dang, V.T.'   3 ?                   
primary 'Tran, P.N.'   4 ?                   
primary 'Mickel, P.J.' 5 ?                   
primary 'Oktawiec, J.' 6 0000-0002-2895-3327 
primary 'Ren, Z.'      7 0000-0001-7098-3127 
primary 'Kral, P.'     8 0000-0003-2992-9027 
primary 'Nguyen, A.I.' 9 0000-0003-4137-6453 
# 
loop_
_entity.id 
_entity.type 
_entity.src_method 
_entity.pdbx_description 
_entity.formula_weight 
_entity.pdbx_number_of_molecules 
_entity.pdbx_ec 
_entity.pdbx_mutation 
_entity.pdbx_fragment 
_entity.details 
1 polymer syn 'bipyridyl-conjugated helical peptide' 1234.493 4 ? ? ? ? 
2 water   nat water                                  18.015   7 ? ? ? ? 
# 
_entity_poly.entity_id                      1 
_entity_poly.type                           'polypeptide(L)' 
_entity_poly.nstd_linkage                   no 
_entity_poly.nstd_monomer                   yes 
_entity_poly.pdbx_seq_one_letter_code       '(NIO)L(AIB)ACL(AIB)C(AIB)L(I77)' 
_entity_poly.pdbx_seq_one_letter_code_can   XLAACLACALX 
_entity_poly.pdbx_strand_id                 A,B,C,D 
_entity_poly.pdbx_target_identifier         ? 
# 
_pdbx_entity_nonpoly.entity_id   2 
_pdbx_entity_nonpoly.name        water 
_pdbx_entity_nonpoly.comp_id     HOH 
# 
loop_
_entity_poly_seq.entity_id 
_entity_poly_seq.num 
_entity_poly_seq.mon_id 
_entity_poly_seq.hetero 
1 1  NIO n 
1 2  LEU n 
1 3  AIB n 
1 4  ALA n 
1 5  CYS n 
1 6  LEU n 
1 7  AIB n 
1 8  CYS n 
1 9  AIB n 
1 10 LEU n 
1 11 I77 n 
# 
_pdbx_entity_src_syn.entity_id              1 
_pdbx_entity_src_syn.pdbx_src_id            1 
_pdbx_entity_src_syn.pdbx_alt_source_flag   sample 
_pdbx_entity_src_syn.pdbx_beg_seq_num       1 
_pdbx_entity_src_syn.pdbx_end_seq_num       11 
_pdbx_entity_src_syn.organism_scientific    'synthetic construct' 
_pdbx_entity_src_syn.organism_common_name   ? 
_pdbx_entity_src_syn.ncbi_taxonomy_id       32630 
_pdbx_entity_src_syn.details                ? 
# 
loop_
_chem_comp.id 
_chem_comp.type 
_chem_comp.mon_nstd_flag 
_chem_comp.name 
_chem_comp.pdbx_synonyms 
_chem_comp.formula 
_chem_comp.formula_weight 
AIB 'L-peptide linking' n 'ALPHA-AMINOISOBUTYRIC ACID'                            ? 'C4 H9 N O2'    103.120 
ALA 'L-peptide linking' y ALANINE                                                 ? 'C3 H7 N O2'    89.093  
CYS 'L-peptide linking' y CYSTEINE                                                ? 'C3 H7 N O2 S'  121.158 
HOH non-polymer         . WATER                                                   ? 'H2 O'          18.015  
I77 non-polymer         . "5'-(hydrazinecarbonyl)[2,2'-bipyridine]-5-carboxamide" ? 'C12 H11 N5 O2' 257.248 
LEU 'L-peptide linking' y LEUCINE                                                 ? 'C6 H13 N O2'   131.173 
NIO non-polymer         . 'NICOTINIC ACID'                                        ? 'C6 H5 N O2'    123.109 
# 
loop_
_pdbx_poly_seq_scheme.asym_id 
_pdbx_poly_seq_scheme.entity_id 
_pdbx_poly_seq_scheme.seq_id 
_pdbx_poly_seq_scheme.mon_id 
_pdbx_poly_seq_scheme.ndb_seq_num 
_pdbx_poly_seq_scheme.pdb_seq_num 
_pdbx_poly_seq_scheme.auth_seq_num 
_pdbx_poly_seq_scheme.pdb_mon_id 
_pdbx_poly_seq_scheme.auth_mon_id 
_pdbx_poly_seq_scheme.pdb_strand_id 
_pdbx_poly_seq_scheme.pdb_ins_code 
_pdbx_poly_seq_scheme.hetero 
A 1 1  NIO 1  1  1  NIO NIO A . n 
A 1 2  LEU 2  2  2  LEU LEU A . n 
A 1 3  AIB 3  3  3  AIB AIB A . n 
A 1 4  ALA 4  4  4  ALA ALA A . n 
A 1 5  CYS 5  5  5  CYS CYS A . n 
A 1 6  LEU 6  6  6  LEU LEU A . n 
A 1 7  AIB 7  7  7  AIB AIB A . n 
A 1 8  CYS 8  8  8  CYS CYS A . n 
A 1 9  AIB 9  9  9  AIB AIB A . n 
A 1 10 LEU 10 10 10 LEU LEU A . n 
A 1 11 I77 11 11 11 I77 BPH A . n 
B 1 1  NIO 1  1  1  NIO NIO B . n 
B 1 2  LEU 2  2  2  LEU LEU B . n 
B 1 3  AIB 3  3  3  AIB AIB B . n 
B 1 4  ALA 4  4  4  ALA ALA B . n 
B 1 5  CYS 5  5  5  CYS CYS B . n 
B 1 6  LEU 6  6  6  LEU LEU B . n 
B 1 7  AIB 7  7  7  AIB AIB B . n 
B 1 8  CYS 8  8  8  CYS CYS B . n 
B 1 9  AIB 9  9  9  AIB AIB B . n 
B 1 10 LEU 10 10 10 LEU LEU B . n 
B 1 11 I77 11 11 11 I77 BPH B . n 
C 1 1  NIO 1  1  1  NIO NIO C . n 
C 1 2  LEU 2  2  2  LEU LEU C . n 
C 1 3  AIB 3  3  3  AIB AIB C . n 
C 1 4  ALA 4  4  4  ALA ALA C . n 
C 1 5  CYS 5  5  5  CYS CYS C . n 
C 1 6  LEU 6  6  6  LEU LEU C . n 
C 1 7  AIB 7  7  7  AIB AIB C . n 
C 1 8  CYS 8  8  8  CYS CYS C . n 
C 1 9  AIB 9  9  9  AIB AIB C . n 
C 1 10 LEU 10 10 10 LEU LEU C . n 
C 1 11 I77 11 11 11 I77 BPH C . n 
D 1 1  NIO 1  1  1  NIO NIO D . n 
D 1 2  LEU 2  2  2  LEU LEU D . n 
D 1 3  AIB 3  3  3  AIB AIB D . n 
D 1 4  ALA 4  4  4  ALA ALA D . n 
D 1 5  CYS 5  5  5  CYS CYS D . n 
D 1 6  LEU 6  6  6  LEU LEU D . n 
D 1 7  AIB 7  7  7  AIB AIB D . n 
D 1 8  CYS 8  8  8  CYS CYS D . n 
D 1 9  AIB 9  9  9  AIB AIB D . n 
D 1 10 LEU 10 10 10 LEU LEU D . n 
D 1 11 I77 11 11 11 I77 BPH D . n 
# 
loop_
_pdbx_nonpoly_scheme.asym_id 
_pdbx_nonpoly_scheme.entity_id 
_pdbx_nonpoly_scheme.mon_id 
_pdbx_nonpoly_scheme.ndb_seq_num 
_pdbx_nonpoly_scheme.pdb_seq_num 
_pdbx_nonpoly_scheme.auth_seq_num 
_pdbx_nonpoly_scheme.pdb_mon_id 
_pdbx_nonpoly_scheme.auth_mon_id 
_pdbx_nonpoly_scheme.pdb_strand_id 
_pdbx_nonpoly_scheme.pdb_ins_code 
E 2 HOH 1 201 7 HOH HOH A . 
E 2 HOH 2 202 4 HOH HOH A . 
E 2 HOH 3 203 3 HOH HOH A . 
E 2 HOH 4 204 5 HOH HOH A . 
F 2 HOH 1 201 6 HOH HOH C . 
G 2 HOH 1 201 1 HOH HOH D . 
G 2 HOH 2 202 2 HOH HOH D . 
# 
loop_
_software.citation_id 
_software.classification 
_software.compiler_name 
_software.compiler_version 
_software.contact_author 
_software.contact_author_email 
_software.date 
_software.description 
_software.dependencies 
_software.hardware 
_software.language 
_software.location 
_software.mods 
_software.name 
_software.os 
_software.os_version 
_software.type 
_software.version 
_software.pdbx_ordinal 
? refinement       ? ? ? ? ? ? ? ? ? ? ? PHENIX ? ? ? 1.19.2_4158 1 
? 'data reduction' ? ? ? ? ? ? ? ? ? ? ? XDS    ? ? ? .           2 
? 'data scaling'   ? ? ? ? ? ? ? ? ? ? ? XDS    ? ? ? .           3 
? phasing          ? ? ? ? ? ? ? ? ? ? ? PHASER ? ? ? .           4 
# 
_cell.angle_alpha                  90.010 
_cell.angle_alpha_esd              ? 
_cell.angle_beta                   89.675 
_cell.angle_beta_esd               ? 
_cell.angle_gamma                  90.006 
_cell.angle_gamma_esd              ? 
_cell.entry_id                     8GJ7 
_cell.details                      ? 
_cell.formula_units_Z              ? 
_cell.length_a                     8.771 
_cell.length_a_esd                 ? 
_cell.length_b                     16.625 
_cell.length_b_esd                 ? 
_cell.length_c                     50.498 
_cell.length_c_esd                 ? 
_cell.volume                       7363.392 
_cell.volume_esd                   ? 
_cell.Z_PDB                        4 
_cell.reciprocal_angle_alpha       ? 
_cell.reciprocal_angle_beta        ? 
_cell.reciprocal_angle_gamma       ? 
_cell.reciprocal_angle_alpha_esd   ? 
_cell.reciprocal_angle_beta_esd    ? 
_cell.reciprocal_angle_gamma_esd   ? 
_cell.reciprocal_length_a          ? 
_cell.reciprocal_length_b          ? 
_cell.reciprocal_length_c          ? 
_cell.reciprocal_length_a_esd      ? 
_cell.reciprocal_length_b_esd      ? 
_cell.reciprocal_length_c_esd      ? 
_cell.pdbx_unique_axis             ? 
_cell.pdbx_esd_method              ? 
# 
_symmetry.entry_id                         8GJ7 
_symmetry.cell_setting                     ? 
_symmetry.Int_Tables_number                1 
_symmetry.space_group_name_Hall            'P 1' 
_symmetry.space_group_name_H-M             'P 1' 
_symmetry.pdbx_full_space_group_name_H-M   ? 
# 
_exptl.absorpt_coefficient_mu     ? 
_exptl.absorpt_correction_T_max   ? 
_exptl.absorpt_correction_T_min   ? 
_exptl.absorpt_correction_type    ? 
_exptl.absorpt_process_details    ? 
_exptl.entry_id                   8GJ7 
_exptl.crystals_number            1 
_exptl.details                    ? 
_exptl.method                     'X-RAY DIFFRACTION' 
_exptl.method_details             ? 
# 
_exptl_crystal.colour                       ? 
_exptl_crystal.density_diffrn               ? 
_exptl_crystal.density_Matthews             2.07 
_exptl_crystal.density_method               ? 
_exptl_crystal.density_percent_sol          40.52 
_exptl_crystal.description                  ? 
_exptl_crystal.F_000                        ? 
_exptl_crystal.id                           1 
_exptl_crystal.preparation                  ? 
_exptl_crystal.size_max                     ? 
_exptl_crystal.size_mid                     ? 
_exptl_crystal.size_min                     ? 
_exptl_crystal.size_rad                     ? 
_exptl_crystal.colour_lustre                ? 
_exptl_crystal.colour_modifier              ? 
_exptl_crystal.colour_primary               ? 
_exptl_crystal.density_meas                 ? 
_exptl_crystal.density_meas_esd             ? 
_exptl_crystal.density_meas_gt              ? 
_exptl_crystal.density_meas_lt              ? 
_exptl_crystal.density_meas_temp            ? 
_exptl_crystal.density_meas_temp_esd        ? 
_exptl_crystal.density_meas_temp_gt         ? 
_exptl_crystal.density_meas_temp_lt         ? 
_exptl_crystal.pdbx_crystal_image_url       ? 
_exptl_crystal.pdbx_crystal_image_format    ? 
_exptl_crystal.pdbx_mosaicity               ? 
_exptl_crystal.pdbx_mosaicity_esd           ? 
_exptl_crystal.pdbx_mosaic_method           ? 
_exptl_crystal.pdbx_mosaic_block_size       ? 
_exptl_crystal.pdbx_mosaic_block_size_esd   ? 
# 
_exptl_crystal_grow.apparatus       ? 
_exptl_crystal_grow.atmosphere      ? 
_exptl_crystal_grow.crystal_id      1 
_exptl_crystal_grow.details         ? 
_exptl_crystal_grow.method          'SLOW COOLING' 
_exptl_crystal_grow.method_ref      ? 
_exptl_crystal_grow.pH              ? 
_exptl_crystal_grow.pressure        ? 
_exptl_crystal_grow.pressure_esd    ? 
_exptl_crystal_grow.seeding         ? 
_exptl_crystal_grow.seeding_ref     ? 
_exptl_crystal_grow.temp_details    ? 
_exptl_crystal_grow.temp_esd        ? 
_exptl_crystal_grow.time            ? 
_exptl_crystal_grow.pdbx_details    Water/Acetonitrile 
_exptl_crystal_grow.pdbx_pH_range   ? 
_exptl_crystal_grow.temp            298 
# 
_diffrn.ambient_environment              ? 
_diffrn.ambient_temp                     100 
_diffrn.ambient_temp_details             ? 
_diffrn.ambient_temp_esd                 ? 
_diffrn.crystal_id                       1 
_diffrn.crystal_support                  ? 
_diffrn.crystal_treatment                ? 
_diffrn.details                          ? 
_diffrn.id                               1 
_diffrn.ambient_pressure                 ? 
_diffrn.ambient_pressure_esd             ? 
_diffrn.ambient_pressure_gt              ? 
_diffrn.ambient_pressure_lt              ? 
_diffrn.ambient_temp_gt                  ? 
_diffrn.ambient_temp_lt                  ? 
_diffrn.pdbx_serial_crystal_experiment   N 
# 
_diffrn_detector.details                      ? 
_diffrn_detector.detector                     PIXEL 
_diffrn_detector.diffrn_id                    1 
_diffrn_detector.type                         'DECTRIS EIGER X 9M' 
_diffrn_detector.area_resol_mean              ? 
_diffrn_detector.dtime                        ? 
_diffrn_detector.pdbx_frames_total            ? 
_diffrn_detector.pdbx_collection_time_total   ? 
_diffrn_detector.pdbx_collection_date         2022-04-29 
_diffrn_detector.pdbx_frequency               ? 
_diffrn_detector.id                           ? 
_diffrn_detector.number_of_axes               ? 
# 
_diffrn_radiation.collimation                      ? 
_diffrn_radiation.diffrn_id                        1 
_diffrn_radiation.filter_edge                      ? 
_diffrn_radiation.inhomogeneity                    ? 
_diffrn_radiation.monochromator                    ? 
_diffrn_radiation.polarisn_norm                    ? 
_diffrn_radiation.polarisn_ratio                   ? 
_diffrn_radiation.probe                            ? 
_diffrn_radiation.type                             ? 
_diffrn_radiation.xray_symbol                      ? 
_diffrn_radiation.wavelength_id                    1 
_diffrn_radiation.pdbx_monochromatic_or_laue_m_l   M 
_diffrn_radiation.pdbx_wavelength_list             ? 
_diffrn_radiation.pdbx_wavelength                  ? 
_diffrn_radiation.pdbx_diffrn_protocol             'SINGLE WAVELENGTH' 
_diffrn_radiation.pdbx_analyzer                    ? 
_diffrn_radiation.pdbx_scattering_type             x-ray 
# 
_diffrn_radiation_wavelength.id           1 
_diffrn_radiation_wavelength.wavelength   0.619920 
_diffrn_radiation_wavelength.wt           1.0 
# 
_diffrn_source.current                     ? 
_diffrn_source.details                     ? 
_diffrn_source.diffrn_id                   1 
_diffrn_source.power                       ? 
_diffrn_source.size                        ? 
_diffrn_source.source                      SYNCHROTRON 
_diffrn_source.target                      ? 
_diffrn_source.type                        'APS BEAMLINE 21-ID-D' 
_diffrn_source.voltage                     ? 
_diffrn_source.take-off_angle              ? 
_diffrn_source.pdbx_wavelength_list        0.619920 
_diffrn_source.pdbx_wavelength             ? 
_diffrn_source.pdbx_synchrotron_beamline   21-ID-D 
_diffrn_source.pdbx_synchrotron_site       APS 
# 
_reflns.B_iso_Wilson_estimate                          ? 
_reflns.entry_id                                       8GJ7 
_reflns.data_reduction_details                         ? 
_reflns.data_reduction_method                          ? 
_reflns.d_resolution_high                              1.19 
_reflns.d_resolution_low                               25.25 
_reflns.details                                        ? 
_reflns.limit_h_max                                    ? 
_reflns.limit_h_min                                    ? 
_reflns.limit_k_max                                    ? 
_reflns.limit_k_min                                    ? 
_reflns.limit_l_max                                    ? 
_reflns.limit_l_min                                    ? 
_reflns.number_all                                     ? 
_reflns.number_obs                                     15970 
_reflns.observed_criterion                             ? 
_reflns.observed_criterion_F_max                       ? 
_reflns.observed_criterion_F_min                       ? 
_reflns.observed_criterion_I_max                       ? 
_reflns.observed_criterion_I_min                       ? 
_reflns.observed_criterion_sigma_F                     ? 
_reflns.observed_criterion_sigma_I                     ? 
_reflns.percent_possible_obs                           90.60 
_reflns.R_free_details                                 ? 
_reflns.Rmerge_F_all                                   ? 
_reflns.Rmerge_F_obs                                   ? 
_reflns.Friedel_coverage                               ? 
_reflns.number_gt                                      ? 
_reflns.threshold_expression                           ? 
_reflns.pdbx_redundancy                                3.8 
_reflns.pdbx_netI_over_av_sigmaI                       ? 
_reflns.pdbx_netI_over_sigmaI                          12.15 
_reflns.pdbx_res_netI_over_av_sigmaI_2                 ? 
_reflns.pdbx_res_netI_over_sigmaI_2                    ? 
_reflns.pdbx_chi_squared                               ? 
_reflns.pdbx_scaling_rejects                           ? 
_reflns.pdbx_d_res_high_opt                            ? 
_reflns.pdbx_d_res_low_opt                             ? 
_reflns.pdbx_d_res_opt_method                          ? 
_reflns.phase_calculation_details                      ? 
_reflns.pdbx_Rrim_I_all                                ? 
_reflns.pdbx_Rpim_I_all                                ? 
_reflns.pdbx_d_opt                                     ? 
_reflns.pdbx_number_measured_all                       ? 
_reflns.pdbx_diffrn_id                                 1 
_reflns.pdbx_ordinal                                   1 
_reflns.pdbx_CC_half                                   ? 
_reflns.pdbx_CC_star                                   ? 
_reflns.pdbx_R_split                                   ? 
_reflns.pdbx_Rmerge_I_obs                              0.06451 
_reflns.pdbx_Rmerge_I_all                              ? 
_reflns.pdbx_Rsym_value                                ? 
_reflns.pdbx_CC_split_method                           ? 
_reflns.pdbx_aniso_diffraction_limit_axis_1_ortho[1]   ? 
_reflns.pdbx_aniso_diffraction_limit_axis_1_ortho[2]   ? 
_reflns.pdbx_aniso_diffraction_limit_axis_1_ortho[3]   ? 
_reflns.pdbx_aniso_diffraction_limit_axis_2_ortho[1]   ? 
_reflns.pdbx_aniso_diffraction_limit_axis_2_ortho[2]   ? 
_reflns.pdbx_aniso_diffraction_limit_axis_2_ortho[3]   ? 
_reflns.pdbx_aniso_diffraction_limit_axis_3_ortho[1]   ? 
_reflns.pdbx_aniso_diffraction_limit_axis_3_ortho[2]   ? 
_reflns.pdbx_aniso_diffraction_limit_axis_3_ortho[3]   ? 
_reflns.pdbx_aniso_diffraction_limit_1                 ? 
_reflns.pdbx_aniso_diffraction_limit_2                 ? 
_reflns.pdbx_aniso_diffraction_limit_3                 ? 
_reflns.pdbx_aniso_B_tensor_eigenvector_1_ortho[1]     ? 
_reflns.pdbx_aniso_B_tensor_eigenvector_1_ortho[2]     ? 
_reflns.pdbx_aniso_B_tensor_eigenvector_1_ortho[3]     ? 
_reflns.pdbx_aniso_B_tensor_eigenvector_2_ortho[1]     ? 
_reflns.pdbx_aniso_B_tensor_eigenvector_2_ortho[2]     ? 
_reflns.pdbx_aniso_B_tensor_eigenvector_2_ortho[3]     ? 
_reflns.pdbx_aniso_B_tensor_eigenvector_3_ortho[1]     ? 
_reflns.pdbx_aniso_B_tensor_eigenvector_3_ortho[2]     ? 
_reflns.pdbx_aniso_B_tensor_eigenvector_3_ortho[3]     ? 
_reflns.pdbx_aniso_B_tensor_eigenvalue_1               ? 
_reflns.pdbx_aniso_B_tensor_eigenvalue_2               ? 
_reflns.pdbx_aniso_B_tensor_eigenvalue_3               ? 
_reflns.pdbx_orthogonalization_convention              ? 
_reflns.pdbx_percent_possible_ellipsoidal              ? 
_reflns.pdbx_percent_possible_spherical                ? 
_reflns.pdbx_percent_possible_ellipsoidal_anomalous    ? 
_reflns.pdbx_percent_possible_spherical_anomalous      ? 
_reflns.pdbx_redundancy_anomalous                      ? 
_reflns.pdbx_CC_half_anomalous                         ? 
_reflns.pdbx_absDiff_over_sigma_anomalous              ? 
_reflns.pdbx_percent_possible_anomalous                ? 
_reflns.pdbx_observed_signal_threshold                 ? 
_reflns.pdbx_signal_type                               ? 
_reflns.pdbx_signal_details                            ? 
_reflns.pdbx_signal_software_id                        ? 
# 
_reflns_shell.d_res_high                                    1.19 
_reflns_shell.d_res_low                                     1.233 
_reflns_shell.meanI_over_sigI_all                           ? 
_reflns_shell.meanI_over_sigI_obs                           ? 
_reflns_shell.number_measured_all                           ? 
_reflns_shell.number_measured_obs                           ? 
_reflns_shell.number_possible                               ? 
_reflns_shell.number_unique_all                             ? 
_reflns_shell.number_unique_obs                             868 
_reflns_shell.percent_possible_obs                          ? 
_reflns_shell.Rmerge_F_all                                  ? 
_reflns_shell.Rmerge_F_obs                                  ? 
_reflns_shell.meanI_over_sigI_gt                            ? 
_reflns_shell.meanI_over_uI_all                             ? 
_reflns_shell.meanI_over_uI_gt                              ? 
_reflns_shell.number_measured_gt                            ? 
_reflns_shell.number_unique_gt                              ? 
_reflns_shell.percent_possible_gt                           ? 
_reflns_shell.Rmerge_F_gt                                   ? 
_reflns_shell.Rmerge_I_gt                                   ? 
_reflns_shell.pdbx_redundancy                               ? 
_reflns_shell.pdbx_chi_squared                              ? 
_reflns_shell.pdbx_netI_over_sigmaI_all                     ? 
_reflns_shell.pdbx_netI_over_sigmaI_obs                     ? 
_reflns_shell.pdbx_Rrim_I_all                               ? 
_reflns_shell.pdbx_Rpim_I_all                               ? 
_reflns_shell.pdbx_rejects                                  ? 
_reflns_shell.pdbx_ordinal                                  1 
_reflns_shell.pdbx_diffrn_id                                1 
_reflns_shell.pdbx_CC_half                                  ? 
_reflns_shell.pdbx_CC_star                                  ? 
_reflns_shell.pdbx_R_split                                  ? 
_reflns_shell.percent_possible_all                          ? 
_reflns_shell.Rmerge_I_all                                  ? 
_reflns_shell.Rmerge_I_obs                                  0.1497 
_reflns_shell.pdbx_Rsym_value                               ? 
_reflns_shell.pdbx_percent_possible_ellipsoidal             ? 
_reflns_shell.pdbx_percent_possible_spherical               ? 
_reflns_shell.pdbx_percent_possible_ellipsoidal_anomalous   ? 
_reflns_shell.pdbx_percent_possible_spherical_anomalous     ? 
_reflns_shell.pdbx_redundancy_anomalous                     ? 
_reflns_shell.pdbx_CC_half_anomalous                        ? 
_reflns_shell.pdbx_absDiff_over_sigma_anomalous             ? 
_reflns_shell.pdbx_percent_possible_anomalous               ? 
# 
_refine.aniso_B[1][1]                            ? 
_refine.aniso_B[1][2]                            ? 
_refine.aniso_B[1][3]                            ? 
_refine.aniso_B[2][2]                            ? 
_refine.aniso_B[2][3]                            ? 
_refine.aniso_B[3][3]                            ? 
_refine.B_iso_max                                ? 
_refine.B_iso_mean                               10.45 
_refine.B_iso_min                                ? 
_refine.correlation_coeff_Fo_to_Fc               ? 
_refine.correlation_coeff_Fo_to_Fc_free          ? 
_refine.details                                  ? 
_refine.diff_density_max                         ? 
_refine.diff_density_max_esd                     ? 
_refine.diff_density_min                         ? 
_refine.diff_density_min_esd                     ? 
_refine.diff_density_rms                         ? 
_refine.diff_density_rms_esd                     ? 
_refine.entry_id                                 8GJ7 
_refine.pdbx_refine_id                           'X-RAY DIFFRACTION' 
_refine.ls_abs_structure_details                 ? 
_refine.ls_abs_structure_Flack                   ? 
_refine.ls_abs_structure_Flack_esd               ? 
_refine.ls_abs_structure_Rogers                  ? 
_refine.ls_abs_structure_Rogers_esd              ? 
_refine.ls_d_res_high                            1.19 
_refine.ls_d_res_low                             25.25 
_refine.ls_extinction_coef                       ? 
_refine.ls_extinction_coef_esd                   ? 
_refine.ls_extinction_expression                 ? 
_refine.ls_extinction_method                     ? 
_refine.ls_goodness_of_fit_all                   ? 
_refine.ls_goodness_of_fit_all_esd               ? 
_refine.ls_goodness_of_fit_obs                   ? 
_refine.ls_goodness_of_fit_obs_esd               ? 
_refine.ls_hydrogen_treatment                    ? 
_refine.ls_matrix_type                           ? 
_refine.ls_number_constraints                    ? 
_refine.ls_number_parameters                     ? 
_refine.ls_number_reflns_all                     ? 
_refine.ls_number_reflns_obs                     15970 
_refine.ls_number_reflns_R_free                  1754 
_refine.ls_number_reflns_R_work                  14216 
_refine.ls_number_restraints                     ? 
_refine.ls_percent_reflns_obs                    87.19 
_refine.ls_percent_reflns_R_free                 10.98 
_refine.ls_R_factor_all                          ? 
_refine.ls_R_factor_obs                          0.1703 
_refine.ls_R_factor_R_free                       0.2220 
_refine.ls_R_factor_R_free_error                 ? 
_refine.ls_R_factor_R_free_error_details         ? 
_refine.ls_R_factor_R_work                       0.1512 
_refine.ls_R_Fsqd_factor_obs                     ? 
_refine.ls_R_I_factor_obs                        ? 
_refine.ls_redundancy_reflns_all                 ? 
_refine.ls_redundancy_reflns_obs                 ? 
_refine.ls_restrained_S_all                      ? 
_refine.ls_restrained_S_obs                      ? 
_refine.ls_shift_over_esd_max                    ? 
_refine.ls_shift_over_esd_mean                   ? 
_refine.ls_structure_factor_coef                 ? 
_refine.ls_weighting_details                     ? 
_refine.ls_weighting_scheme                      ? 
_refine.ls_wR_factor_all                         ? 
_refine.ls_wR_factor_obs                         ? 
_refine.ls_wR_factor_R_free                      ? 
_refine.ls_wR_factor_R_work                      ? 
_refine.occupancy_max                            ? 
_refine.occupancy_min                            ? 
_refine.solvent_model_details                    'FLAT BULK SOLVENT MODEL' 
_refine.solvent_model_param_bsol                 ? 
_refine.solvent_model_param_ksol                 ? 
_refine.pdbx_R_complete                          ? 
_refine.ls_R_factor_gt                           ? 
_refine.ls_goodness_of_fit_gt                    ? 
_refine.ls_goodness_of_fit_ref                   ? 
_refine.ls_shift_over_su_max                     ? 
_refine.ls_shift_over_su_max_lt                  ? 
_refine.ls_shift_over_su_mean                    ? 
_refine.ls_shift_over_su_mean_lt                 ? 
_refine.pdbx_ls_sigma_I                          ? 
_refine.pdbx_ls_sigma_F                          13.58 
_refine.pdbx_ls_sigma_Fsqd                       ? 
_refine.pdbx_data_cutoff_high_absF               ? 
_refine.pdbx_data_cutoff_high_rms_absF           ? 
_refine.pdbx_data_cutoff_low_absF                ? 
_refine.pdbx_isotropic_thermal_model             ? 
_refine.pdbx_ls_cross_valid_method               'FREE R-VALUE' 
_refine.pdbx_method_to_determine_struct          'MOLECULAR REPLACEMENT' 
_refine.pdbx_starting_model                      ? 
_refine.pdbx_stereochemistry_target_values       'GeoStd + Monomer Library + CDL v1.2' 
_refine.pdbx_R_Free_selection_details            ? 
_refine.pdbx_stereochem_target_val_spec_case     ? 
_refine.pdbx_overall_ESU_R                       ? 
_refine.pdbx_overall_ESU_R_Free                  ? 
_refine.pdbx_solvent_vdw_probe_radii             1.1100 
_refine.pdbx_solvent_ion_probe_radii             ? 
_refine.pdbx_solvent_shrinkage_radii             0.9000 
_refine.pdbx_real_space_R                        ? 
_refine.pdbx_density_correlation                 ? 
_refine.pdbx_pd_number_of_powder_patterns        ? 
_refine.pdbx_pd_number_of_points                 ? 
_refine.pdbx_pd_meas_number_of_points            ? 
_refine.pdbx_pd_proc_ls_prof_R_factor            ? 
_refine.pdbx_pd_proc_ls_prof_wR_factor           ? 
_refine.pdbx_pd_Marquardt_correlation_coeff      ? 
_refine.pdbx_pd_Fsqrd_R_factor                   ? 
_refine.pdbx_pd_ls_matrix_band_width             ? 
_refine.pdbx_overall_phase_error                 27.5019 
_refine.pdbx_overall_SU_R_free_Cruickshank_DPI   ? 
_refine.pdbx_overall_SU_R_free_Blow_DPI          ? 
_refine.pdbx_overall_SU_R_Blow_DPI               ? 
_refine.pdbx_TLS_residual_ADP_flag               ? 
_refine.pdbx_diffrn_id                           1 
_refine.overall_SU_B                             ? 
_refine.overall_SU_ML                            ? 
_refine.overall_SU_R_Cruickshank_DPI             ? 
_refine.overall_SU_R_free                        ? 
_refine.overall_FOM_free_R_set                   ? 
_refine.overall_FOM_work_R_set                   ? 
_refine.pdbx_average_fsc_overall                 ? 
_refine.pdbx_average_fsc_work                    ? 
_refine.pdbx_average_fsc_free                    ? 
# 
_refine_hist.pdbx_refine_id                   'X-RAY DIFFRACTION' 
_refine_hist.cycle_id                         LAST 
_refine_hist.details                          ? 
_refine_hist.d_res_high                       1.19 
_refine_hist.d_res_low                        25.25 
_refine_hist.number_atoms_solvent             7 
_refine_hist.number_atoms_total               351 
_refine_hist.number_reflns_all                ? 
_refine_hist.number_reflns_obs                ? 
_refine_hist.number_reflns_R_free             ? 
_refine_hist.number_reflns_R_work             ? 
_refine_hist.R_factor_all                     ? 
_refine_hist.R_factor_obs                     ? 
_refine_hist.R_factor_R_free                  ? 
_refine_hist.R_factor_R_work                  ? 
_refine_hist.pdbx_number_residues_total       ? 
_refine_hist.pdbx_B_iso_mean_ligand           ? 
_refine_hist.pdbx_B_iso_mean_solvent          ? 
_refine_hist.pdbx_number_atoms_protein        236 
_refine_hist.pdbx_number_atoms_nucleic_acid   0 
_refine_hist.pdbx_number_atoms_ligand         108 
_refine_hist.pdbx_number_atoms_lipid          ? 
_refine_hist.pdbx_number_atoms_carb           ? 
_refine_hist.pdbx_pseudo_atom_details         ? 
# 
loop_
_refine_ls_restr.pdbx_refine_id 
_refine_ls_restr.criterion 
_refine_ls_restr.dev_ideal 
_refine_ls_restr.dev_ideal_target 
_refine_ls_restr.number 
_refine_ls_restr.rejects 
_refine_ls_restr.type 
_refine_ls_restr.weight 
_refine_ls_restr.pdbx_restraint_function 
'X-RAY DIFFRACTION' ? 0.0097  ? 351 ? f_bond_d           ? ? 
'X-RAY DIFFRACTION' ? 1.7418  ? 487 ? f_angle_d          ? ? 
'X-RAY DIFFRACTION' ? 0.0600  ? 37  ? f_chiral_restr     ? ? 
'X-RAY DIFFRACTION' ? 0.0063  ? 54  ? f_plane_restr      ? ? 
'X-RAY DIFFRACTION' ? 33.4121 ? 58  ? f_dihedral_angle_d ? ? 
# 
loop_
_refine_ls_shell.pdbx_refine_id 
_refine_ls_shell.d_res_high 
_refine_ls_shell.d_res_low 
_refine_ls_shell.number_reflns_all 
_refine_ls_shell.number_reflns_obs 
_refine_ls_shell.number_reflns_R_free 
_refine_ls_shell.number_reflns_R_work 
_refine_ls_shell.percent_reflns_obs 
_refine_ls_shell.percent_reflns_R_free 
_refine_ls_shell.R_factor_all 
_refine_ls_shell.R_factor_obs 
_refine_ls_shell.R_factor_R_free_error 
_refine_ls_shell.R_factor_R_work 
_refine_ls_shell.redundancy_reflns_all 
_refine_ls_shell.redundancy_reflns_obs 
_refine_ls_shell.wR_factor_all 
_refine_ls_shell.wR_factor_obs 
_refine_ls_shell.wR_factor_R_free 
_refine_ls_shell.wR_factor_R_work 
_refine_ls_shell.pdbx_R_complete 
_refine_ls_shell.pdbx_total_number_of_bins_used 
_refine_ls_shell.pdbx_phase_error 
_refine_ls_shell.pdbx_fsc_work 
_refine_ls_shell.pdbx_fsc_free 
_refine_ls_shell.R_factor_R_free 
'X-RAY DIFFRACTION' 1.19 1.23  . . 139 1381 82.50 . . . . 0.2436 . . . . . . . . . . . 0.2637 
'X-RAY DIFFRACTION' 1.23 1.27  . . 158 1423 81.31 . . . . 0.2066 . . . . . . . . . . . 0.3032 
'X-RAY DIFFRACTION' 1.27 1.32  . . 118 1213 78.87 . . . . 0.1970 . . . . . . . . . . . 0.2605 
'X-RAY DIFFRACTION' 1.32 1.38  . . 161 1329 79.39 . . . . 0.2169 . . . . . . . . . . . 0.2473 
'X-RAY DIFFRACTION' 1.38 1.46  . . 166 1363 77.62 . . . . 0.2077 . . . . . . . . . . . 0.2719 
'X-RAY DIFFRACTION' 1.46 1.55  . . 138 1188 75.29 . . . . 0.2033 . . . . . . . . . . . 0.2230 
'X-RAY DIFFRACTION' 1.55 1.67  . . 139 1220 73.67 . . . . 0.1922 . . . . . . . . . . . 0.3506 
'X-RAY DIFFRACTION' 1.67 1.83  . . 151 1405 81.50 . . . . 0.1777 . . . . . . . . . . . 0.2964 
'X-RAY DIFFRACTION' 1.84 2.10  . . 137 1329 80.06 . . . . 0.1437 . . . . . . . . . . . 0.1891 
'X-RAY DIFFRACTION' 2.10 2.65  . . 144 1284 77.72 . . . . 0.1228 . . . . . . . . . . . 0.1882 
'X-RAY DIFFRACTION' 2.65 25.25 . . 142 1242 75.09 . . . . 0.1210 . . . . . . . . . . . 0.2125 
# 
_struct.entry_id                     8GJ7 
_struct.title                        'Porous framework formed by assembly of a bipyridyl-conjugated helical peptide' 
_struct.pdbx_model_details           ? 
_struct.pdbx_formula_weight          ? 
_struct.pdbx_formula_weight_method   ? 
_struct.pdbx_model_type_details      ? 
_struct.pdbx_CASP_flag               N 
# 
_struct_keywords.entry_id        8GJ7 
_struct_keywords.text            'DE NOVO PROTEIN' 
_struct_keywords.pdbx_keywords   'DE NOVO PROTEIN' 
# 
loop_
_struct_asym.id 
_struct_asym.pdbx_blank_PDB_chainid_flag 
_struct_asym.pdbx_modified 
_struct_asym.entity_id 
_struct_asym.details 
A N N 1 ? 
B N N 1 ? 
C N N 1 ? 
D N N 1 ? 
E N N 2 ? 
F N N 2 ? 
G N N 2 ? 
# 
_struct_ref.id                         1 
_struct_ref.db_name                    PDB 
_struct_ref.db_code                    8GJ7 
_struct_ref.pdbx_db_accession          8GJ7 
_struct_ref.pdbx_db_isoform            ? 
_struct_ref.entity_id                  2 
_struct_ref.pdbx_seq_one_letter_code   ? 
_struct_ref.pdbx_align_begin           1 
# 
loop_
_struct_ref_seq.align_id 
_struct_ref_seq.ref_id 
_struct_ref_seq.pdbx_PDB_id_code 
_struct_ref_seq.pdbx_strand_id 
_struct_ref_seq.seq_align_beg 
_struct_ref_seq.pdbx_seq_align_beg_ins_code 
_struct_ref_seq.seq_align_end 
_struct_ref_seq.pdbx_seq_align_end_ins_code 
_struct_ref_seq.pdbx_db_accession 
_struct_ref_seq.db_align_beg 
_struct_ref_seq.pdbx_db_align_beg_ins_code 
_struct_ref_seq.db_align_end 
_struct_ref_seq.pdbx_db_align_end_ins_code 
_struct_ref_seq.pdbx_auth_seq_align_beg 
_struct_ref_seq.pdbx_auth_seq_align_end 
1 1 8GJ7 A 2 ? 10 ? 8GJ7 2 ? 10 ? 2 10 
2 1 8GJ7 B 2 ? 10 ? 8GJ7 2 ? 10 ? 2 10 
3 1 8GJ7 C 2 ? 10 ? 8GJ7 2 ? 10 ? 2 10 
4 1 8GJ7 D 2 ? 10 ? 8GJ7 2 ? 10 ? 2 10 
# 
_pdbx_struct_assembly.id                   1 
_pdbx_struct_assembly.details              author_defined_assembly 
_pdbx_struct_assembly.method_details       ? 
_pdbx_struct_assembly.oligomeric_details   tetrameric 
_pdbx_struct_assembly.oligomeric_count     4 
# 
_pdbx_struct_assembly_gen.assembly_id       1 
_pdbx_struct_assembly_gen.oper_expression   1 
_pdbx_struct_assembly_gen.asym_id_list      A,B,C,D,E,F,G 
# 
_pdbx_struct_assembly_auth_evidence.id                     1 
_pdbx_struct_assembly_auth_evidence.assembly_id            1 
_pdbx_struct_assembly_auth_evidence.experimental_support   none 
_pdbx_struct_assembly_auth_evidence.details                ? 
# 
_pdbx_struct_oper_list.id                   1 
_pdbx_struct_oper_list.type                 'identity operation' 
_pdbx_struct_oper_list.name                 1_555 
_pdbx_struct_oper_list.symmetry_operation   x,y,z 
_pdbx_struct_oper_list.matrix[1][1]         1.0000000000 
_pdbx_struct_oper_list.matrix[1][2]         0.0000000000 
_pdbx_struct_oper_list.matrix[1][3]         0.0000000000 
_pdbx_struct_oper_list.vector[1]            0.0000000000 
_pdbx_struct_oper_list.matrix[2][1]         0.0000000000 
_pdbx_struct_oper_list.matrix[2][2]         1.0000000000 
_pdbx_struct_oper_list.matrix[2][3]         0.0000000000 
_pdbx_struct_oper_list.vector[2]            0.0000000000 
_pdbx_struct_oper_list.matrix[3][1]         0.0000000000 
_pdbx_struct_oper_list.matrix[3][2]         0.0000000000 
_pdbx_struct_oper_list.matrix[3][3]         1.0000000000 
_pdbx_struct_oper_list.vector[3]            0.0000000000 
# 
loop_
_struct_conf.conf_type_id 
_struct_conf.id 
_struct_conf.pdbx_PDB_helix_id 
_struct_conf.beg_label_comp_id 
_struct_conf.beg_label_asym_id 
_struct_conf.beg_label_seq_id 
_struct_conf.pdbx_beg_PDB_ins_code 
_struct_conf.end_label_comp_id 
_struct_conf.end_label_asym_id 
_struct_conf.end_label_seq_id 
_struct_conf.pdbx_end_PDB_ins_code 
_struct_conf.beg_auth_comp_id 
_struct_conf.beg_auth_asym_id 
_struct_conf.beg_auth_seq_id 
_struct_conf.end_auth_comp_id 
_struct_conf.end_auth_asym_id 
_struct_conf.end_auth_seq_id 
_struct_conf.pdbx_PDB_helix_class 
_struct_conf.details 
_struct_conf.pdbx_PDB_helix_length 
HELX_P HELX_P1 AA1 AIB A 3 ? LEU A 10 ? AIB A 3 LEU A 10 1 ? 8 
HELX_P HELX_P2 AA2 AIB B 3 ? LEU B 10 ? AIB B 3 LEU B 10 1 ? 8 
HELX_P HELX_P3 AA3 AIB C 3 ? LEU C 10 ? AIB C 3 LEU C 10 1 ? 8 
HELX_P HELX_P4 AA4 AIB D 3 ? LEU D 10 ? AIB D 3 LEU D 10 1 ? 8 
# 
_struct_conf_type.id          HELX_P 
_struct_conf_type.criteria    ? 
_struct_conf_type.reference   ? 
# 
loop_
_struct_conn.id 
_struct_conn.conn_type_id 
_struct_conn.pdbx_leaving_atom_flag 
_struct_conn.pdbx_PDB_id 
_struct_conn.ptnr1_label_asym_id 
_struct_conn.ptnr1_label_comp_id 
_struct_conn.ptnr1_label_seq_id 
_struct_conn.ptnr1_label_atom_id 
_struct_conn.pdbx_ptnr1_label_alt_id 
_struct_conn.pdbx_ptnr1_PDB_ins_code 
_struct_conn.pdbx_ptnr1_standard_comp_id 
_struct_conn.ptnr1_symmetry 
_struct_conn.ptnr2_label_asym_id 
_struct_conn.ptnr2_label_comp_id 
_struct_conn.ptnr2_label_seq_id 
_struct_conn.ptnr2_label_atom_id 
_struct_conn.pdbx_ptnr2_label_alt_id 
_struct_conn.pdbx_ptnr2_PDB_ins_code 
_struct_conn.ptnr1_auth_asym_id 
_struct_conn.ptnr1_auth_comp_id 
_struct_conn.ptnr1_auth_seq_id 
_struct_conn.ptnr2_auth_asym_id 
_struct_conn.ptnr2_auth_comp_id 
_struct_conn.ptnr2_auth_seq_id 
_struct_conn.ptnr2_symmetry 
_struct_conn.pdbx_ptnr3_label_atom_id 
_struct_conn.pdbx_ptnr3_label_seq_id 
_struct_conn.pdbx_ptnr3_label_comp_id 
_struct_conn.pdbx_ptnr3_label_asym_id 
_struct_conn.pdbx_ptnr3_label_alt_id 
_struct_conn.pdbx_ptnr3_PDB_ins_code 
_struct_conn.details 
_struct_conn.pdbx_dist_value 
_struct_conn.pdbx_value_order 
_struct_conn.pdbx_role 
covale1  covale one  ? A NIO 1  C6 ? ? ? 1_555 A LEU 2  N   ? ? A NIO 1  A LEU 2  1_555 ? ? ? ? ? ? ? 1.424 ? ? 
covale2  covale both ? A LEU 2  C  ? ? ? 1_555 A AIB 3  N   ? ? A LEU 2  A AIB 3  1_555 ? ? ? ? ? ? ? 1.326 ? ? 
covale3  covale both ? A AIB 3  C  ? ? ? 1_555 A ALA 4  N   ? ? A AIB 3  A ALA 4  1_555 ? ? ? ? ? ? ? 1.327 ? ? 
covale4  covale both ? A LEU 6  C  ? ? ? 1_555 A AIB 7  N   ? ? A LEU 6  A AIB 7  1_555 ? ? ? ? ? ? ? 1.322 ? ? 
covale5  covale both ? A AIB 7  C  ? ? ? 1_555 A CYS 8  N   ? ? A AIB 7  A CYS 8  1_555 ? ? ? ? ? ? ? 1.325 ? ? 
covale6  covale both ? A CYS 8  C  ? ? ? 1_555 A AIB 9  N   ? ? A CYS 8  A AIB 9  1_555 ? ? ? ? ? ? ? 1.330 ? ? 
covale7  covale both ? A AIB 9  C  ? ? ? 1_555 A LEU 10 N   ? ? A AIB 9  A LEU 10 1_555 ? ? ? ? ? ? ? 1.330 ? ? 
covale8  covale one  ? A LEU 10 C  ? ? ? 1_555 A I77 11 N15 ? ? A LEU 10 A I77 11 1_555 ? ? ? ? ? ? ? 1.427 ? ? 
covale9  covale one  ? B NIO 1  C6 ? ? ? 1_555 B LEU 2  N   ? ? B NIO 1  B LEU 2  1_555 ? ? ? ? ? ? ? 1.424 ? ? 
covale10 covale both ? B LEU 2  C  ? ? ? 1_555 B AIB 3  N   ? ? B LEU 2  B AIB 3  1_555 ? ? ? ? ? ? ? 1.335 ? ? 
covale11 covale both ? B AIB 3  C  ? ? ? 1_555 B ALA 4  N   ? ? B AIB 3  B ALA 4  1_555 ? ? ? ? ? ? ? 1.329 ? ? 
covale12 covale both ? B LEU 6  C  ? ? ? 1_555 B AIB 7  N   ? ? B LEU 6  B AIB 7  1_555 ? ? ? ? ? ? ? 1.325 ? ? 
covale13 covale both ? B AIB 7  C  ? ? ? 1_555 B CYS 8  N   ? ? B AIB 7  B CYS 8  1_555 ? ? ? ? ? ? ? 1.323 ? ? 
covale14 covale both ? B CYS 8  C  ? ? ? 1_555 B AIB 9  N   ? ? B CYS 8  B AIB 9  1_555 ? ? ? ? ? ? ? 1.331 ? ? 
covale15 covale both ? B AIB 9  C  ? ? ? 1_555 B LEU 10 N   ? ? B AIB 9  B LEU 10 1_555 ? ? ? ? ? ? ? 1.321 ? ? 
covale16 covale one  ? B LEU 10 C  ? ? ? 1_555 B I77 11 N15 ? ? B LEU 10 B I77 11 1_555 ? ? ? ? ? ? ? 1.430 ? ? 
covale17 covale one  ? C NIO 1  C6 ? ? ? 1_555 C LEU 2  N   ? ? C NIO 1  C LEU 2  1_555 ? ? ? ? ? ? ? 1.421 ? ? 
covale18 covale both ? C LEU 2  C  ? ? ? 1_555 C AIB 3  N   ? ? C LEU 2  C AIB 3  1_555 ? ? ? ? ? ? ? 1.334 ? ? 
covale19 covale both ? C AIB 3  C  ? ? ? 1_555 C ALA 4  N   ? ? C AIB 3  C ALA 4  1_555 ? ? ? ? ? ? ? 1.331 ? ? 
covale20 covale both ? C LEU 6  C  ? ? ? 1_555 C AIB 7  N   ? ? C LEU 6  C AIB 7  1_555 ? ? ? ? ? ? ? 1.326 ? ? 
covale21 covale both ? C AIB 7  C  ? ? ? 1_555 C CYS 8  N   ? ? C AIB 7  C CYS 8  1_555 ? ? ? ? ? ? ? 1.321 ? ? 
covale22 covale both ? C CYS 8  C  ? ? ? 1_555 C AIB 9  N   ? ? C CYS 8  C AIB 9  1_555 ? ? ? ? ? ? ? 1.330 ? ? 
covale23 covale both ? C AIB 9  C  ? ? ? 1_555 C LEU 10 N   ? ? C AIB 9  C LEU 10 1_555 ? ? ? ? ? ? ? 1.329 ? ? 
covale24 covale one  ? C LEU 10 C  ? ? ? 1_555 C I77 11 N15 ? ? C LEU 10 C I77 11 1_555 ? ? ? ? ? ? ? 1.430 ? ? 
covale25 covale one  ? D NIO 1  C6 ? ? ? 1_555 D LEU 2  N   ? ? D NIO 1  D LEU 2  1_555 ? ? ? ? ? ? ? 1.425 ? ? 
covale26 covale both ? D LEU 2  C  ? ? ? 1_555 D AIB 3  N   ? ? D LEU 2  D AIB 3  1_555 ? ? ? ? ? ? ? 1.320 ? ? 
covale27 covale both ? D AIB 3  C  ? ? ? 1_555 D ALA 4  N   ? ? D AIB 3  D ALA 4  1_555 ? ? ? ? ? ? ? 1.328 ? ? 
covale28 covale both ? D LEU 6  C  ? ? ? 1_555 D AIB 7  N   ? ? D LEU 6  D AIB 7  1_555 ? ? ? ? ? ? ? 1.325 ? ? 
covale29 covale both ? D AIB 7  C  ? ? ? 1_555 D CYS 8  N   ? ? D AIB 7  D CYS 8  1_555 ? ? ? ? ? ? ? 1.333 ? ? 
covale30 covale both ? D CYS 8  C  ? ? ? 1_555 D AIB 9  N   ? ? D CYS 8  D AIB 9  1_555 ? ? ? ? ? ? ? 1.324 ? ? 
covale31 covale both ? D AIB 9  C  ? ? ? 1_555 D LEU 10 N   ? ? D AIB 9  D LEU 10 1_555 ? ? ? ? ? ? ? 1.335 ? ? 
covale32 covale one  ? D LEU 10 C  ? ? ? 1_555 D I77 11 N15 ? ? D LEU 10 D I77 11 1_555 ? ? ? ? ? ? ? 1.428 ? ? 
# 
_struct_conn_type.id          covale 
_struct_conn_type.criteria    ? 
_struct_conn_type.reference   ? 
# 
_pdbx_entry_details.entry_id                   8GJ7 
_pdbx_entry_details.has_ligand_of_interest     N 
_pdbx_entry_details.compound_details           ? 
_pdbx_entry_details.source_details             ? 
_pdbx_entry_details.nonpolymer_details         ? 
_pdbx_entry_details.sequence_details           ? 
_pdbx_entry_details.has_protein_modification   ? 
# 
_space_group_symop.id              1 
_space_group_symop.operation_xyz   x,y,z 
# 
loop_
_chem_comp_atom.comp_id 
_chem_comp_atom.atom_id 
_chem_comp_atom.type_symbol 
_chem_comp_atom.pdbx_aromatic_flag 
_chem_comp_atom.pdbx_stereo_config 
_chem_comp_atom.pdbx_ordinal 
AIB N    N N N 1   
AIB CA   C N N 2   
AIB C    C N N 3   
AIB O    O N N 4   
AIB OXT  O N N 5   
AIB CB1  C N N 6   
AIB CB2  C N N 7   
AIB H    H N N 8   
AIB H2   H N N 9   
AIB HXT  H N N 10  
AIB HB11 H N N 11  
AIB HB12 H N N 12  
AIB HB13 H N N 13  
AIB HB21 H N N 14  
AIB HB22 H N N 15  
AIB HB23 H N N 16  
ALA N    N N N 17  
ALA CA   C N S 18  
ALA C    C N N 19  
ALA O    O N N 20  
ALA CB   C N N 21  
ALA OXT  O N N 22  
ALA H    H N N 23  
ALA H2   H N N 24  
ALA HA   H N N 25  
ALA HB1  H N N 26  
ALA HB2  H N N 27  
ALA HB3  H N N 28  
ALA HXT  H N N 29  
CYS N    N N N 30  
CYS CA   C N R 31  
CYS C    C N N 32  
CYS O    O N N 33  
CYS CB   C N N 34  
CYS SG   S N N 35  
CYS OXT  O N N 36  
CYS H    H N N 37  
CYS H2   H N N 38  
CYS HA   H N N 39  
CYS HB2  H N N 40  
CYS HB3  H N N 41  
CYS HG   H N N 42  
CYS HXT  H N N 43  
HOH O    O N N 44  
HOH H1   H N N 45  
HOH H2   H N N 46  
I77 C11  C Y N 47  
I77 C12  C Y N 48  
I77 C13  C N N 49  
I77 C17  C Y N 50  
I77 C18  C Y N 51  
I77 C02  C N N 52  
I77 C03  C Y N 53  
I77 C04  C Y N 54  
I77 C05  C Y N 55  
I77 C06  C Y N 56  
I77 C08  C Y N 57  
I77 C09  C Y N 58  
I77 N01  N N N 59  
I77 N07  N Y N 60  
I77 N10  N Y N 61  
I77 N14  N N N 62  
I77 N15  N N N 63  
I77 O16  O N N 64  
I77 O19  O N N 65  
I77 H111 H N N 66  
I77 H171 H N N 67  
I77 H181 H N N 68  
I77 H041 H N N 69  
I77 H051 H N N 70  
I77 H061 H N N 71  
I77 H011 H N N 72  
I77 H012 H N N 73  
I77 H141 H N N 74  
I77 H1   H N N 75  
I77 H2   H N N 76  
LEU N    N N N 77  
LEU CA   C N S 78  
LEU C    C N N 79  
LEU O    O N N 80  
LEU CB   C N N 81  
LEU CG   C N N 82  
LEU CD1  C N N 83  
LEU CD2  C N N 84  
LEU OXT  O N N 85  
LEU H    H N N 86  
LEU H2   H N N 87  
LEU HA   H N N 88  
LEU HB2  H N N 89  
LEU HB3  H N N 90  
LEU HG   H N N 91  
LEU HD11 H N N 92  
LEU HD12 H N N 93  
LEU HD13 H N N 94  
LEU HD21 H N N 95  
LEU HD22 H N N 96  
LEU HD23 H N N 97  
LEU HXT  H N N 98  
NIO N    N Y N 99  
NIO C1   C Y N 100 
NIO C2   C Y N 101 
NIO C3   C Y N 102 
NIO C4   C Y N 103 
NIO C5   C Y N 104 
NIO C6   C N N 105 
NIO O1   O N N 106 
NIO O2   O N N 107 
NIO H1   H N N 108 
NIO H3   H N N 109 
NIO H4   H N N 110 
NIO H5   H N N 111 
NIO HO2  H N N 112 
# 
loop_
_chem_comp_bond.comp_id 
_chem_comp_bond.atom_id_1 
_chem_comp_bond.atom_id_2 
_chem_comp_bond.value_order 
_chem_comp_bond.pdbx_aromatic_flag 
_chem_comp_bond.pdbx_stereo_config 
_chem_comp_bond.pdbx_ordinal 
AIB N   CA   sing N N 1   
AIB N   H    sing N N 2   
AIB N   H2   sing N N 3   
AIB CA  C    sing N N 4   
AIB CA  CB1  sing N N 5   
AIB CA  CB2  sing N N 6   
AIB C   O    doub N N 7   
AIB C   OXT  sing N N 8   
AIB OXT HXT  sing N N 9   
AIB CB1 HB11 sing N N 10  
AIB CB1 HB12 sing N N 11  
AIB CB1 HB13 sing N N 12  
AIB CB2 HB21 sing N N 13  
AIB CB2 HB22 sing N N 14  
AIB CB2 HB23 sing N N 15  
ALA N   CA   sing N N 16  
ALA N   H    sing N N 17  
ALA N   H2   sing N N 18  
ALA CA  C    sing N N 19  
ALA CA  CB   sing N N 20  
ALA CA  HA   sing N N 21  
ALA C   O    doub N N 22  
ALA C   OXT  sing N N 23  
ALA CB  HB1  sing N N 24  
ALA CB  HB2  sing N N 25  
ALA CB  HB3  sing N N 26  
ALA OXT HXT  sing N N 27  
CYS N   CA   sing N N 28  
CYS N   H    sing N N 29  
CYS N   H2   sing N N 30  
CYS CA  C    sing N N 31  
CYS CA  CB   sing N N 32  
CYS CA  HA   sing N N 33  
CYS C   O    doub N N 34  
CYS C   OXT  sing N N 35  
CYS CB  SG   sing N N 36  
CYS CB  HB2  sing N N 37  
CYS CB  HB3  sing N N 38  
CYS SG  HG   sing N N 39  
CYS OXT HXT  sing N N 40  
HOH O   H1   sing N N 41  
HOH O   H2   sing N N 42  
I77 N15 N14  sing N N 43  
I77 O16 C13  doub N N 44  
I77 N14 C13  sing N N 45  
I77 C13 C12  sing N N 46  
I77 C12 C17  doub Y N 47  
I77 C12 C11  sing Y N 48  
I77 C17 C18  sing Y N 49  
I77 C11 N10  doub Y N 50  
I77 C18 C09  doub Y N 51  
I77 N10 C09  sing Y N 52  
I77 C09 C08  sing N N 53  
I77 C08 N07  doub Y N 54  
I77 C08 C05  sing Y N 55  
I77 N07 C06  sing Y N 56  
I77 C05 C04  doub Y N 57  
I77 C06 C03  doub Y N 58  
I77 C04 C03  sing Y N 59  
I77 C03 C02  sing N N 60  
I77 C02 N01  sing N N 61  
I77 C02 O19  doub N N 62  
I77 C11 H111 sing N N 63  
I77 C17 H171 sing N N 64  
I77 C18 H181 sing N N 65  
I77 C04 H041 sing N N 66  
I77 C05 H051 sing N N 67  
I77 C06 H061 sing N N 68  
I77 N01 H011 sing N N 69  
I77 N01 H012 sing N N 70  
I77 N14 H141 sing N N 71  
I77 N15 H1   sing N N 72  
I77 N15 H2   sing N N 73  
LEU N   CA   sing N N 74  
LEU N   H    sing N N 75  
LEU N   H2   sing N N 76  
LEU CA  C    sing N N 77  
LEU CA  CB   sing N N 78  
LEU CA  HA   sing N N 79  
LEU C   O    doub N N 80  
LEU C   OXT  sing N N 81  
LEU CB  CG   sing N N 82  
LEU CB  HB2  sing N N 83  
LEU CB  HB3  sing N N 84  
LEU CG  CD1  sing N N 85  
LEU CG  CD2  sing N N 86  
LEU CG  HG   sing N N 87  
LEU CD1 HD11 sing N N 88  
LEU CD1 HD12 sing N N 89  
LEU CD1 HD13 sing N N 90  
LEU CD2 HD21 sing N N 91  
LEU CD2 HD22 sing N N 92  
LEU CD2 HD23 sing N N 93  
LEU OXT HXT  sing N N 94  
NIO N   C1   doub Y N 95  
NIO N   C5   sing Y N 96  
NIO C1  C2   sing Y N 97  
NIO C1  H1   sing N N 98  
NIO C2  C3   doub Y N 99  
NIO C2  C6   sing N N 100 
NIO C3  C4   sing Y N 101 
NIO C3  H3   sing N N 102 
NIO C4  C5   doub Y N 103 
NIO C4  H4   sing N N 104 
NIO C5  H5   sing N N 105 
NIO C6  O1   doub N N 106 
NIO C6  O2   sing N N 107 
NIO O2  HO2  sing N N 108 
# 
_pdbx_audit_support.funding_organization   'Other private' 
_pdbx_audit_support.country                ? 
_pdbx_audit_support.grant_number           ? 
_pdbx_audit_support.ordinal                1 
# 
_pdbx_initial_refinement_model.id               1 
_pdbx_initial_refinement_model.entity_id_list   ? 
_pdbx_initial_refinement_model.type             other 
_pdbx_initial_refinement_model.source_name      Other 
_pdbx_initial_refinement_model.accession_code   ? 
_pdbx_initial_refinement_model.details          model 
# 
_space_group.name_H-M_alt     'P 1' 
_space_group.name_Hall        'P 1' 
_space_group.IT_number        1 
_space_group.crystal_system   triclinic 
_space_group.id               1 
# 
_atom_sites.entry_id                    8GJ7 
_atom_sites.Cartn_transf_matrix[1][1]   ? 
_atom_sites.Cartn_transf_matrix[1][2]   ? 
_atom_sites.Cartn_transf_matrix[1][3]   ? 
_atom_sites.Cartn_transf_matrix[2][1]   ? 
_atom_sites.Cartn_transf_matrix[2][2]   ? 
_atom_sites.Cartn_transf_matrix[2][3]   ? 
_atom_sites.Cartn_transf_matrix[3][1]   ? 
_atom_sites.Cartn_transf_matrix[3][2]   ? 
_atom_sites.Cartn_transf_matrix[3][3]   ? 
_atom_sites.Cartn_transf_vector[1]      ? 
_atom_sites.Cartn_transf_vector[2]      ? 
_atom_sites.Cartn_transf_vector[3]      ? 
_atom_sites.fract_transf_matrix[1][1]   -0.06786854 
_atom_sites.fract_transf_matrix[1][2]   0.03060119 
_atom_sites.fract_transf_matrix[1][3]   0.08635151 
_atom_sites.fract_transf_matrix[2][1]   -0.03607963 
_atom_sites.fract_transf_matrix[2][2]   0.02880430 
_atom_sites.fract_transf_matrix[2][3]   -0.03855639 
_atom_sites.fract_transf_matrix[3][1]   -0.01052425 
_atom_sites.fract_transf_matrix[3][2]   -0.01658092 
_atom_sites.fract_transf_matrix[3][3]   -0.00254404 
_atom_sites.fract_transf_vector[1]      -0.369288 
_atom_sites.fract_transf_vector[2]      0.289471 
_atom_sites.fract_transf_vector[3]      -0.009823 
_atom_sites.solution_primary            ? 
_atom_sites.solution_secondary          ? 
_atom_sites.solution_hydrogens          ? 
_atom_sites.special_details             ? 
# 
loop_
_atom_type.symbol 
_atom_type.scat_dispersion_real 
_atom_type.scat_dispersion_imag 
_atom_type.scat_Cromer_Mann_a1 
_atom_type.scat_Cromer_Mann_a2 
_atom_type.scat_Cromer_Mann_a3 
_atom_type.scat_Cromer_Mann_a4 
_atom_type.scat_Cromer_Mann_b1 
_atom_type.scat_Cromer_Mann_b2 
_atom_type.scat_Cromer_Mann_b3 
_atom_type.scat_Cromer_Mann_b4 
_atom_type.scat_Cromer_Mann_c 
_atom_type.scat_source 
_atom_type.scat_dispersion_source 
C ? ? 3.54356 2.42580 ? ? 25.62398 1.50364  ? ? 0.0 
;2-Gaussian fit: Grosse-Kunstleve RW, Sauter NK, Adams PD: Newsletter of the IUCr Commission on Crystallographic Computing 2004, 3, 22-31.
;
? 
H ? ? 0.51345 0.48472 ? ? 24.73122 6.32584  ? ? 0.0 
;2-Gaussian fit: Grosse-Kunstleve RW, Sauter NK, Adams PD: Newsletter of the IUCr Commission on Crystallographic Computing 2004, 3, 22-31.
;
? 
N ? ? 4.01032 2.96436 ? ? 19.97189 1.75589  ? ? 0.0 
;2-Gaussian fit: Grosse-Kunstleve RW, Sauter NK, Adams PD: Newsletter of the IUCr Commission on Crystallographic Computing 2004, 3, 22-31.
;
? 
O ? ? 4.49882 3.47563 ? ? 15.80542 1.70748  ? ? 0.0 
;2-Gaussian fit: Grosse-Kunstleve RW, Sauter NK, Adams PD: Newsletter of the IUCr Commission on Crystallographic Computing 2004, 3, 22-31.
;
? 
S ? ? 9.55732 6.39887 ? ? 1.23737  29.19336 ? ? 0.0 
;2-Gaussian fit: Grosse-Kunstleve RW, Sauter NK, Adams PD: Newsletter of the IUCr Commission on Crystallographic Computing 2004, 3, 22-31.
;
? 
# 
loop_
_atom_site.group_PDB 
_atom_site.id 
_atom_site.type_symbol 
_atom_site.label_atom_id 
_atom_site.label_alt_id 
_atom_site.label_comp_id 
_atom_site.label_asym_id 
_atom_site.label_entity_id 
_atom_site.label_seq_id 
_atom_site.pdbx_PDB_ins_code 
_atom_site.Cartn_x 
_atom_site.Cartn_y 
_atom_site.Cartn_z 
_atom_site.occupancy 
_atom_site.B_iso_or_equiv 
_atom_site.pdbx_formal_charge 
_atom_site.auth_seq_id 
_atom_site.auth_comp_id 
_atom_site.auth_asym_id 
_atom_site.auth_atom_id 
_atom_site.pdbx_PDB_model_num 
HETATM 1   N N    . NIO A 1 1  ? -3.48870  10.01786  -10.90952 1.000 11.72740 ? 1   NIO A N    1 
HETATM 2   C C1   . NIO A 1 1  ? -2.65327  10.53262  -9.99227  1.000 11.23123 ? 1   NIO A C1   1 
HETATM 3   C C2   . NIO A 1 1  ? -2.65185  10.15700  -8.65657  1.000 8.52159  ? 1   NIO A C2   1 
HETATM 4   C C3   . NIO A 1 1  ? -3.58900  9.21946   -8.25495  1.000 8.63700  ? 1   NIO A C3   1 
HETATM 5   C C4   . NIO A 1 1  ? -4.46601  8.68941   -9.18217  1.000 10.24177 ? 1   NIO A C4   1 
HETATM 6   C C5   . NIO A 1 1  ? -4.37492  9.11666   -10.49171 1.000 8.36101  ? 1   NIO A C5   1 
HETATM 7   C C6   . NIO A 1 1  ? -1.69140  10.75288  -7.69179  1.000 9.45749  ? 1   NIO A C6   1 
HETATM 8   O O2   . NIO A 1 1  ? -0.87276  9.90566   -7.11065  1.000 8.43820  ? 1   NIO A O2   1 
HETATM 9   H H1   . NIO A 1 1  ? -2.04166  11.17675  -10.26785 1.000 13.51750 ? 1   NIO A H1   1 
HETATM 10  H H3   . NIO A 1 1  ? -3.62783  8.94818   -7.36624  1.000 10.40442 ? 1   NIO A H3   1 
HETATM 11  H H4   . NIO A 1 1  ? -5.10239  8.05989   -8.92996  1.000 12.33015 ? 1   NIO A H4   1 
HETATM 12  H H5   . NIO A 1 1  ? -4.96361  8.75593   -11.11477 1.000 10.07323 ? 1   NIO A H5   1 
ATOM   13  N N    . LEU A 1 2  ? -1.10106  11.99347  -8.06712  1.000 6.12209  ? 2   LEU A N    1 
ATOM   14  C CA   . LEU A 1 2  ? -0.09506  12.56441  -7.19819  1.000 10.22171 ? 2   LEU A CA   1 
ATOM   15  C C    . LEU A 1 2  ? -0.30887  12.29985  -5.71457  1.000 8.89455  ? 2   LEU A C    1 
ATOM   16  O O    . LEU A 1 2  ? 0.63159   11.89150  -5.00531  1.000 8.84960  ? 2   LEU A O    1 
ATOM   17  C CB   . LEU A 1 2  ? -0.03343  14.06464  -7.42699  1.000 9.63321  ? 2   LEU A CB   1 
ATOM   18  C CG   . LEU A 1 2  ? 0.62385   14.42406  -8.76159  1.000 8.11618  ? 2   LEU A CG   1 
ATOM   19  C CD1  . LEU A 1 2  ? 0.20703   15.83179  -9.23306  1.000 11.82354 ? 2   LEU A CD1  1 
ATOM   20  C CD2  . LEU A 1 2  ? 2.17547   14.27555  -8.66522  1.000 11.32221 ? 2   LEU A CD2  1 
ATOM   21  H HA   . LEU A 1 2  ? 0.74738   12.13924  -7.42271  1.000 12.30608 ? 2   LEU A HA   1 
ATOM   22  H HB2  . LEU A 1 2  ? -0.93521  14.42199  -7.42786  1.000 11.59988 ? 2   LEU A HB2  1 
ATOM   23  H HB3  . LEU A 1 2  ? 0.48430   14.47234  -6.71521  1.000 11.59988 ? 2   LEU A HB3  1 
ATOM   24  H HG   . LEU A 1 2  ? 0.31506   13.80454  -9.44111  1.000 9.77944  ? 2   LEU A HG   1 
ATOM   25  H HD11 . LEU A 1 2  ? 0.52867   16.48693  -8.59413  1.000 14.22827 ? 2   LEU A HD11 1 
ATOM   26  H HD12 . LEU A 1 2  ? 0.59679   16.00108  -10.10502 1.000 14.22827 ? 2   LEU A HD12 1 
ATOM   27  H HD13 . LEU A 1 2  ? -0.76046  15.87226  -9.28970  1.000 14.22827 ? 2   LEU A HD13 1 
ATOM   28  H HD21 . LEU A 1 2  ? 2.50322   14.84305  -7.95008  1.000 13.62668 ? 2   LEU A HD21 1 
ATOM   29  H HD22 . LEU A 1 2  ? 2.39302   13.34893  -8.47828  1.000 13.62668 ? 2   LEU A HD22 1 
ATOM   30  H HD23 . LEU A 1 2  ? 2.57147   14.54458  -9.50885  1.000 13.62668 ? 2   LEU A HD23 1 
HETATM 31  N N    . AIB A 1 3  ? -1.51452  12.55296  -5.22438  1.000 7.21675  ? 3   AIB A N    1 
HETATM 32  C CA   . AIB A 1 3  ? -1.81563  12.37220  -3.81871  1.000 7.36119  ? 3   AIB A CA   1 
HETATM 33  C C    . AIB A 1 3  ? -1.49661  10.95195  -3.33291  1.000 6.42050  ? 3   AIB A C    1 
HETATM 34  O O    . AIB A 1 3  ? -0.88051  10.66982  -2.28846  1.000 7.38568  ? 3   AIB A O    1 
HETATM 35  C CB1  . AIB A 1 3  ? -0.97998  13.37709  -3.00829  1.000 7.55894  ? 3   AIB A CB1  1 
HETATM 36  C CB2  . AIB A 1 3  ? -3.29861  12.62859  -3.49280  1.000 7.84115  ? 3   AIB A CB2  1 
HETATM 37  H H    . AIB A 1 3  ? -2.17538  13.17653  -5.64440  1.000 8.70012  ? 3   AIB A H    1 
HETATM 38  H HB11 . AIB A 1 3  ? 0.00591   12.92341  -2.74814  1.000 9.11075  ? 3   AIB A HB11 1 
HETATM 39  H HB12 . AIB A 1 3  ? -0.81187  14.30036  -3.61222  1.000 9.11075  ? 3   AIB A HB12 1 
HETATM 40  H HB13 . AIB A 1 3  ? -1.52040  13.64530  -2.06942  1.000 9.11075  ? 3   AIB A HB13 1 
HETATM 41  H HB21 . AIB A 1 3  ? -3.87756  12.68302  -4.44650  1.000 9.44941  ? 3   AIB A HB21 1 
HETATM 42  H HB22 . AIB A 1 3  ? -3.68357  11.79093  -2.86207  1.000 9.44941  ? 3   AIB A HB22 1 
HETATM 43  H HB23 . AIB A 1 3  ? -3.38859  13.59401  -2.93822  1.000 9.44941  ? 3   AIB A HB23 1 
ATOM   44  N N    . ALA A 1 4  ? -1.92505  10.00496  -4.15722  1.000 7.26510  ? 4   ALA A N    1 
ATOM   45  C CA   . ALA A 1 4  ? -1.72379  8.59026   -3.86822  1.000 7.09901  ? 4   ALA A CA   1 
ATOM   46  C C    . ALA A 1 4  ? -0.25092  8.19283   -3.94445  1.000 7.66894  ? 4   ALA A C    1 
ATOM   47  O O    . ALA A 1 4  ? 0.20208   7.30532   -3.21740  1.000 6.63485  ? 4   ALA A O    1 
ATOM   48  C CB   . ALA A 1 4  ? -2.52995  7.74606   -4.82151  1.000 10.02813 ? 4   ALA A CB   1 
ATOM   49  H H    . ALA A 1 4  ? -2.33833  10.15598  -4.89614  1.000 8.75814  ? 4   ALA A H    1 
ATOM   50  H HA   . ALA A 1 4  ? -2.02702  8.42159   -2.96240  1.000 8.55884  ? 4   ALA A HA   1 
ATOM   51  H HB1  . ALA A 1 4  ? -3.04546  8.32875   -5.40084  1.000 12.07378 ? 4   ALA A HB1  1 
ATOM   52  H HB2  . ALA A 1 4  ? -1.92534  7.20340   -5.35150  1.000 12.07378 ? 4   ALA A HB2  1 
ATOM   53  H HB3  . ALA A 1 4  ? -3.12580  7.17534   -4.31148  1.000 12.07378 ? 4   ALA A HB3  1 
ATOM   54  N N    . CYS A 1 5  ? 0.49235   8.83870   -4.84340  1.000 7.82919  ? 5   CYS A N    1 
ATOM   55  C CA   . CYS A 1 5  ? 1.92710   8.60810   -4.92943  1.000 7.08049  ? 5   CYS A CA   1 
ATOM   56  C C    . CYS A 1 5  ? 2.62217   8.96697   -3.61659  1.000 7.52954  ? 5   CYS A C    1 
ATOM   57  O O    . CYS A 1 5  ? 3.44950   8.20018   -3.10812  1.000 5.99901  ? 5   CYS A O    1 
ATOM   58  C CB   . CYS A 1 5  ? 2.48570   9.42281   -6.09893  1.000 11.56076 ? 5   CYS A CB   1 
ATOM   59  S SG   . CYS A 1 5  ? 4.23205   9.78075   -5.99439  1.000 14.51970 ? 5   CYS A SG   1 
ATOM   60  H H    . CYS A 1 5  ? 0.19000   9.41087   -5.40980  1.000 9.43505  ? 5   CYS A H    1 
ATOM   61  H HA   . CYS A 1 5  ? 2.10189   7.66883   -5.09709  1.000 8.53661  ? 5   CYS A HA   1 
ATOM   62  H HB2  . CYS A 1 5  ? 2.33815   8.92564   -6.91866  1.000 13.91293 ? 5   CYS A HB2  1 
ATOM   63  H HB3  . CYS A 1 5  ? 2.01563   10.27049  -6.13586  1.000 13.91293 ? 5   CYS A HB3  1 
ATOM   64  H HG   . CYS A 1 5  ? 4.38900   10.77184  -5.33630  1.000 17.46366 ? 5   CYS A HG   1 
ATOM   65  N N    . LEU A 1 6  ? 2.27569   10.11891  -3.04876  1.000 8.02969  ? 6   LEU A N    1 
ATOM   66  C CA   . LEU A 1 6  ? 2.82197   10.56423  -1.76294  1.000 9.14186  ? 6   LEU A CA   1 
ATOM   67  C C    . LEU A 1 6  ? 2.48439   9.57427   -0.64566  1.000 6.80824  ? 6   LEU A C    1 
ATOM   68  O O    . LEU A 1 6  ? 3.34764   9.16039   0.13263   1.000 6.94323  ? 6   LEU A O    1 
ATOM   69  C CB   . LEU A 1 6  ? 2.27154   11.95569  -1.40572  1.000 7.79761  ? 6   LEU A CB   1 
ATOM   70  C CG   . LEU A 1 6  ? 2.56412   12.57221  -0.01541  1.000 9.72048  ? 6   LEU A CG   1 
ATOM   71  C CD1  . LEU A 1 6  ? 4.06195   12.74651  0.25618   1.000 8.80450  ? 6   LEU A CD1  1 
ATOM   72  C CD2  . LEU A 1 6  ? 1.87882   13.91415  0.17262   1.000 8.32874  ? 6   LEU A CD2  1 
ATOM   73  H H    . LEU A 1 6  ? 1.71536   10.67362  -3.39217  0.540 9.67565  ? 6   LEU A H    1 
ATOM   74  H HA   . LEU A 1 6  ? 3.78769   10.62131  -1.83384  1.000 11.01025 ? 6   LEU A HA   1 
ATOM   75  H HB2  . LEU A 1 6  ? 2.62673   12.58007  -2.05754  1.000 9.39715  ? 6   LEU A HB2  1 
ATOM   76  H HB3  . LEU A 1 6  ? 1.30565   11.90979  -1.48230  1.000 9.39715  ? 6   LEU A HB3  1 
ATOM   77  H HG   . LEU A 1 6  ? 2.20781   11.93980  0.62802   1.000 11.70460 ? 6   LEU A HG   1 
ATOM   78  H HD11 . LEU A 1 6  ? 4.56339   12.24620  -0.40651  1.000 10.60542 ? 6   LEU A HD11 1 
ATOM   79  H HD12 . LEU A 1 6  ? 4.28584   13.68856  0.19854   1.000 10.60542 ? 6   LEU A HD12 1 
ATOM   80  H HD13 . LEU A 1 6  ? 4.26280   12.41253  1.14445   1.000 10.60542 ? 6   LEU A HD13 1 
ATOM   81  H HD21 . LEU A 1 6  ? 2.17381   14.51992  -0.52517  1.000 10.03451 ? 6   LEU A HD21 1 
ATOM   82  H HD22 . LEU A 1 6  ? 0.91851   13.78880  0.11764   1.000 10.03451 ? 6   LEU A HD22 1 
ATOM   83  H HD23 . LEU A 1 6  ? 2.11654   14.27098  1.04271   1.000 10.03451 ? 6   LEU A HD23 1 
HETATM 84  N N    . AIB A 1 7  ? 1.21467   9.21467   -0.56629  1.000 7.27898  ? 7   AIB A N    1 
HETATM 85  C CA   . AIB A 1 7  ? 0.72510   8.28272   0.42042   1.000 6.33834  ? 7   AIB A CA   1 
HETATM 86  C C    . AIB A 1 7  ? 1.53771   6.98336   0.42467   1.000 8.03007  ? 7   AIB A C    1 
HETATM 87  O O    . AIB A 1 7  ? 1.97294   6.41252   1.44209   1.000 8.61497  ? 7   AIB A O    1 
HETATM 88  C CB1  . AIB A 1 7  ? 0.85101   8.92333   1.80826   1.000 6.63740  ? 7   AIB A CB1  1 
HETATM 89  C CB2  . AIB A 1 7  ? -0.74866  7.88384   0.15631   1.000 7.33639  ? 7   AIB A CB2  1 
HETATM 90  H H    . AIB A 1 7  ? 0.45522   9.77082   -0.90677  1.000 8.77480  ? 7   AIB A H    1 
HETATM 91  H HB11 . AIB A 1 7  ? 0.19635   8.38320   2.53292   1.000 8.00490  ? 7   AIB A HB11 1 
HETATM 92  H HB12 . AIB A 1 7  ? 1.91009   8.86466   2.15521   1.000 8.00490  ? 7   AIB A HB12 1 
HETATM 93  H HB13 . AIB A 1 7  ? 0.53930   9.99375   1.75840   1.000 8.00490  ? 7   AIB A HB13 1 
HETATM 94  H HB21 . AIB A 1 7  ? -0.77440  7.06400   -0.60190  1.000 8.84369  ? 7   AIB A HB21 1 
HETATM 95  H HB22 . AIB A 1 7  ? -1.20821  7.53216   1.11173   1.000 8.84369  ? 7   AIB A HB22 1 
HETATM 96  H HB23 . AIB A 1 7  ? -1.30424  8.77366   -0.22744  1.000 8.84369  ? 7   AIB A HB23 1 
ATOM   97  N N    . CYS A 1 8  ? 1.77354   6.50927   -0.78978  1.000 7.70189  ? 8   CYS A N    1 
ATOM   98  C CA   . CYS A 1 8  ? 2.41885   5.21629   -0.99481  1.000 9.05550  ? 8   CYS A CA   1 
ATOM   99  C C    . CYS A 1 8  ? 3.87887   5.27646   -0.56513  1.000 8.49256  ? 8   CYS A C    1 
ATOM   100 O O    . CYS A 1 8  ? 4.35420   4.45777   0.24665   1.000 7.94520  ? 8   CYS A O    1 
ATOM   101 C CB   . CYS A 1 8  ? 2.31215   4.82772   -2.47571  1.000 9.23989  ? 8   CYS A CB   1 
ATOM   102 S SG   . CYS A 1 8  ? 3.24747   3.36900   -2.94199  1.000 14.84074 ? 8   CYS A SG   1 
ATOM   103 H H    . CYS A 1 8  ? 1.56893   6.91814   -1.51818  0.571 9.28229  ? 8   CYS A H    1 
ATOM   104 H HA   . CYS A 1 8  ? 1.98110   4.53267   -0.46382  0.614 10.90662 ? 8   CYS A HA   1 
ATOM   105 H HB2  . CYS A 1 8  ? 1.38022   4.65469   -2.68177  0.836 11.12789 ? 8   CYS A HB2  1 
ATOM   106 H HB3  . CYS A 1 8  ? 2.63873   5.56716   -3.01187  0.663 11.12789 ? 8   CYS A HB3  1 
ATOM   107 H HG   . CYS A 1 8  ? 3.06327   3.14235   -4.10591  0.480 17.84891 ? 8   CYS A HG   1 
HETATM 108 N N    . AIB A 1 9  ? 4.59219   6.25842   -1.10936  1.000 8.12808  ? 9   AIB A N    1 
HETATM 109 C CA   . AIB A 1 9  ? 5.98155   6.46571   -0.79760  1.000 5.37325  ? 9   AIB A CA   1 
HETATM 110 C C    . AIB A 1 9  ? 6.31722   6.39355   0.70683   1.000 6.50522  ? 9   AIB A C    1 
HETATM 111 O O    . AIB A 1 9  ? 7.31817   5.83885   1.18054   1.000 6.34174  ? 9   AIB A O    1 
HETATM 112 C CB1  . AIB A 1 9  ? 6.87328   5.42468   -1.51261  1.000 4.96131  ? 9   AIB A CB1  1 
HETATM 113 C CB2  . AIB A 1 9  ? 6.36742   7.88556   -1.22736  1.000 6.22604  ? 9   AIB A CB2  1 
HETATM 114 H H    . AIB A 1 9  ? 4.37198   6.69268   -1.98396  1.000 9.79372  ? 9   AIB A H    1 
HETATM 115 H HB11 . AIB A 1 9  ? 7.18086   5.81540   -2.51170  1.000 5.99360  ? 9   AIB A HB11 1 
HETATM 116 H HB12 . AIB A 1 9  ? 7.78425   5.22503   -0.89963  1.000 5.99360  ? 9   AIB A HB12 1 
HETATM 117 H HB13 . AIB A 1 9  ? 6.30602   4.47330   -1.64870  1.000 5.99360  ? 9   AIB A HB13 1 
HETATM 118 H HB21 . AIB A 1 9  ? 6.92680   8.37900   -0.39592  1.000 7.51127  ? 9   AIB A HB21 1 
HETATM 119 H HB22 . AIB A 1 9  ? 7.01227   7.82857   -2.13765  1.000 7.51127  ? 9   AIB A HB22 1 
HETATM 120 H HB23 . AIB A 1 9  ? 5.43868   8.46275   -1.45534  1.000 7.51127  ? 9   AIB A HB23 1 
ATOM   121 N N    . LEU A 1 10 ? 5.43902   7.00682   1.49478   1.000 7.64843  ? 10  LEU A N    1 
ATOM   122 C CA   . LEU A 1 10 ? 5.64742   7.10163   2.93138   1.000 5.47176  ? 10  LEU A CA   1 
ATOM   123 C C    . LEU A 1 10 ? 5.04553   5.92685   3.67343   1.000 6.66882  ? 10  LEU A C    1 
ATOM   124 O O    . LEU A 1 10 ? 4.64814   6.05126   4.82665   1.000 10.30091 ? 10  LEU A O    1 
ATOM   125 C CB   . LEU A 1 10 ? 5.04155   8.40171   3.44220   1.000 8.56875  ? 10  LEU A CB   1 
ATOM   126 C CG   . LEU A 1 10 ? 5.69776   9.68520   2.91919   1.000 7.64521  ? 10  LEU A CG   1 
ATOM   127 C CD1  . LEU A 1 10 ? 4.88200   10.91715  3.30809   1.000 7.79065  ? 10  LEU A CD1  1 
ATOM   128 C CD2  . LEU A 1 10 ? 7.11185   9.82339   3.42232   1.000 6.78356  ? 10  LEU A CD2  1 
ATOM   129 H H    . LEU A 1 10 ? 4.71321   7.37640   1.21874   1.000 9.21814  ? 10  LEU A H    1 
ATOM   130 H HA   . LEU A 1 10 ? 6.60009   7.09493   3.11371   1.000 6.60613  ? 10  LEU A HA   1 
ATOM   131 H HB2  . LEU A 1 10 ? 4.10799   8.42628   3.17998   1.000 10.32253 ? 10  LEU A HB2  1 
ATOM   132 H HB3  . LEU A 1 10 ? 5.11487   8.41246   4.40936   1.000 10.32253 ? 10  LEU A HB3  1 
ATOM   133 H HG   . LEU A 1 10 ? 5.72683   9.63074   1.95115   1.000 9.21427  ? 10  LEU A HG   1 
ATOM   134 H HD11 . LEU A 1 10 ? 5.22109   11.68621  2.82387   1.000 9.38880  ? 10  LEU A HD11 1 
ATOM   135 H HD12 . LEU A 1 10 ? 3.95188   10.76542  3.07840   1.000 9.38880  ? 10  LEU A HD12 1 
ATOM   136 H HD13 . LEU A 1 10 ? 4.96719   11.06372  4.26316   1.000 9.38880  ? 10  LEU A HD13 1 
ATOM   137 H HD21 . LEU A 1 10 ? 7.70300   9.31294   2.84709   1.000 8.18029  ? 10  LEU A HD21 1 
ATOM   138 H HD22 . LEU A 1 10 ? 7.36258   10.76030  3.40637   1.000 8.18029  ? 10  LEU A HD22 1 
ATOM   139 H HD23 . LEU A 1 10 ? 7.15880   9.48380   4.32971   1.000 8.18029  ? 10  LEU A HD23 1 
HETATM 140 C C11  . I77 A 1 11 ? 2.83543   1.44813   4.51676   1.000 12.16717 ? 11  I77 A C11  1 
HETATM 141 C C12  . I77 A 1 11 ? 3.97204   2.00600   5.13879   1.000 12.25439 ? 11  I77 A C12  1 
HETATM 142 C C13  . I77 A 1 11 ? 4.84644   2.98935   4.37707   1.000 7.99433  ? 11  I77 A C13  1 
HETATM 143 C C17  . I77 A 1 11 ? 4.28000   1.66542   6.48078   1.000 12.86596 ? 11  I77 A C17  1 
HETATM 144 C C18  . I77 A 1 11 ? 3.41061   0.75610   7.13602   1.000 13.72917 ? 11  I77 A C18  1 
HETATM 145 C C02  . I77 A 1 11 ? -1.29831  -3.61073  8.88823   1.000 26.68253 ? 11  I77 A C02  1 
HETATM 146 C C03  . I77 A 1 11 ? -0.32378  -2.54941  8.24361   1.000 24.26404 ? 11  I77 A C03  1 
HETATM 147 C C04  . I77 A 1 11 ? -0.88327  -1.48249  7.55209   1.000 25.06932 ? 11  I77 A C04  1 
HETATM 148 C C05  . I77 A 1 11 ? -0.00536  -0.55733  6.96255   1.000 23.25205 ? 11  I77 A C05  1 
HETATM 149 C C06  . I77 A 1 11 ? 1.11335   -2.67680  8.34145   1.000 23.66635 ? 11  I77 A C06  1 
HETATM 150 C C08  . I77 A 1 11 ? 1.37304   -0.73109  7.10194   1.000 19.57184 ? 11  I77 A C08  1 
HETATM 151 C C09  . I77 A 1 11 ? 2.28605   0.23349   6.45922   1.000 16.49391 ? 11  I77 A C09  1 
HETATM 152 N N01  . I77 A 1 11 ? -1.64391  -4.77108  8.09805   1.000 21.82876 ? 11  I77 A N01  1 
HETATM 153 N N07  . I77 A 1 11 ? 1.88191   -1.79638  7.77118   1.000 21.20940 ? 11  I77 A N07  1 
HETATM 154 N N10  . I77 A 1 11 ? 2.04131   0.57477   5.19827   1.000 14.35621 ? 11  I77 A N10  1 
HETATM 155 N N14  . I77 A 1 11 ? 4.17401   3.92192   3.44944   1.000 7.55419  ? 11  I77 A N14  1 
HETATM 156 N N15  . I77 A 1 11 ? 4.93182   4.85357   2.73977   1.000 7.86249  ? 11  I77 A N15  1 
HETATM 157 O O16  . I77 A 1 11 ? 5.98072   3.03161   4.53183   1.000 7.12249  ? 11  I77 A O16  1 
HETATM 158 O O19  . I77 A 1 11 ? -1.77235  -3.47309  10.01440  1.000 31.58902 ? 11  I77 A O19  1 
HETATM 159 H H111 . I77 A 1 11 ? 2.57996   1.72843   3.44063   1.000 14.64063 ? 11  I77 A H111 1 
HETATM 160 H H171 . I77 A 1 11 ? 5.14356   2.08297   6.98357   1.000 15.47917 ? 11  I77 A H171 1 
HETATM 161 H H181 . I77 A 1 11 ? 3.60993   0.46113   8.15989   1.000 16.51503 ? 11  I77 A H181 1 
HETATM 162 H H041 . I77 A 1 11 ? -1.96200  -1.36708  7.46974   1.000 30.12321 ? 11  I77 A H041 1 
HETATM 163 H H051 . I77 A 1 11 ? -0.37657  0.24236   6.43197   1.000 27.94248 ? 11  I77 A H051 1 
HETATM 164 H H061 . I77 A 1 11 ? 1.54566   -3.49858  8.88511   1.000 28.43964 ? 11  I77 A H061 1 
HETATM 165 H H011 . I77 A 1 11 ? -2.27350  -5.47955  8.46354   1.000 26.23453 ? 11  I77 A H011 1 
HETATM 166 H H012 . I77 A 1 11 ? -1.25116  -4.87666  7.16947   1.000 26.23453 ? 11  I77 A H012 1 
HETATM 167 H H141 . I77 A 1 11 ? 3.18872   3.88679   3.33098   1.000 9.10505  ? 11  I77 A H141 1 
HETATM 168 H H1   . I77 A 1 11 ? 5.84191   4.47920   2.56205   1.000 9.47501  ? 11  I77 A H1   1 
HETATM 169 N N    . NIO B 1 1  ? 15.51129  14.10315  8.08305   1.000 9.96605  ? 1   NIO B N    1 
HETATM 170 C C1   . NIO B 1 1  ? 14.27430  13.74821  7.70402   1.000 8.08501  ? 1   NIO B C1   1 
HETATM 171 C C2   . NIO B 1 1  ? 13.23778  14.65592  7.52200   1.000 10.15828 ? 1   NIO B C2   1 
HETATM 172 C C3   . NIO B 1 1  ? 13.51683  15.99713  7.73391   1.000 14.26017 ? 1   NIO B C3   1 
HETATM 173 C C4   . NIO B 1 1  ? 14.78464  16.37934  8.12548   1.000 14.11750 ? 1   NIO B C4   1 
HETATM 174 C C5   . NIO B 1 1  ? 15.74517  15.40031  8.28514   1.000 8.14690  ? 1   NIO B C5   1 
HETATM 175 C C6   . NIO B 1 1  ? 11.88620  14.20828  7.09173   1.000 8.12972  ? 1   NIO B C6   1 
HETATM 176 O O2   . NIO B 1 1  ? 11.22891  15.06722  6.36806   1.000 7.85294  ? 1   NIO B O2   1 
HETATM 177 H H1   . NIO B 1 1  ? 14.10118  12.84668  7.55513   1.000 9.74204  ? 1   NIO B H1   1 
HETATM 178 H H3   . NIO B 1 1  ? 12.85284  16.63694  7.61285   1.000 17.15223 ? 1   NIO B H3   1 
HETATM 179 H H4   . NIO B 1 1  ? 14.98662  17.27425  8.27793   1.000 16.98103 ? 1   NIO B H4   1 
HETATM 180 H H5   . NIO B 1 1  ? 16.59923  15.65890  8.54711   1.000 9.81630  ? 1   NIO B H5   1 
ATOM   181 N N    . LEU B 1 2  ? 11.37199  12.98196  7.60085   1.000 9.17928  ? 2   LEU B N    1 
ATOM   182 C CA   . LEU B 1 2  ? 10.24864  12.47387  6.84233   1.000 9.51297  ? 2   LEU B CA   1 
ATOM   183 C C    . LEU B 1 2  ? 8.98032   13.29465  7.06851   1.000 9.82750  ? 2   LEU B C    1 
ATOM   184 O O    . LEU B 1 2  ? 8.24503   13.57725  6.11813   1.000 7.58778  ? 2   LEU B O    1 
ATOM   185 C CB   . LEU B 1 2  ? 9.99800   11.01622  7.23096   1.000 11.01377 ? 2   LEU B CB   1 
ATOM   186 C CG   . LEU B 1 2  ? 11.06985  10.04145  6.73054   1.000 8.51988  ? 2   LEU B CG   1 
ATOM   187 C CD1  . LEU B 1 2  ? 11.07732  8.78256   7.58541   1.000 6.18236  ? 2   LEU B CD1  1 
ATOM   188 C CD2  . LEU B 1 2  ? 10.84590  9.69619   5.25981   1.000 10.51690 ? 2   LEU B CD2  1 
ATOM   189 H HA   . LEU B 1 2  ? 10.45643  12.52806  5.89640   1.000 11.45559 ? 2   LEU B HA   1 
ATOM   190 H HB2  . LEU B 1 2  ? 9.97083   10.95389  8.19857   1.000 13.25655 ? 2   LEU B HB2  1 
ATOM   191 H HB3  . LEU B 1 2  ? 9.14763   10.73764  6.85656   1.000 13.25655 ? 2   LEU B HB3  1 
ATOM   192 H HG   . LEU B 1 2  ? 11.94029  10.46317  6.80386   1.000 10.26388 ? 2   LEU B HG   1 
ATOM   193 H HD11 . LEU B 1 2  ? 11.19262  9.03302   8.51539   1.000 7.45885  ? 2   LEU B HD11 1 
ATOM   194 H HD12 . LEU B 1 2  ? 10.23385  8.31758   7.47021   1.000 7.45885  ? 2   LEU B HD12 1 
ATOM   195 H HD13 . LEU B 1 2  ? 11.81012  8.21329   7.30286   1.000 7.45885  ? 2   LEU B HD13 1 
ATOM   196 H HD21 . LEU B 1 2  ? 11.41459  8.94755   5.02102   1.000 12.66031 ? 2   LEU B HD21 1 
ATOM   197 H HD22 . LEU B 1 2  ? 9.91446   9.45880   5.12944   1.000 12.66031 ? 2   LEU B HD22 1 
ATOM   198 H HD23 . LEU B 1 2  ? 11.06969  10.46804  4.71661   1.000 12.66031 ? 2   LEU B HD23 1 
HETATM 199 N N    . AIB B 1 3  ? 8.72236   13.64963  8.32980   1.000 10.73355 ? 3   AIB B N    1 
HETATM 200 C CA   . AIB B 1 3  ? 7.54413   14.41031  8.71367   1.000 7.87495  ? 3   AIB B CA   1 
HETATM 201 C C    . AIB B 1 3  ? 7.48816   15.77960  8.01182   1.000 7.15102  ? 3   AIB B C    1 
HETATM 202 O O    . AIB B 1 3  ? 6.46350   16.24006  7.50025   1.000 8.98616  ? 3   AIB B O    1 
HETATM 203 C CB1  . AIB B 1 3  ? 6.26853   13.61420  8.40668   1.000 7.22684  ? 3   AIB B CB1  1 
HETATM 204 C CB2  . AIB B 1 3  ? 7.48437   14.62641  10.23183  1.000 5.38587  ? 3   AIB B CB2  1 
HETATM 205 H H    . AIB B 1 3  ? 9.42525   13.74605  9.03595   0.889 12.92028 ? 3   AIB B H    1 
HETATM 206 H HB11 . AIB B 1 3  ? 6.10359   12.84696  9.20015   0.843 8.71223  ? 3   AIB B HB11 1 
HETATM 207 H HB12 . AIB B 1 3  ? 5.39235   14.30470  8.37521   0.837 8.71223  ? 3   AIB B HB12 1 
HETATM 208 H HB13 . AIB B 1 3  ? 6.37111   13.10522  7.41883   0.957 8.71223  ? 3   AIB B HB13 1 
HETATM 209 H HB21 . AIB B 1 3  ? 6.41562   14.64270  10.55617  1.000 6.50307  ? 3   AIB B HB21 1 
HETATM 210 H HB22 . AIB B 1 3  ? 8.02305   13.79062  10.74073  1.000 6.50307  ? 3   AIB B HB22 1 
HETATM 211 H HB23 . AIB B 1 3  ? 7.97184   15.60002  10.48115  1.000 6.50307  ? 3   AIB B HB23 1 
ATOM   212 N N    . ALA B 1 4  ? 8.64394   16.43290  7.94710   1.000 6.55245  ? 4   ALA B N    1 
ATOM   213 C CA   . ALA B 1 4  ? 8.78078   17.71947  7.24902   1.000 8.14539  ? 4   ALA B CA   1 
ATOM   214 C C    . ALA B 1 4  ? 8.52717   17.61819  5.74689   1.000 8.75287  ? 4   ALA B C    1 
ATOM   215 O O    . ALA B 1 4  ? 7.92195   18.50622  5.14846   1.000 8.40948  ? 4   ALA B O    1 
ATOM   216 C CB   . ALA B 1 4  ? 10.14216  18.27487  7.46905   1.000 10.61587 ? 4   ALA B CB   1 
ATOM   217 H H    . ALA B 1 4  ? 9.37581   16.15345  8.30188   1.000 7.90297  ? 4   ALA B H    1 
ATOM   218 H HA   . ALA B 1 4  ? 8.11141   18.31678  7.61787   1.000 9.81449  ? 4   ALA B HA   1 
ATOM   219 H HB1  . ALA B 1 4  ? 10.06503  19.20602  7.72967   1.000 12.77907 ? 4   ALA B HB1  1 
ATOM   220 H HB2  . ALA B 1 4  ? 10.57949  17.76970  8.17221   1.000 12.77907 ? 4   ALA B HB2  1 
ATOM   221 H HB3  . ALA B 1 4  ? 10.64952  18.20284  6.64546   1.000 12.77907 ? 4   ALA B HB3  1 
ATOM   222 N N    . CYS B 1 5  ? 8.99676   16.54525  5.11431   1.000 8.34285  ? 5   CYS B N    1 
ATOM   223 C CA   . CYS B 1 5  ? 8.83006   16.44147  3.67330   1.000 6.22369  ? 5   CYS B CA   1 
ATOM   224 C C    . CYS B 1 5  ? 7.37163   16.19697  3.30911   1.000 6.72564  ? 5   CYS B C    1 
ATOM   225 O O    . CYS B 1 5  ? 6.90177   16.70080  2.28455   1.000 6.81525  ? 5   CYS B O    1 
ATOM   226 C CB   . CYS B 1 5  ? 9.78716   15.37542  3.14070   1.000 12.30302 ? 5   CYS B CB   1 
ATOM   227 S SG   . CYS B 1 5  ? 11.53875  15.86509  3.35346   1.000 13.00235 ? 5   CYS B SG   1 
ATOM   228 H H    . CYS B 1 5  ? 9.40286   15.88489  5.48662   1.000 10.05144 ? 5   CYS B H    1 
ATOM   229 H HA   . CYS B 1 5  ? 9.07375   17.26855  3.22895   1.000 7.50845  ? 5   CYS B HA   1 
ATOM   230 H HB2  . CYS B 1 5  ? 9.64208   14.54657  3.62324   1.000 14.80365 ? 5   CYS B HB2  1 
ATOM   231 H HB3  . CYS B 1 5  ? 9.62129   15.24178  2.19438   1.000 14.80365 ? 5   CYS B HB3  1 
ATOM   232 H HG   . CYS B 1 5  ? 11.58166  16.95918  3.84452   1.000 15.64284 ? 5   CYS B HG   1 
ATOM   233 N N    . LEU B 1 6  ? 6.63672   15.46922  4.14356   1.000 6.83738  ? 6   LEU B N    1 
ATOM   234 C CA   . LEU B 1 6  ? 5.20183   15.33297  3.96595   1.000 7.70743  ? 6   LEU B CA   1 
ATOM   235 C C    . LEU B 1 6  ? 4.58399   16.70829  4.00663   1.000 8.20250  ? 6   LEU B C    1 
ATOM   236 O O    . LEU B 1 6  ? 3.88086   17.11784  3.07990   1.000 8.49530  ? 6   LEU B O    1 
ATOM   237 C CB   . LEU B 1 6  ? 4.61168   14.43265  5.06090   1.000 6.95692  ? 6   LEU B CB   1 
ATOM   238 C CG   . LEU B 1 6  ? 3.08573   14.30403  5.13709   1.000 6.20524  ? 6   LEU B CG   1 
ATOM   239 C CD1  . LEU B 1 6  ? 2.51217   13.74081  3.83983   1.000 7.71480  ? 6   LEU B CD1  1 
ATOM   240 C CD2  . LEU B 1 6  ? 2.69065   13.41812  6.29414   1.000 6.68876  ? 6   LEU B CD2  1 
ATOM   241 H H    . LEU B 1 6  ? 6.94964   15.04387  4.82236   1.000 8.24487  ? 6   LEU B H    1 
ATOM   242 H HA   . LEU B 1 6  ? 4.99243   14.91376  3.11664   1.000 9.28894  ? 6   LEU B HA   1 
ATOM   243 H HB2  . LEU B 1 6  ? 4.96096   13.53766  4.92709   1.000 8.38833  ? 6   LEU B HB2  1 
ATOM   244 H HB3  . LEU B 1 6  ? 4.90581   14.77887  5.91794   1.000 8.38833  ? 6   LEU B HB3  1 
ATOM   245 H HG   . LEU B 1 6  ? 2.71207   15.18878  5.27309   1.000 7.48631  ? 6   LEU B HG   1 
ATOM   246 H HD11 . LEU B 1 6  ? 3.05173   12.98574  3.55758   1.000 9.29778  ? 6   LEU B HD11 1 
ATOM   247 H HD12 . LEU B 1 6  ? 1.59874   13.45447  3.99649   1.000 9.29778  ? 6   LEU B HD12 1 
ATOM   248 H HD13 . LEU B 1 6  ? 2.53000   14.43257  3.16010   1.000 9.29778  ? 6   LEU B HD13 1 
ATOM   249 H HD21 . LEU B 1 6  ? 3.29980   12.66447  6.33719   1.000 8.06653  ? 6   LEU B HD21 1 
ATOM   250 H HD22 . LEU B 1 6  ? 2.74043   13.93102  7.11593   1.000 8.06653  ? 6   LEU B HD22 1 
ATOM   251 H HD23 . LEU B 1 6  ? 1.78384   13.10298  6.15530   1.000 8.06653  ? 6   LEU B HD23 1 
HETATM 252 N N    . AIB B 1 7  ? 4.84086   17.40794  5.10157   1.000 7.22194  ? 7   AIB B N    1 
HETATM 253 C CA   . AIB B 1 7  ? 4.39223   18.76779  5.27221   1.000 11.38956 ? 7   AIB B CA   1 
HETATM 254 C C    . AIB B 1 7  ? 4.64601   19.63803  4.03943   1.000 7.94910  ? 7   AIB B C    1 
HETATM 255 O O    . AIB B 1 7  ? 3.76805   20.31107  3.46503   1.000 8.77089  ? 7   AIB B O    1 
HETATM 256 C CB1  . AIB B 1 7  ? 2.87914   18.78631  5.52500   1.000 10.86926 ? 7   AIB B CB1  1 
HETATM 257 C CB2  . AIB B 1 7  ? 5.08843   19.45694  6.45826   1.000 14.25894 ? 7   AIB B CB2  1 
HETATM 258 H H    . AIB B 1 7  ? 5.03452   16.99971  5.99478   1.000 8.70635  ? 7   AIB B H    1 
HETATM 259 H HB11 . AIB B 1 7  ? 2.33920   18.96313  4.56444   1.000 13.08313 ? 7   AIB B HB11 1 
HETATM 260 H HB12 . AIB B 1 7  ? 2.55702   17.80723  5.95291   1.000 13.08313 ? 7   AIB B HB12 1 
HETATM 261 H HB13 . AIB B 1 7  ? 2.62757   19.60218  6.24368   1.000 13.08313 ? 7   AIB B HB13 1 
HETATM 262 H HB21 . AIB B 1 7  ? 6.14121   19.69805  6.17329   1.000 17.15075 ? 7   AIB B HB21 1 
HETATM 263 H HB22 . AIB B 1 7  ? 4.53811   20.39617  6.70866   1.000 17.15075 ? 7   AIB B HB22 1 
HETATM 264 H HB23 . AIB B 1 7  ? 5.08122   18.76684  7.33657   1.000 17.15075 ? 7   AIB B HB23 1 
ATOM   265 N N    . CYS B 1 8  ? 5.90024   19.63548  3.61813   1.000 6.57941  ? 8   CYS B N    1 
ATOM   266 C CA   . CYS B 1 8  ? 6.28435   20.30954  2.38550   1.000 7.48999  ? 8   CYS B CA   1 
ATOM   267 C C    . CYS B 1 8  ? 5.36316   19.99324  1.23642   1.000 9.93368  ? 8   CYS B C    1 
ATOM   268 O O    . CYS B 1 8  ? 4.87242   20.90713  0.55739   1.000 8.42892  ? 8   CYS B O    1 
ATOM   269 C CB   . CYS B 1 8  ? 7.68513   19.89669  1.95979   1.000 8.86891  ? 8   CYS B CB   1 
ATOM   270 S SG   . CYS B 1 8  ? 8.36121   21.00848  0.72400   1.000 13.42642 ? 8   CYS B SG   1 
ATOM   271 H H    . CYS B 1 8  ? 6.55071   19.24999  4.02787   1.000 7.93531  ? 8   CYS B H    1 
ATOM   272 H HA   . CYS B 1 8  ? 6.24850   21.26168  2.56728   1.000 9.02801  ? 8   CYS B HA   1 
ATOM   273 H HB2  . CYS B 1 8  ? 8.27044   19.90897  2.73320   1.000 10.68272 ? 8   CYS B HB2  1 
ATOM   274 H HB3  . CYS B 1 8  ? 7.65374   19.00399  1.58164   1.000 10.68272 ? 8   CYS B HB3  1 
ATOM   275 H HG   . CYS B 1 8  ? 8.33539   22.12958  1.15116   1.000 16.15172 ? 8   CYS B HG   1 
HETATM 276 N N    . AIB B 1 9  ? 5.13709   18.70103  1.01378   1.000 9.48999  ? 9   AIB B N    1 
HETATM 277 C CA   . AIB B 1 9  ? 4.41234   18.23035  -0.14828  1.000 10.02636 ? 9   AIB B CA   1 
HETATM 278 C C    . AIB B 1 9  ? 2.99689   18.79164  -0.28306  1.000 7.46889  ? 9   AIB B C    1 
HETATM 279 O O    . AIB B 1 9  ? 2.45216   19.12288  -1.34769  1.000 6.20353  ? 9   AIB B O    1 
HETATM 280 C CB1  . AIB B 1 9  ? 5.12218   18.59349  -1.46909  1.000 13.87974 ? 9   AIB B CB1  1 
HETATM 281 C CB2  . AIB B 1 9  ? 4.25683   16.71226  -0.03071  1.000 8.19377  ? 9   AIB B CB2  1 
HETATM 282 H H    . AIB B 1 9  ? 5.11896   18.00337  1.73137   1.000 11.42801 ? 9   AIB B H    1 
HETATM 283 H HB11 . AIB B 1 9  ? 5.99831   17.91960  -1.62314  1.000 16.69571 ? 9   AIB B HB11 1 
HETATM 284 H HB12 . AIB B 1 9  ? 4.41285   18.47511  -2.32249  1.000 16.69571 ? 9   AIB B HB12 1 
HETATM 285 H HB13 . AIB B 1 9  ? 5.47489   19.65149  -1.42830  1.000 16.69571 ? 9   AIB B HB13 1 
HETATM 286 H HB21 . AIB B 1 9  ? 3.49894   16.36457  -0.77396  1.000 9.87254  ? 9   AIB B HB21 1 
HETATM 287 H HB22 . AIB B 1 9  ? 5.24173   16.22759  -0.23747  1.000 9.87254  ? 9   AIB B HB22 1 
HETATM 288 H HB23 . AIB B 1 9  ? 3.91863   16.45922  1.00335   1.000 9.87254  ? 9   AIB B HB23 1 
ATOM   289 N N    . LEU B 1 10 ? 2.39353   18.91424  0.88581   1.000 6.66988  ? 10  LEU B N    1 
ATOM   290 C CA   . LEU B 1 10 ? 1.01742   19.30614  0.99609   1.000 7.76261  ? 10  LEU B CA   1 
ATOM   291 C C    . LEU B 1 10 ? 0.95173   20.79067  1.28080   1.000 7.37516  ? 10  LEU B C    1 
ATOM   292 O O    . LEU B 1 10 ? -0.13029  21.33683  1.46521   1.000 7.24817  ? 10  LEU B O    1 
ATOM   293 C CB   . LEU B 1 10 ? 0.36860   18.49793  2.12605   1.000 7.85075  ? 10  LEU B CB   1 
ATOM   294 C CG   . LEU B 1 10 ? 0.32411   16.97069  1.88722   1.000 6.60338  ? 10  LEU B CG   1 
ATOM   295 C CD1  . LEU B 1 10 ? -0.27563  16.20517  3.07326   1.000 6.64241  ? 10  LEU B CD1  1 
ATOM   296 C CD2  . LEU B 1 10 ? -0.42521  16.61120  0.62833   1.000 9.43743  ? 10  LEU B CD2  1 
ATOM   297 H H    . LEU B 1 10 ? 2.77483   18.77103  1.64324   1.000 8.04388  ? 10  LEU B H    1 
ATOM   298 H HA   . LEU B 1 10 ? 0.52327   19.13180  0.17981   1.000 9.35516  ? 10  LEU B HA   1 
ATOM   299 H HB2  . LEU B 1 10 ? 0.87083   18.65194  2.94149   1.000 9.46093  ? 10  LEU B HB2  1 
ATOM   300 H HB3  . LEU B 1 10 ? -0.54538  18.80342  2.23663   1.000 9.46093  ? 10  LEU B HB3  1 
ATOM   301 H HG   . LEU B 1 10 ? 1.24729   16.69095  1.78533   1.000 7.96408  ? 10  LEU B HG   1 
ATOM   302 H HD11 . LEU B 1 10 ? -0.75337  15.42972  2.73957   1.000 8.01092  ? 10  LEU B HD11 1 
ATOM   303 H HD12 . LEU B 1 10 ? 0.44156   15.92352  3.66251   1.000 8.01092  ? 10  LEU B HD12 1 
ATOM   304 H HD13 . LEU B 1 10 ? -0.88554  16.78940  3.55032   1.000 8.01092  ? 10  LEU B HD13 1 
ATOM   305 H HD21 . LEU B 1 10 ? 0.00877   17.03403  -0.12915  1.000 11.36493 ? 10  LEU B HD21 1 
ATOM   306 H HD22 . LEU B 1 10 ? -0.41558  15.64739  0.51941   1.000 11.36493 ? 10  LEU B HD22 1 
ATOM   307 H HD23 . LEU B 1 10 ? -1.33944  16.92641  0.70407   1.000 11.36493 ? 10  LEU B HD23 1 
HETATM 308 C C11  . I77 B 1 11 ? 2.04845   26.01877  0.91577   1.000 15.27366 ? 11  I77 B C11  1 
HETATM 309 C C12  . I77 B 1 11 ? 1.00343   25.18672  0.47761   1.000 9.59158  ? 11  I77 B C12  1 
HETATM 310 C C13  . I77 B 1 11 ? 1.21940   23.72441  0.14922   1.000 8.84840  ? 11  I77 B C13  1 
HETATM 311 C C17  . I77 B 1 11 ? -0.29841  25.69240  0.33346   1.000 9.14901  ? 11  I77 B C17  1 
HETATM 312 C C18  . I77 B 1 11 ? -0.50639  27.02870  0.66111   1.000 11.15760 ? 11  I77 B C18  1 
HETATM 313 C C02  . I77 B 1 11 ? -0.79968  33.28988  1.62989   1.000 20.70025 ? 11  I77 B C02  1 
HETATM 314 C C03  . I77 B 1 11 ? -0.39000  31.79687  1.53409   1.000 21.14414 ? 11  I77 B C03  1 
HETATM 315 C C04  . I77 B 1 11 ? 0.59119   31.30571  2.39441   1.000 18.03388 ? 11  I77 B C04  1 
HETATM 316 C C05  . I77 B 1 11 ? 0.94594   29.96039  2.28311   1.000 15.01811 ? 11  I77 B C05  1 
HETATM 317 C C06  . I77 B 1 11 ? -1.03425  30.98767  0.55733   1.000 23.10599 ? 11  I77 B C06  1 
HETATM 318 C C08  . I77 B 1 11 ? 0.27235   29.21930  1.33804   1.000 17.78848 ? 11  I77 B C08  1 
HETATM 319 C C09  . I77 B 1 11 ? 0.56806   27.81422  1.09491   1.000 15.84318 ? 11  I77 B C09  1 
HETATM 320 N N01  . I77 B 1 11 ? -0.53854  33.94703  2.88003   1.000 19.44539 ? 11  I77 B N01  1 
HETATM 321 N N07  . I77 B 1 11 ? -0.67126  29.74771  0.50503   1.000 24.22674 ? 11  I77 B N07  1 
HETATM 322 N N10  . I77 B 1 11 ? 1.80130   27.33017  1.21006   1.000 18.09915 ? 11  I77 B N10  1 
HETATM 323 N N14  . I77 B 1 11 ? 1.93785   22.88626  1.14223   1.000 9.21842  ? 11  I77 B N14  1 
HETATM 324 N N15  . I77 B 1 11 ? 2.11778   21.52304  0.89419   1.000 8.41627  ? 11  I77 B N15  1 
HETATM 325 O O16  . I77 B 1 11 ? 0.80887   23.29370  -0.84224  1.000 7.59369  ? 11  I77 B O16  1 
HETATM 326 O O19  . I77 B 1 11 ? -1.30517  33.84638  0.65105   1.000 20.38780 ? 11  I77 B O19  1 
HETATM 327 H H111 . I77 B 1 11 ? 3.10378   25.59921  1.02588   1.000 18.36841 ? 11  I77 B H111 1 
HETATM 328 H H171 . I77 B 1 11 ? -1.10848  25.06599  -0.01909  1.000 11.01884 ? 11  I77 B H171 1 
HETATM 329 H H181 . I77 B 1 11 ? -1.49759  27.46008  0.58064   1.000 13.42914 ? 11  I77 B H181 1 
HETATM 330 H H041 . I77 B 1 11 ? 1.06610   31.95125  3.13027   1.000 21.68068 ? 11  I77 B H041 1 
HETATM 331 H H051 . I77 B 1 11 ? 1.67479   29.54391  2.87820   1.000 18.06175 ? 11  I77 B H051 1 
HETATM 332 H H061 . I77 B 1 11 ? -1.78414  31.38675  -0.10310  1.000 27.76721 ? 11  I77 B H061 1 
HETATM 333 H H011 . I77 B 1 11 ? -0.78378  34.92244  2.98156   1.000 23.37449 ? 11  I77 B H011 1 
HETATM 334 H H012 . I77 B 1 11 ? -0.11696  33.44409  3.65238   1.000 23.37449 ? 11  I77 B H012 1 
HETATM 335 H H141 . I77 B 1 11 ? 2.28890   23.29111  1.97824   1.000 11.10212 ? 11  I77 B H141 1 
HETATM 336 H H1   . I77 B 1 11 ? 1.77817   21.30193  -0.04177  1.000 10.13955 ? 11  I77 B H1   1 
HETATM 337 N N    . NIO C 1 1  ? -9.37625  1.35329   -2.61118  1.000 8.31414  ? 1   NIO C N    1 
HETATM 338 C C1   . NIO C 1 1  ? -9.18285  0.03660   -2.46204  1.000 5.99945  ? 1   NIO C C1   1 
HETATM 339 C C2   . NIO C 1 1  ? -7.92987  -0.56201  -2.48601  1.000 6.20894  ? 1   NIO C C2   1 
HETATM 340 C C3   . NIO C 1 1  ? -6.82766  0.25796   -2.66321  1.000 6.67720  ? 1   NIO C C3   1 
HETATM 341 C C4   . NIO C 1 1  ? -7.01030  1.61591   -2.82553  1.000 8.88392  ? 1   NIO C C4   1 
HETATM 342 C C5   . NIO C 1 1  ? -8.29756  2.11392   -2.78497  1.000 8.15444  ? 1   NIO C C5   1 
HETATM 343 C C6   . NIO C 1 1  ? -7.76566  -2.02376  -2.29733  1.000 5.42706  ? 1   NIO C C6   1 
HETATM 344 O O2   . NIO C 1 1  ? -6.85982  -2.36227  -1.43680  1.000 5.86912  ? 1   NIO C O2   1 
HETATM 345 H H1   . NIO C 1 1  ? -9.92747  -0.50605  -2.33564  1.000 7.23936  ? 1   NIO C H1   1 
HETATM 346 H H3   . NIO C 1 1  ? -5.97106  -0.10405  -2.67270  1.000 8.05266  ? 1   NIO C H3   1 
HETATM 347 H H4   . NIO C 1 1  ? -6.28441  2.18177   -2.95895  1.000 10.70072 ? 1   NIO C H4   1 
HETATM 348 H H5   . NIO C 1 1  ? -8.41755  3.03076   -2.88449  1.000 9.82535  ? 1   NIO C H5   1 
ATOM   349 N N    . LEU C 1 2  ? -8.67545  -2.83495  -3.02859  1.000 6.26757  ? 2   LEU C N    1 
ATOM   350 C CA   . LEU C 1 2  ? -8.70478  -4.21040  -2.59435  1.000 6.90323  ? 2   LEU C CA   1 
ATOM   351 C C    . LEU C 1 2  ? -7.38317  -4.94337  -2.82507  1.000 8.24481  ? 2   LEU C C    1 
ATOM   352 O O    . LEU C 1 2  ? -6.92820  -5.71499  -1.96351  1.000 6.81585  ? 2   LEU C O    1 
ATOM   353 C CB   . LEU C 1 2  ? -9.83752  -4.92521  -3.31344  1.000 6.97864  ? 2   LEU C CB   1 
ATOM   354 C CG   . LEU C 1 2  ? -11.20505 -4.50207  -2.77392  1.000 7.61223  ? 2   LEU C CG   1 
ATOM   355 C CD1  . LEU C 1 2  ? -12.30346 -4.68298  -3.81357  1.000 6.46670  ? 2   LEU C CD1  1 
ATOM   356 C CD2  . LEU C 1 2  ? -11.52418 -5.29102  -1.50446  1.000 5.86593  ? 2   LEU C CD2  1 
ATOM   357 H HA   . LEU C 1 2  ? -8.85433  -4.23281  -1.63621  1.000 8.32390  ? 2   LEU C HA   1 
ATOM   358 H HB2  . LEU C 1 2  ? -9.80189  -4.70986  -4.25857  1.000 8.41439  ? 2   LEU C HB2  1 
ATOM   359 H HB3  . LEU C 1 2  ? -9.74206  -5.88224  -3.18742  1.000 8.41439  ? 2   LEU C HB3  1 
ATOM   360 H HG   . LEU C 1 2  ? -11.17724 -3.55665  -2.55866  1.000 9.17470  ? 2   LEU C HG   1 
ATOM   361 H HD11 . LEU C 1 2  ? -11.99187 -4.33899  -4.66532  1.000 7.80006  ? 2   LEU C HD11 1 
ATOM   362 H HD12 . LEU C 1 2  ? -12.50991 -5.62735  -3.89379  1.000 7.80006  ? 2   LEU C HD12 1 
ATOM   363 H HD13 . LEU C 1 2  ? -13.09181 -4.19513  -3.52825  1.000 7.80006  ? 2   LEU C HD13 1 
ATOM   364 H HD21 . LEU C 1 2  ? -12.32840 -4.92846  -1.10112  1.000 7.07914  ? 2   LEU C HD21 1 
ATOM   365 H HD22 . LEU C 1 2  ? -11.66210 -6.22239  -1.73777  1.000 7.07914  ? 2   LEU C HD22 1 
ATOM   366 H HD23 . LEU C 1 2  ? -10.77988 -5.21127  -0.88758  1.000 7.07914  ? 2   LEU C HD23 1 
HETATM 367 N N    . AIB C 1 3  ? -6.75906  -4.69530  -3.97813  1.000 7.71599  ? 3   AIB C N    1 
HETATM 368 C CA   . AIB C 1 3  ? -5.52835  -5.38431  -4.34759  1.000 7.60141  ? 3   AIB C CA   1 
HETATM 369 C C    . AIB C 1 3  ? -4.37616  -5.07476  -3.36376  1.000 6.20831  ? 3   AIB C C    1 
HETATM 370 O O    . AIB C 1 3  ? -3.61689  -5.93140  -2.88374  1.000 7.08846  ? 3   AIB C O    1 
HETATM 371 C CB1  . AIB C 1 3  ? -5.83279  -6.88386  -4.34765  1.000 9.26702  ? 3   AIB C CB1  1 
HETATM 372 C CB2  . AIB C 1 3  ? -5.09874  -5.00667  -5.77699  1.000 5.77880  ? 3   AIB C CB2  1 
HETATM 373 H H    . AIB C 1 3  ? -6.84746  -3.84275  -4.49518  1.000 9.29921  ? 3   AIB C H    1 
HETATM 374 H HB11 . AIB C 1 3  ? -5.24933  -7.38633  -5.15547  1.000 11.16044 ? 3   AIB C HB11 1 
HETATM 375 H HB12 . AIB C 1 3  ? -5.55126  -7.32511  -3.36201  1.000 11.16044 ? 3   AIB C HB12 1 
HETATM 376 H HB13 . AIB C 1 3  ? -6.92241  -7.04669  -4.52554  1.000 11.16044 ? 3   AIB C HB13 1 
HETATM 377 H HB21 . AIB C 1 3  ? -5.99997  -4.69412  -6.35817  1.000 6.97458  ? 3   AIB C HB21 1 
HETATM 378 H HB22 . AIB C 1 3  ? -4.36759  -4.16366  -5.72742  1.000 6.97458  ? 3   AIB C HB22 1 
HETATM 379 H HB23 . AIB C 1 3  ? -4.62330  -5.89382  -6.26136  1.000 6.97458  ? 3   AIB C HB23 1 
ATOM   380 N N    . ALA C 1 4  ? -4.25998  -3.79005  -3.03685  1.000 5.85402  ? 4   ALA C N    1 
ATOM   381 C CA   . ALA C 1 4  ? -3.25075  -3.30377  -2.10190  1.000 5.81357  ? 4   ALA C CA   1 
ATOM   382 C C    . ALA C 1 4  ? -3.43731  -3.89932  -0.71537  1.000 7.50142  ? 4   ALA C C    1 
ATOM   383 O O    . ALA C 1 4  ? -2.47330  -4.14671  0.01395   1.000 7.13197  ? 4   ALA C O    1 
ATOM   384 C CB   . ALA C 1 4  ? -3.34294  -1.81559  -2.00714  1.000 11.14319 ? 4   ALA C CB   1 
ATOM   385 H H    . ALA C 1 4  ? -4.76433  -3.16766  -3.34966  1.000 7.06484  ? 4   ALA C H    1 
ATOM   386 H HA   . ALA C 1 4  ? -2.37451  -3.56264  -2.42762  1.000 7.01631  ? 4   ALA C HA   1 
ATOM   387 H HB1  . ALA C 1 4  ? -2.51483  -1.47076  -1.63805  1.000 13.41185 ? 4   ALA C HB1  1 
ATOM   388 H HB2  . ALA C 1 4  ? -3.48678  -1.45097  -2.89441  1.000 13.41185 ? 4   ALA C HB2  1 
ATOM   389 H HB3  . ALA C 1 4  ? -4.08566  -1.58139  -1.42886  1.000 13.41185 ? 4   ALA C HB3  1 
ATOM   390 N N    . CYS C 1 5  ? -4.68640  -4.12174  -0.32582  1.000 7.74155  ? 5   CYS C N    1 
ATOM   391 C CA   . CYS C 1 5  ? -4.93137  -4.57726  1.03381   1.000 6.10611  ? 5   CYS C CA   1 
ATOM   392 C C    . CYS C 1 5  ? -4.60692  -6.05491  1.17645   1.000 6.41070  ? 5   CYS C C    1 
ATOM   393 O O    . CYS C 1 5  ? -4.06151  -6.47286  2.20414   1.000 7.48611  ? 5   CYS C O    1 
ATOM   394 C CB   . CYS C 1 5  ? -6.36264  -4.22053  1.43865   1.000 8.35969  ? 5   CYS C CB   1 
ATOM   395 S SG   . CYS C 1 5  ? -6.61060  -2.40488  1.60245   1.000 12.42088 ? 5   CYS C SG   1 
ATOM   396 H H    . CYS C 1 5  ? -5.38711  -4.01972  -0.81388  1.000 9.32988  ? 5   CYS C H    1 
ATOM   397 H HA   . CYS C 1 5  ? -4.35482  -4.11612  1.66298   1.000 7.36735  ? 5   CYS C HA   1 
ATOM   398 H HB2  . CYS C 1 5  ? -6.97501  -4.54947  0.76213   1.000 10.07165 ? 5   CYS C HB2  1 
ATOM   399 H HB3  . CYS C 1 5  ? -6.56198  -4.63129  2.29448   1.000 10.07165 ? 5   CYS C HB3  1 
ATOM   400 H HG   . CYS C 1 5  ? -6.06182  -1.85172  0.68983   1.000 14.94508 ? 5   CYS C HG   1 
ATOM   401 N N    . LEU C 1 6  ? -4.87385  -6.84573  0.14967   1.000 6.22417  ? 6   LEU C N    1 
ATOM   402 C CA   . LEU C 1 6  ? -4.37206  -8.20934  0.09817   1.000 7.85649  ? 6   LEU C CA   1 
ATOM   403 C C    . LEU C 1 6  ? -2.84936  -8.21099  0.24106   1.000 5.99042  ? 6   LEU C C    1 
ATOM   404 O O    . LEU C 1 6  ? -2.27612  -8.93264  1.07087   1.000 7.63121  ? 6   LEU C O    1 
ATOM   405 C CB   . LEU C 1 6  ? -4.77692  -8.83634  -1.22556  1.000 6.69737  ? 6   LEU C CB   1 
ATOM   406 C CG   . LEU C 1 6  ? -4.20863  -10.21251 -1.54722  1.000 7.37376  ? 6   LEU C CG   1 
ATOM   407 C CD1  . LEU C 1 6  ? -4.58417  -11.21419 -0.45163  1.000 6.34535  ? 6   LEU C CD1  1 
ATOM   408 C CD2  . LEU C 1 6  ? -4.73826  -10.66502 -2.89428  1.000 6.63083  ? 6   LEU C CD2  1 
ATOM   409 H H    . LEU C 1 6  ? -5.34485  -6.61614  -0.53227  1.000 7.50903  ? 6   LEU C H    1 
ATOM   410 H HA   . LEU C 1 6  ? -4.74468  -8.73995  0.81963   1.000 9.46782  ? 6   LEU C HA   1 
ATOM   411 H HB2  . LEU C 1 6  ? -5.74311  -8.92195  -1.23115  1.000 8.07687  ? 6   LEU C HB2  1 
ATOM   412 H HB3  . LEU C 1 6  ? -4.49251  -8.24069  -1.93633  1.000 8.07687  ? 6   LEU C HB3  1 
ATOM   413 H HG   . LEU C 1 6  ? -3.24029  -10.17273 -1.58765  1.000 8.88853  ? 6   LEU C HG   1 
ATOM   414 H HD11 . LEU C 1 6  ? -3.96470  -11.11941 0.28875   1.000 7.65444  ? 6   LEU C HD11 1 
ATOM   415 H HD12 . LEU C 1 6  ? -5.48826  -11.03036 -0.15208  1.000 7.65444  ? 6   LEU C HD12 1 
ATOM   416 H HD13 . LEU C 1 6  ? -4.53192  -12.11257 -0.81370  1.000 7.65444  ? 6   LEU C HD13 1 
ATOM   417 H HD21 . LEU C 1 6  ? -4.79449  -11.63336 -2.90241  1.000 7.99702  ? 6   LEU C HD21 1 
ATOM   418 H HD22 . LEU C 1 6  ? -5.61837  -10.28140 -3.03264  1.000 7.99702  ? 6   LEU C HD22 1 
ATOM   419 H HD23 . LEU C 1 6  ? -4.13279  -10.36300 -3.58933  1.000 7.99702  ? 6   LEU C HD23 1 
HETATM 420 N N    . AIB C 1 7  ? -2.20370  -7.39778  -0.58393  1.000 6.16015  ? 7   AIB C N    1 
HETATM 421 C CA   . AIB C 1 7  ? -0.77035  -7.24340  -0.53947  1.000 9.64215  ? 7   AIB C CA   1 
HETATM 422 C C    . AIB C 1 7  ? -0.22565  -6.93258  0.85840   1.000 6.97092  ? 7   AIB C C    1 
HETATM 423 O O    . AIB C 1 7  ? 0.70048   -7.55287  1.42156   1.000 8.21980  ? 7   AIB C O    1 
HETATM 424 C CB1  . AIB C 1 7  ? -0.09948  -8.55667  -0.96411  1.000 10.35126 ? 7   AIB C CB1  1 
HETATM 425 C CB2  . AIB C 1 7  ? -0.28204  -6.09653  -1.44826  1.000 9.13823  ? 7   AIB C CB2  1 
HETATM 426 H H    . AIB C 1 7  ? -2.55252  -7.10969  -1.47686  1.000 7.43220  ? 7   AIB C H    1 
HETATM 427 H HB11 . AIB C 1 7  ? 0.69088   -8.34716  -1.72364  1.000 12.46153 ? 7   AIB C HB11 1 
HETATM 428 H HB12 . AIB C 1 7  ? 0.36524   -9.04642  -0.07549  1.000 12.46153 ? 7   AIB C HB12 1 
HETATM 429 H HB13 . AIB C 1 7  ? -0.86097  -9.24272  -1.40563  1.000 12.46153 ? 7   AIB C HB13 1 
HETATM 430 H HB21 . AIB C 1 7  ? -0.98974  -5.23659  -1.36246  1.000 11.00589 ? 7   AIB C HB21 1 
HETATM 431 H HB22 . AIB C 1 7  ? 0.73898   -5.78217  -1.12212  1.000 11.00589 ? 7   AIB C HB22 1 
HETATM 432 H HB23 . AIB C 1 7  ? -0.24899  -6.45727  -2.50489  1.000 11.00589 ? 7   AIB C HB23 1 
ATOM   433 N N    . CYS C 1 8  ? -0.82398  -5.90446  1.43356   1.000 6.66652  ? 8   CYS C N    1 
ATOM   434 C CA   . CYS C 1 8  ? -0.52749  -5.51832  2.79824   1.000 8.36280  ? 8   CYS C CA   1 
ATOM   435 C C    . CYS C 1 8  ? -0.61492  -6.68693  3.76593   1.000 7.41402  ? 8   CYS C C    1 
ATOM   436 O O    . CYS C 1 8  ? 0.31466   -6.92442  4.56359   1.000 6.41928  ? 8   CYS C O    1 
ATOM   437 C CB   . CYS C 1 8  ? -1.51012  -4.45118  3.25071   1.000 12.06235 ? 8   CYS C CB   1 
ATOM   438 S SG   . CYS C 1 8  ? -1.09583  -3.76418  4.85188   1.000 13.31192 ? 8   CYS C SG   1 
ATOM   439 H H    . CYS C 1 8  ? -1.41252  -5.40887  1.04936   0.687 8.03985  ? 8   CYS C H    1 
ATOM   440 H HA   . CYS C 1 8  ? 0.38008   -5.17678  2.82227   0.873 10.07538 ? 8   CYS C HA   1 
ATOM   441 H HB2  . CYS C 1 8  ? -1.51071  -3.72800  2.60425   0.009 14.51485 ? 8   CYS C HB2  1 
ATOM   442 H HB3  . CYS C 1 8  ? -2.39555  -4.84262  3.31144   1.000 14.51485 ? 8   CYS C HB3  1 
ATOM   443 H HG   . CYS C 1 8  ? -1.83357  -2.84724  5.08631   0.044 16.01432 ? 8   CYS C HG   1 
HETATM 444 N N    . AIB C 1 9  ? -1.71504  -7.43092  3.69686   1.000 7.18707  ? 9   AIB C N    1 
HETATM 445 C CA   . AIB C 1 9  ? -1.95976  -8.53343  4.61509   1.000 6.38737  ? 9   AIB C CA   1 
HETATM 446 C C    . AIB C 1 9  ? -0.84536  -9.58741  4.65892   1.000 7.33632  ? 9   AIB C C    1 
HETATM 447 O O    . AIB C 1 9  ? -0.47600  -10.18612 5.68264   1.000 7.45313  ? 9   AIB C O    1 
HETATM 448 C CB1  . AIB C 1 9  ? -2.19477  -8.05264  6.06947   1.000 9.21665  ? 9   AIB C CB1  1 
HETATM 449 C CB2  . AIB C 1 9  ? -3.17260  -9.33414  4.14593   1.000 7.25438  ? 9   AIB C CB2  1 
HETATM 450 H H    . AIB C 1 9  ? -2.26583  -7.54482  2.86882   0.814 8.66450  ? 9   AIB C H    1 
HETATM 451 H HB11 . AIB C 1 9  ? -3.28714  -8.06368  6.29767   1.000 11.10000 ? 9   AIB C HB11 1 
HETATM 452 H HB12 . AIB C 1 9  ? -1.66393  -8.72982  6.78017   1.000 11.10000 ? 9   AIB C HB12 1 
HETATM 453 H HB13 . AIB C 1 9  ? -1.80448  -7.01412  6.19027   1.000 11.10000 ? 9   AIB C HB13 1 
HETATM 454 H HB21 . AIB C 1 9  ? -3.20233  -9.33056  3.02933   1.000 8.74528  ? 9   AIB C HB21 1 
HETATM 455 H HB22 . AIB C 1 9  ? -3.08431  -10.38287 4.52017   1.000 8.74528  ? 9   AIB C HB22 1 
HETATM 456 H HB23 . AIB C 1 9  ? -4.10023  -8.86274  4.55210   1.000 8.74528  ? 9   AIB C HB23 1 
ATOM   457 N N    . LEU C 1 10 ? -0.28872  -9.81696  3.47435   1.000 6.73747  ? 10  LEU C N    1 
ATOM   458 C CA   . LEU C 1 10 ? 0.67134   -10.88897 3.27186   1.000 7.32380  ? 10  LEU C CA   1 
ATOM   459 C C    . LEU C 1 10 ? 2.09303   -10.35337 3.29014   1.000 7.19693  ? 10  LEU C C    1 
ATOM   460 O O    . LEU C 1 10 ? 3.03881   -11.06519 2.92382   1.000 8.62064  ? 10  LEU C O    1 
ATOM   461 C CB   . LEU C 1 10 ? 0.37847   -11.57136 1.92746   1.000 7.29831  ? 10  LEU C CB   1 
ATOM   462 C CG   . LEU C 1 10 ? -1.00685  -12.26482 1.86054   1.000 7.01640  ? 10  LEU C CG   1 
ATOM   463 C CD1  . LEU C 1 10 ? -1.35737  -12.81975 0.49217   1.000 6.16824  ? 10  LEU C CD1  1 
ATOM   464 C CD2  . LEU C 1 10 ? -1.13561  -13.37729 2.87539   1.000 7.91034  ? 10  LEU C CD2  1 
ATOM   465 H H    . LEU C 1 10 ? -0.45404  -9.35912  2.76536   1.000 8.12499  ? 10  LEU C H    1 
ATOM   466 H HA   . LEU C 1 10 ? 0.59672   -11.54439 3.98302   1.000 8.82859  ? 10  LEU C HA   1 
ATOM   467 H HB2  . LEU C 1 10 ? 0.40797   -10.90140 1.22661   1.000 8.79800  ? 10  LEU C HB2  1 
ATOM   468 H HB3  . LEU C 1 10 ? 1.05562   -12.24752 1.76878   1.000 8.79800  ? 10  LEU C HB3  1 
ATOM   469 H HG   . LEU C 1 10 ? -1.64230  -11.56037 2.06271   1.000 8.45970  ? 10  LEU C HG   1 
ATOM   470 H HD11 . LEU C 1 10 ? -2.15996  -13.35942 0.56637   1.000 7.44191  ? 10  LEU C HD11 1 
ATOM   471 H HD12 . LEU C 1 10 ? -1.51038  -12.08159 -0.11824  1.000 7.44191  ? 10  LEU C HD12 1 
ATOM   472 H HD13 . LEU C 1 10 ? -0.62059  -13.36466 0.17418   1.000 7.44191  ? 10  LEU C HD13 1 
ATOM   473 H HD21 . LEU C 1 10 ? -0.87126  -13.04226 3.74647   1.000 9.53243  ? 10  LEU C HD21 1 
ATOM   474 H HD22 . LEU C 1 10 ? -2.05825  -13.67549 2.90174   1.000 9.53243  ? 10  LEU C HD22 1 
ATOM   475 H HD23 . LEU C 1 10 ? -0.55802  -14.11149 2.61414   1.000 9.53243  ? 10  LEU C HD23 1 
HETATM 476 C C11  . I77 C 1 11 ? 6.17569   -7.41550  4.59137   1.000 10.91429 ? 11  I77 C C11  1 
HETATM 477 C C12  . I77 C 1 11 ? 5.85495   -8.75039  4.90823   1.000 9.18092  ? 11  I77 C C12  1 
HETATM 478 C C13  . I77 C 1 11 ? 4.41333   -9.22876  5.01411   1.000 9.61340  ? 11  I77 C C13  1 
HETATM 479 C C17  . I77 C 1 11 ? 6.88202   -9.68370  5.08830   1.000 9.33754  ? 11  I77 C C17  1 
HETATM 480 C C18  . I77 C 1 11 ? 8.18726   -9.21671  4.96442   1.000 7.63026  ? 11  I77 C C18  1 
HETATM 481 C C02  . I77 C 1 11 ? 14.04048  -6.88627  5.02472   1.000 12.08048 ? 11  I77 C C02  1 
HETATM 482 C C03  . I77 C 1 11 ? 12.49987  -7.02573  4.80903   1.000 16.85287 ? 11  I77 C C03  1 
HETATM 483 C C04  . I77 C 1 11 ? 11.73125  -6.11923  4.06119   1.000 16.31012 ? 11  I77 C C04  1 
HETATM 484 C C05  . I77 C 1 11 ? 10.34960  -6.35678  3.97053   1.000 14.00033 ? 11  I77 C C05  1 
HETATM 485 C C06  . I77 C 1 11 ? 11.91064  -8.14741  5.45776   1.000 17.56405 ? 11  I77 C C06  1 
HETATM 486 C C08  . I77 C 1 11 ? 9.86044   -7.49192  4.60425   1.000 13.48295 ? 11  I77 C C08  1 
HETATM 487 C C09  . I77 C 1 11 ? 8.45413   -7.87604  4.64702   1.000 11.23651 ? 11  I77 C C09  1 
HETATM 488 N N01  . I77 C 1 11 ? 14.60111  -7.47185  6.22962   1.000 12.91840 ? 11  I77 C N01  1 
HETATM 489 N N07  . I77 C 1 11 ? 10.64171  -8.32225  5.32970   1.000 17.38472 ? 11  I77 C N07  1 
HETATM 490 N N10  . I77 C 1 11 ? 7.47616   -6.99640  4.48857   1.000 13.66956 ? 11  I77 C N10  1 
HETATM 491 N N14  . I77 C 1 11 ? 3.46213   -8.68582  4.01732   1.000 7.77108  ? 11  I77 C N14  1 
HETATM 492 N N15  . I77 C 1 11 ? 2.13310   -9.11323  4.00074   1.000 7.34491  ? 11  I77 C N15  1 
HETATM 493 O O16  . I77 C 1 11 ? 4.07064   -9.99353  5.81447   1.000 7.23434  ? 11  I77 C O16  1 
HETATM 494 O O19  . I77 C 1 11 ? 14.72382  -6.28585  4.21586   1.000 13.13036 ? 11  I77 C O19  1 
HETATM 495 H H111 . I77 C 1 11 ? 5.33340   -6.66598  4.41629   1.000 13.13717 ? 11  I77 C H111 1 
HETATM 496 H H171 . I77 C 1 11 ? 6.66989   -10.72153 5.31368   1.000 11.24507 ? 11  I77 C H171 1 
HETATM 497 H H181 . I77 C 1 11 ? 9.01352   -9.90182  5.11604   1.000 9.19634  ? 11  I77 C H181 1 
HETATM 498 H H041 . I77 C 1 11 ? 12.18900  -5.26343  3.56944   1.000 19.61216 ? 11  I77 C H041 1 
HETATM 499 H H051 . I77 C 1 11 ? 9.72805   -5.71739  3.45701   1.000 16.84042 ? 11  I77 C H051 1 
HETATM 500 H H061 . I77 C 1 11 ? 12.50828  -8.82867  6.03782   1.000 21.11689 ? 11  I77 C H061 1 
HETATM 501 H H011 . I77 C 1 11 ? 15.59921  -7.39895  6.40860   1.000 15.54210 ? 11  I77 C H011 1 
HETATM 502 H H012 . I77 C 1 11 ? 14.00420  -7.95945  6.88909   1.000 15.54210 ? 11  I77 C H012 1 
HETATM 503 H H141 . I77 C 1 11 ? 3.77060   -8.01289  3.35546   1.000 9.36532  ? 11  I77 C H141 1 
HETATM 504 H H1   . I77 C 1 11 ? 1.59695   -8.51651  3.40370   1.000 8.85392  ? 11  I77 C H1   1 
HETATM 505 N N    . NIO D 1 1  ? -2.12051  -23.61203 5.53942   1.000 14.72808 ? 1   NIO D N    1 
HETATM 506 C C1   . NIO D 1 1  ? -1.87325  -22.46670 4.88890   1.000 14.39025 ? 1   NIO D C1   1 
HETATM 507 C C2   . NIO D 1 1  ? -2.02750  -22.30557 3.52025   1.000 11.65322 ? 1   NIO D C2   1 
HETATM 508 C C3   . NIO D 1 1  ? -2.45237  -23.40460 2.79419   1.000 11.38900 ? 1   NIO D C3   1 
HETATM 509 C C4   . NIO D 1 1  ? -2.69585  -24.60160 3.44367   1.000 13.71427 ? 1   NIO D C4   1 
HETATM 510 C C5   . NIO D 1 1  ? -2.52116  -24.65328 4.81161   1.000 10.77393 ? 1   NIO D C5   1 
HETATM 511 C C6   . NIO D 1 1  ? -1.73828  -21.00294 2.86070   1.000 10.33153 ? 1   NIO D C6   1 
HETATM 512 O O2   . NIO D 1 1  ? -2.65367  -20.59093 2.01391   1.000 11.82007 ? 1   NIO D O2   1 
HETATM 513 H H1   . NIO D 1 1  ? -1.58077  -21.73644 5.38495   1.000 17.30832 ? 1   NIO D H1   1 
HETATM 514 H H3   . NIO D 1 1  ? -2.57356  -23.33877 1.87447   1.000 13.70682 ? 1   NIO D H3   1 
HETATM 515 H H4   . NIO D 1 1  ? -2.97059  -25.35323 2.96990   1.000 16.49714 ? 1   NIO D H4   1 
HETATM 516 H H5   . NIO D 1 1  ? -2.69198  -25.45662 5.24792   1.000 12.96874 ? 1   NIO D H5   1 
ATOM   517 N N    . LEU D 1 2  ? -1.02006  -19.95500 3.50517   1.000 7.67507  ? 2   LEU D N    1 
ATOM   518 C CA   . LEU D 1 2  ? -0.75122  -18.65166 2.93257   1.000 8.00347  ? 2   LEU D CA   1 
ATOM   519 C C    . LEU D 1 2  ? -0.74045  -18.62998 1.43375   1.000 6.49293  ? 2   LEU D C    1 
ATOM   520 O O    . LEU D 1 2  ? -1.46287  -17.83852 0.79495   1.000 7.78486  ? 2   LEU D O    1 
ATOM   521 C CB   . LEU D 1 2  ? 0.57602   -18.10717 3.43574   1.000 12.49281 ? 2   LEU D CB   1 
ATOM   522 C CG   . LEU D 1 2  ? 0.49969   -17.58433 4.87251   1.000 16.40359 ? 2   LEU D CG   1 
ATOM   523 C CD1  . LEU D 1 2  ? 1.84534   -17.59675 5.62361   1.000 13.19041 ? 2   LEU D CD1  1 
ATOM   524 C CD2  . LEU D 1 2  ? -0.04827  -16.15281 4.79619   1.000 21.93224 ? 2   LEU D CD2  1 
ATOM   525 H HA   . LEU D 1 2  ? -1.47807  -18.07620 3.21792   1.000 9.64418  ? 2   LEU D HA   1 
ATOM   526 H HB2  . LEU D 1 2  ? 1.23726   -18.81636 3.40896   1.000 15.03139 ? 2   LEU D HB2  1 
ATOM   527 H HB3  . LEU D 1 2  ? 0.85233   -17.37417 2.86368   1.000 15.03139 ? 2   LEU D HB3  1 
ATOM   528 H HG   . LEU D 1 2  ? -0.07397  -18.17136 5.38943   1.000 19.72434 ? 2   LEU D HG   1 
ATOM   529 H HD11 . LEU D 1 2  ? 2.45847   -16.98768 5.18318   1.000 15.86852 ? 2   LEU D HD11 1 
ATOM   530 H HD12 . LEU D 1 2  ? 1.69838   -17.31326 6.53955   1.000 15.86852 ? 2   LEU D HD12 1 
ATOM   531 H HD13 . LEU D 1 2  ? 2.20639   -18.49695 5.60986   1.000 15.86852 ? 2   LEU D HD13 1 
ATOM   532 H HD21 . LEU D 1 2  ? -0.62822  -15.99564 5.55768   1.000 26.35871 ? 2   LEU D HD21 1 
ATOM   533 H HD22 . LEU D 1 2  ? 0.69446   -15.52911 4.81176   1.000 26.35871 ? 2   LEU D HD22 1 
ATOM   534 H HD23 . LEU D 1 2  ? -0.54932  -16.04999 3.97201   1.000 26.35871 ? 2   LEU D HD23 1 
HETATM 535 N N    . AIB D 1 3  ? 0.07997   -19.48931 0.85814   1.000 5.11832  ? 3   AIB D N    1 
HETATM 536 C CA   . AIB D 1 3  ? 0.23383   -19.52211 -0.56196  1.000 7.91890  ? 3   AIB D CA   1 
HETATM 537 C C    . AIB D 1 3  ? -1.13133  -19.69180 -1.25083  1.000 5.92715  ? 3   AIB D C    1 
HETATM 538 O O    . AIB D 1 3  ? -1.54474  -18.97673 -2.18035  1.000 7.35118  ? 3   AIB D O    1 
HETATM 539 C CB1  . AIB D 1 3  ? 0.84170   -18.17441 -0.98078  1.000 8.44246  ? 3   AIB D CB1  1 
HETATM 540 C CB2  . AIB D 1 3  ? 1.19611   -20.66139 -0.95942  1.000 8.58228  ? 3   AIB D CB2  1 
HETATM 541 H H    . AIB D 1 3  ? 0.37322   -20.35508 1.26614   1.000 6.18201  ? 3   AIB D H    1 
HETATM 542 H HB11 . AIB D 1 3  ? 1.55758   -18.32979 -1.82270  1.000 10.17097 ? 3   AIB D HB11 1 
HETATM 543 H HB12 . AIB D 1 3  ? 0.03095   -17.48210 -1.31068  1.000 10.17097 ? 3   AIB D HB12 1 
HETATM 544 H HB13 . AIB D 1 3  ? 1.38325   -17.72101 -0.11672  1.000 10.17097 ? 3   AIB D HB13 1 
HETATM 545 H HB21 . AIB D 1 3  ? 1.20675   -21.42946 -0.14846  1.000 10.33876 ? 3   AIB D HB21 1 
HETATM 546 H HB22 . AIB D 1 3  ? 0.84219   -21.12152 -1.91373  1.000 10.33876 ? 3   AIB D HB22 1 
HETATM 547 H HB23 . AIB D 1 3  ? 2.22168   -20.24099 -1.09788  1.000 10.33876 ? 3   AIB D HB23 1 
ATOM   548 N N    . ALA D 1 4  ? -1.87587  -20.66977 -0.74760  1.000 6.47991  ? 4   ALA D N    1 
ATOM   549 C CA   . ALA D 1 4  ? -3.17865  -21.01194 -1.31576  1.000 9.84376  ? 4   ALA D CA   1 
ATOM   550 C C    . ALA D 1 4  ? -4.20609  -19.89674 -1.15969  1.000 9.80261  ? 4   ALA D C    1 
ATOM   551 O O    . ALA D 1 4  ? -5.06433  -19.70037 -2.01413  1.000 8.64843  ? 4   ALA D O    1 
ATOM   552 C CB   . ALA D 1 4  ? -3.69735  -22.28389 -0.70026  1.000 10.04233 ? 4   ALA D CB   1 
ATOM   553 H H    . ALA D 1 4  ? -1.64958  -21.15386 -0.07378  1.000 7.81591  ? 4   ALA D H    1 
ATOM   554 H HA   . ALA D 1 4  ? -3.05560  -21.14841 -2.26819  1.000 11.85254 ? 4   ALA D HA   1 
ATOM   555 H HB1  . ALA D 1 4  ? -3.45571  -23.03144 -1.26919  1.000 12.09082 ? 4   ALA D HB1  1 
ATOM   556 H HB2  . ALA D 1 4  ? -3.30033  -22.39462 0.17781   1.000 12.09082 ? 4   ALA D HB2  1 
ATOM   557 H HB3  . ALA D 1 4  ? -4.66245  -22.22619 -0.62202  1.000 12.09082 ? 4   ALA D HB3  1 
ATOM   558 N N    A CYS D 1 5  ? -4.12859  -19.14210 -0.06885  0.259 8.93402  ? 5   CYS D N    1 
ATOM   559 N N    B CYS D 1 5  ? -4.12893  -19.20526 -0.02526  0.741 7.51779  ? 5   CYS D N    1 
ATOM   560 C CA   A CYS D 1 5  ? -5.07101  -18.04473 0.10367   0.259 8.15653  ? 5   CYS D CA   1 
ATOM   561 C CA   B CYS D 1 5  ? -4.96522  -18.03219 0.19917   0.741 7.48930  ? 5   CYS D CA   1 
ATOM   562 C C    A CYS D 1 5  ? -4.73874  -16.84842 -0.77911  0.259 9.18180  ? 5   CYS D C    1 
ATOM   563 C C    B CYS D 1 5  ? -4.74187  -16.97856 -0.87303  0.741 8.59508  ? 5   CYS D C    1 
ATOM   564 O O    A CYS D 1 5  ? -5.62915  -16.03838 -1.06251  0.259 11.17329 ? 5   CYS D O    1 
ATOM   565 O O    B CYS D 1 5  ? -5.70243  -16.39895 -1.39820  0.741 6.35175  ? 5   CYS D O    1 
ATOM   566 C CB   A CYS D 1 5  ? -5.14970  -17.65225 1.57796   0.259 8.08318  ? 5   CYS D CB   1 
ATOM   567 C CB   B CYS D 1 5  ? -4.62697  -17.45676 1.56977   0.741 10.92419 ? 5   CYS D CB   1 
ATOM   568 S SG   A CYS D 1 5  ? -5.87330  -18.96517 2.59515   0.259 7.47466  ? 5   CYS D SG   1 
ATOM   569 S SG   B CYS D 1 5  ? -5.03372  -15.72801 1.72467   0.741 12.85216 ? 5   CYS D SG   1 
ATOM   570 H H    A CYS D 1 5  ? -3.55717  -19.24209 0.56604   0.259 10.76085 ? 5   CYS D H    1 
ATOM   571 H H    B CYS D 1 5  ? -3.60241  -19.39367 0.62809   0.741 9.06137  ? 5   CYS D H    1 
ATOM   572 H HA   A CYS D 1 5  ? -5.96054  -18.33600 -0.15087  0.259 9.82785  ? 5   CYS D HA   1 
ATOM   573 H HA   B CYS D 1 5  ? -5.90015  -18.28929 0.17274   0.741 9.02719  ? 5   CYS D HA   1 
ATOM   574 H HB2  A CYS D 1 5  ? -4.25535  -17.47163 1.90722   0.259 9.73984  ? 5   CYS D HB2  1 
ATOM   575 H HB2  B CYS D 1 5  ? -5.12491  -17.94252 2.24580   0.741 13.14905 ? 5   CYS D HB2  1 
ATOM   576 H HB3  A CYS D 1 5  ? -5.70235  -16.86010 1.66719   0.259 9.73984  ? 5   CYS D HB3  1 
ATOM   577 H HB3  B CYS D 1 5  ? -3.67449  -17.55460 1.72500   0.741 13.14905 ? 5   CYS D HB3  1 
ATOM   578 H HG   A CYS D 1 5  ? -6.99259  -19.17886 2.21894   0.259 9.00962  ? 5   CYS D HG   1 
ATOM   579 H HG   B CYS D 1 5  ? -6.19511  -15.57507 1.46433   0.741 15.46261 ? 5   CYS D HG   1 
ATOM   580 N N    . LEU D 1 6  ? -3.48940  -16.70930 -1.20827  1.000 7.47575  ? 6   LEU D N    1 
ATOM   581 C CA   . LEU D 1 6  ? -3.13608  -15.75914 -2.24884  1.000 9.08459  ? 6   LEU D CA   1 
ATOM   582 C C    . LEU D 1 6  ? -3.73645  -16.19241 -3.57929  1.000 8.17412  ? 6   LEU D C    1 
ATOM   583 O O    . LEU D 1 6  ? -4.42576  -15.42068 -4.25018  1.000 7.80981  ? 6   LEU D O    1 
ATOM   584 C CB   . LEU D 1 6  ? -1.61885  -15.69968 -2.41310  1.000 10.47574 ? 6   LEU D CB   1 
ATOM   585 C CG   . LEU D 1 6  ? -1.01792  -14.91162 -3.59913  1.000 10.64873 ? 6   LEU D CG   1 
ATOM   586 C CD1  . LEU D 1 6  ? -1.52900  -13.46682 -3.66957  1.000 11.49599 ? 6   LEU D CD1  1 
ATOM   587 C CD2  . LEU D 1 6  ? 0.50164   -14.89499 -3.55131  1.000 11.26150 ? 6   LEU D CD2  1 
ATOM   588 H H    . LEU D 1 6  ? -2.80551  -17.07495 -0.83654  0.451 9.01092  ? 6   LEU D H    1 
ATOM   589 H HA   . LEU D 1 6  ? -3.46962  -14.88160 -2.00479  1.000 10.94153 ? 6   LEU D HA   1 
ATOM   590 H HB2  . LEU D 1 6  ? -1.25586  -15.29952 -1.60748  1.000 12.61091 ? 6   LEU D HB2  1 
ATOM   591 H HB3  . LEU D 1 6  ? -1.30133  -16.61187 -2.50251  1.000 12.61091 ? 6   LEU D HB3  1 
ATOM   592 H HG   . LEU D 1 6  ? -1.30658  -15.37339 -4.40185  1.000 12.81850 ? 6   LEU D HG   1 
ATOM   593 H HD11 . LEU D 1 6  ? -0.76968  -12.86540 -3.72088  1.000 13.83521 ? 6   LEU D HD11 1 
ATOM   594 H HD12 . LEU D 1 6  ? -2.08440  -13.36641 -4.45845  1.000 13.83521 ? 6   LEU D HD12 1 
ATOM   595 H HD13 . LEU D 1 6  ? -2.04852  -13.27642 -2.87286  1.000 13.83521 ? 6   LEU D HD13 1 
ATOM   596 H HD21 . LEU D 1 6  ? 0.83493   -14.35860 -4.28760  1.000 13.55382 ? 6   LEU D HD21 1 
ATOM   597 H HD22 . LEU D 1 6  ? 0.78686   -14.51165 -2.70716  1.000 13.55382 ? 6   LEU D HD22 1 
ATOM   598 H HD23 . LEU D 1 6  ? 0.83003   -15.80437 -3.62940  1.000 13.55382 ? 6   LEU D HD23 1 
HETATM 599 N N    . AIB D 1 7  ? -3.43538  -17.42061 -3.97602  1.000 8.86220  ? 7   AIB D N    1 
HETATM 600 C CA   . AIB D 1 7  ? -3.92509  -17.97313 -5.22126  1.000 9.13979  ? 7   AIB D CA   1 
HETATM 601 C C    . AIB D 1 7  ? -5.44968  -17.75374 -5.36919  1.000 13.23975 ? 7   AIB D C    1 
HETATM 602 O O    . AIB D 1 7  ? -6.00757  -17.30394 -6.39951  1.000 18.01505 ? 7   AIB D O    1 
HETATM 603 C CB1  . AIB D 1 7  ? -3.25738  -17.29177 -6.43334  1.000 7.61651  ? 7   AIB D CB1  1 
HETATM 604 C CB2  . AIB D 1 7  ? -3.64670  -19.48973 -5.27248  1.000 8.23260  ? 7   AIB D CB2  1 
HETATM 605 H H    . AIB D 1 7  ? -2.62327  -17.92339 -3.67654  1.000 10.67466 ? 7   AIB D H    1 
HETATM 606 H HB11 . AIB D 1 7  ? -2.25373  -16.90165 -6.14012  1.000 9.17983  ? 7   AIB D HB11 1 
HETATM 607 H HB12 . AIB D 1 7  ? -3.13715  -18.03036 -7.26127  1.000 9.17983  ? 7   AIB D HB12 1 
HETATM 608 H HB13 . AIB D 1 7  ? -3.89245  -16.44452 -6.78589  1.000 9.17983  ? 7   AIB D HB13 1 
HETATM 609 H HB21 . AIB D 1 7  ? -2.61662  -19.68473 -4.88700  1.000 9.91915  ? 7   AIB D HB21 1 
HETATM 610 H HB22 . AIB D 1 7  ? -4.39678  -20.01995 -4.63694  1.000 9.91915  ? 7   AIB D HB22 1 
HETATM 611 H HB23 . AIB D 1 7  ? -3.72923  -19.84023 -6.32985  1.000 9.91915  ? 7   AIB D HB23 1 
ATOM   612 N N    . CYS D 1 8  ? -6.14253  -18.05547 -4.27128  1.000 6.91830  ? 8   CYS D N    1 
ATOM   613 C CA   . CYS D 1 8  ? -7.60974  -17.97229 -4.19026  1.000 10.47686 ? 8   CYS D CA   1 
ATOM   614 C C    . CYS D 1 8  ? -8.12421  -16.57078 -4.41011  1.000 9.57286  ? 8   CYS D C    1 
ATOM   615 O O    . CYS D 1 8  ? -8.93809  -16.31459 -5.31671  1.000 8.85273  ? 8   CYS D O    1 
ATOM   616 C CB   . CYS D 1 8  ? -8.07028  -18.45827 -2.81555  1.000 8.36670  ? 8   CYS D CB   1 
ATOM   617 S SG   . CYS D 1 8  ? -9.86483  -18.53310 -2.59805  1.000 18.37652 ? 8   CYS D SG   1 
ATOM   618 H H    . CYS D 1 8  ? -5.78045  -18.31873 -3.53698  1.000 8.34198  ? 8   CYS D H    1 
ATOM   619 H HA   . CYS D 1 8  ? -7.98506  -18.53223 -4.88775  1.000 12.61226 ? 8   CYS D HA   1 
ATOM   620 H HB2  . CYS D 1 8  ? -7.72167  -19.35211 -2.67269  1.000 10.08006 ? 8   CYS D HB2  1 
ATOM   621 H HB3  . CYS D 1 8  ? -7.71989  -17.85401 -2.14249  1.000 10.08006 ? 8   CYS D HB3  1 
ATOM   622 H HG   . CYS D 1 8  ? -10.11006 -19.08699 -1.56217  1.000 22.09185 ? 8   CYS D HG   1 
HETATM 623 N N    . AIB D 1 9  ? -7.65876  -15.66246 -3.56643  1.000 7.96194  ? 9   AIB D N    1 
HETATM 624 C CA   . AIB D 1 9  ? -8.02676  -14.28098 -3.65823  1.000 6.14302  ? 9   AIB D CA   1 
HETATM 625 C C    . AIB D 1 9  ? -8.00027  -13.69922 -5.07905  1.000 6.93540  ? 9   AIB D C    1 
HETATM 626 O O    . AIB D 1 9  ? -8.85845  -12.90283 -5.50343  1.000 6.65308  ? 9   AIB D O    1 
HETATM 627 C CB1  . AIB D 1 9  ? -9.47417  -14.09074 -3.18518  1.000 4.48217  ? 9   AIB D CB1  1 
HETATM 628 C CB2  . AIB D 1 9  ? -7.05893  -13.44798 -2.81649  1.000 6.13373  ? 9   AIB D CB2  1 
HETATM 629 H H    . AIB D 1 9  ? -7.32685  -15.86882 -2.64487  1.000 9.59435  ? 9   AIB D H    1 
HETATM 630 H HB11 . AIB D 1 9  ? -10.12755 -14.86602 -3.65156  1.000 5.41863  ? 9   AIB D HB11 1 
HETATM 631 H HB12 . AIB D 1 9  ? -9.52309  -14.18849 -2.07454  1.000 5.41863  ? 9   AIB D HB12 1 
HETATM 632 H HB13 . AIB D 1 9  ? -9.83688  -13.07774 -3.48136  1.000 5.41863  ? 9   AIB D HB13 1 
HETATM 633 H HB21 . AIB D 1 9  ? -6.09923  -14.00811 -2.70285  1.000 7.40050  ? 9   AIB D HB21 1 
HETATM 634 H HB22 . AIB D 1 9  ? -6.87197  -12.47475 -3.33182  1.000 7.40050  ? 9   AIB D HB22 1 
HETATM 635 H HB23 . AIB D 1 9  ? -7.51313  -13.26504 -1.81253  1.000 7.40050  ? 9   AIB D HB23 1 
ATOM   636 N N    . LEU D 1 10 ? -6.98871  -14.12088 -5.84162  1.000 7.47477  ? 10  LEU D N    1 
ATOM   637 C CA   . LEU D 1 10 ? -6.79580  -13.64009 -7.20466  1.000 5.04547  ? 10  LEU D CA   1 
ATOM   638 C C    . LEU D 1 10 ? -7.48751  -14.49867 -8.24315  1.000 7.28306  ? 10  LEU D C    1 
ATOM   639 O O    . LEU D 1 10 ? -7.11603  -14.47212 -9.40949  1.000 9.66510  ? 10  LEU D O    1 
ATOM   640 C CB   . LEU D 1 10 ? -5.30137  -13.55799 -7.52230  1.000 8.09057  ? 10  LEU D CB   1 
ATOM   641 C CG   . LEU D 1 10 ? -4.45729  -12.53927 -6.73814  1.000 10.48663 ? 10  LEU D CG   1 
ATOM   642 C CD1  . LEU D 1 10 ? -2.96262  -12.75563 -7.00041  1.000 7.67676  ? 10  LEU D CD1  1 
ATOM   643 C CD2  . LEU D 1 10 ? -4.86509  -11.10779 -7.09238  1.000 9.58196  ? 10  LEU D CD2  1 
ATOM   644 H H    . LEU D 1 10 ? -6.39675  -14.69054 -5.58728  1.000 9.00974  ? 10  LEU D H    1 
ATOM   645 H HA   . LEU D 1 10 ? -7.19123  -12.75638 -7.26458  1.000 6.09459  ? 10  LEU D HA   1 
ATOM   646 H HB2  . LEU D 1 10 ? -4.91477  -14.43121 -7.35229  1.000 9.74870  ? 10  LEU D HB2  1 
ATOM   647 H HB3  . LEU D 1 10 ? -5.21087  -13.33221 -8.46130  1.000 9.74870  ? 10  LEU D HB3  1 
ATOM   648 H HG   . LEU D 1 10 ? -4.61650  -12.66872 -5.79009  1.000 12.62398 ? 10  LEU D HG   1 
ATOM   649 H HD11 . LEU D 1 10 ? -2.47031  -11.98544 -6.67583  1.000 9.25214  ? 10  LEU D HD11 1 
ATOM   650 H HD12 . LEU D 1 10 ? -2.67242  -13.55462 -6.53319  1.000 9.25214  ? 10  LEU D HD12 1 
ATOM   651 H HD13 . LEU D 1 10 ? -2.82133  -12.86054 -7.95431  1.000 9.25214  ? 10  LEU D HD13 1 
ATOM   652 H HD21 . LEU D 1 10 ? -4.15820  -10.50165 -6.82073  1.000 11.53837 ? 10  LEU D HD21 1 
ATOM   653 H HD22 . LEU D 1 10 ? -5.00315  -11.04671 -8.05056  1.000 11.53837 ? 10  LEU D HD22 1 
ATOM   654 H HD23 . LEU D 1 10 ? -5.68644  -10.88863 -6.62521  1.000 11.53837 ? 10  LEU D HD23 1 
HETATM 655 C C11  . I77 D 1 11 ? -10.25184 -18.02835 -10.34226 1.000 13.04831 ? 11  I77 D C11  1 
HETATM 656 C C12  . I77 D 1 11 ? -10.28191 -16.65123 -10.65163 1.000 12.62532 ? 11  I77 D C12  1 
HETATM 657 C C13  . I77 D 1 11 ? -9.93943  -15.63045 -9.58621  1.000 7.89391  ? 11  I77 D C13  1 
HETATM 658 C C17  . I77 D 1 11 ? -10.54947 -16.22732 -11.96716 1.000 11.62300 ? 11  I77 D C17  1 
HETATM 659 C C18  . I77 D 1 11 ? -10.82142 -17.23543 -12.91752 1.000 14.84368 ? 11  I77 D C18  1 
HETATM 660 C C02  . I77 D 1 11 ? -11.68829 -22.56338 -16.72825 1.000 32.73922 ? 11  I77 D C02  1 
HETATM 661 C C03  . I77 D 1 11 ? -11.43873 -21.50823 -15.57402 1.000 33.18275 ? 11  I77 D C03  1 
HETATM 662 C C04  . I77 D 1 11 ? -10.45294 -21.75129 -14.61703 1.000 32.85673 ? 11  I77 D C04  1 
HETATM 663 C C05  . I77 D 1 11 ? -10.26509 -20.77704 -13.61079 1.000 29.29139 ? 11  I77 D C05  1 
HETATM 664 C C06  . I77 D 1 11 ? -12.21248 -20.28733 -15.52277 1.000 33.57774 ? 11  I77 D C06  1 
HETATM 665 C C08  . I77 D 1 11 ? -11.06488 -19.62473 -13.60125 1.000 26.70038 ? 11  I77 D C08  1 
HETATM 666 C C09  . I77 D 1 11 ? -10.81058 -18.60680 -12.54940 1.000 21.15881 ? 11  I77 D C09  1 
HETATM 667 N N01  . I77 D 1 11 ? -10.81838 -22.50440 -17.89205 1.000 31.15530 ? 11  I77 D N01  1 
HETATM 668 N N07  . I77 D 1 11 ? -12.00277 -19.41921 -14.56908 1.000 30.90639 ? 11  I77 D N07  1 
HETATM 669 N N10  . I77 D 1 11 ? -10.52155 -18.96194 -11.30058 1.000 15.73490 ? 11  I77 D N10  1 
HETATM 670 N N14  . I77 D 1 11 ? -8.94818  -16.07647 -8.58826  1.000 8.89170  ? 11  I77 D N14  1 
HETATM 671 N N15  . I77 D 1 11 ? -8.53021  -15.20937 -7.57415  1.000 7.60646  ? 11  I77 D N15  1 
HETATM 672 O O16  . I77 D 1 11 ? -10.35868 -14.56799 -9.57561  1.000 7.17426  ? 11  I77 D O16  1 
HETATM 673 O O19  . I77 D 1 11 ? -12.58855 -23.41038 -16.64264 1.000 31.91200 ? 11  I77 D O19  1 
HETATM 674 H H111 . I77 D 1 11 ? -9.99977  -18.36434 -9.28139  1.000 15.69799 ? 11  I77 D H111 1 
HETATM 675 H H171 . I77 D 1 11 ? -10.54659 -15.17828 -12.23620 1.000 13.98762 ? 11  I77 D H171 1 
HETATM 676 H H181 . I77 D 1 11 ? -11.04149 -16.95863 -13.94222 1.000 17.85244 ? 11  I77 D H181 1 
HETATM 677 H H041 . I77 D 1 11 ? -9.85098  -22.65720 -14.64417 1.000 39.46810 ? 11  I77 D H041 1 
HETATM 678 H H051 . I77 D 1 11 ? -9.54466  -20.91320 -12.88880 1.000 35.18969 ? 11  I77 D H051 1 
HETATM 679 H H061 . I77 D 1 11 ? -12.96138 -20.09404 -16.27080 1.000 40.33331 ? 11  I77 D H061 1 
HETATM 680 H H011 . I77 D 1 11 ? -10.94401 -23.16409 -18.65569 1.000 37.42638 ? 11  I77 D H011 1 
HETATM 681 H H012 . I77 D 1 11 ? -10.08485 -21.80419 -17.94452 1.000 37.42638 ? 11  I77 D H012 1 
HETATM 682 H H141 . I77 D 1 11 ? -8.57578  -16.99576 -8.63605  1.000 10.71007 ? 11  I77 D H141 1 
HETATM 683 H H1   . I77 D 1 11 ? -8.99607  -14.32999 -7.67243  1.000 9.16777  ? 11  I77 D H1   1 
HETATM 684 O O    . HOH E 2 .  ? 2.20225   -1.65340  2.34964   1.000 16.67750 ? 201 HOH A O    1 
HETATM 685 O O    . HOH E 2 .  ? 0.69464   -1.59913  12.42751  1.000 17.00236 ? 202 HOH A O    1 
HETATM 686 O O    . HOH E 2 .  ? 0.34892   4.47933   -6.25195  1.000 31.64149 ? 203 HOH A O    1 
HETATM 687 O O    . HOH E 2 .  ? 6.74622   2.17450   -3.32349  1.000 9.46601  ? 204 HOH A O    1 
HETATM 688 O O    . HOH F 2 .  ? -0.58031  1.01695   -1.54015  1.000 20.16234 ? 201 HOH C O    1 
HETATM 689 O O    . HOH G 2 .  ? -7.34664  -18.31436 -8.83490  1.000 8.02960  ? 201 HOH D O    1 
HETATM 690 O O    . HOH G 2 .  ? -8.16815  -21.43672 0.27351   1.000 35.44144 ? 202 HOH D O    1 
# 
loop_
_atom_site_anisotrop.id 
_atom_site_anisotrop.type_symbol 
_atom_site_anisotrop.pdbx_label_atom_id 
_atom_site_anisotrop.pdbx_label_alt_id 
_atom_site_anisotrop.pdbx_label_comp_id 
_atom_site_anisotrop.pdbx_label_asym_id 
_atom_site_anisotrop.pdbx_label_seq_id 
_atom_site_anisotrop.pdbx_PDB_ins_code 
_atom_site_anisotrop.U[1][1] 
_atom_site_anisotrop.U[2][2] 
_atom_site_anisotrop.U[3][3] 
_atom_site_anisotrop.U[1][2] 
_atom_site_anisotrop.U[1][3] 
_atom_site_anisotrop.U[2][3] 
_atom_site_anisotrop.pdbx_auth_seq_id 
_atom_site_anisotrop.pdbx_auth_comp_id 
_atom_site_anisotrop.pdbx_auth_asym_id 
_atom_site_anisotrop.pdbx_auth_atom_id 
1   N N   . NIO A 1  ? 0.15366 0.13903 0.15291 0.02776  -0.06424 0.04710  1   NIO A N   
2   C C1  . NIO A 1  ? 0.16540 0.14352 0.11781 0.01803  -0.05893 0.04654  1   NIO A C1  
3   C C2  . NIO A 1  ? 0.12544 0.11015 0.08817 0.03496  -0.03849 0.02656  1   NIO A C2  
4   C C3  . NIO A 1  ? 0.08776 0.12017 0.12025 0.03606  -0.04219 0.02167  1   NIO A C3  
5   C C4  . NIO A 1  ? 0.09682 0.14428 0.14805 0.03322  -0.05206 0.02813  1   NIO A C4  
6   C C5  . NIO A 1  ? 0.07514 0.13337 0.10917 0.04055  -0.02530 0.02222  1   NIO A C5  
7   C C6  . NIO A 1  ? 0.15964 0.10980 0.08990 0.04288  -0.05514 -0.00108 1   NIO A C6  
8   O O2  . NIO A 1  ? 0.16002 0.08394 0.07666 0.05636  -0.04248 -0.01684 1   NIO A O2  
13  N N   . LEU A 2  ? 0.07559 0.09358 0.06344 0.03961  -0.01320 0.01560  2   LEU A N   
14  C CA  . LEU A 2  ? 0.11963 0.13603 0.13272 0.03907  -0.04827 0.03936  2   LEU A CA  
15  C C   . LEU A 2  ? 0.10666 0.12269 0.10861 0.03769  -0.03916 0.03352  2   LEU A C   
16  O O   . LEU A 2  ? 0.09540 0.11274 0.12811 0.04452  -0.03811 0.01858  2   LEU A O   
17  C CB  . LEU A 2  ? 0.11946 0.13077 0.11578 0.03683  -0.04145 0.04172  2   LEU A CB  
18  C CG  . LEU A 2  ? 0.07397 0.14549 0.08892 0.04413  0.00972  0.04727  2   LEU A CG  
19  C CD1 . LEU A 2  ? 0.11669 0.17563 0.15692 0.02316  -0.03050 0.07813  2   LEU A CD1 
20  C CD2 . LEU A 2  ? 0.09573 0.15072 0.18374 0.04843  -0.01158 0.05180  2   LEU A CD2 
31  N N   . AIB A 3  ? 0.06422 0.09696 0.11302 0.04124  -0.01811 0.00778  3   AIB A N   
32  C CA  . AIB A 3  ? 0.06942 0.12366 0.08661 0.04809  -0.01889 -0.01910 3   AIB A CA  
33  C C   . AIB A 3  ? 0.08290 0.11558 0.04546 0.04038  -0.00483 -0.02296 3   AIB A C   
34  O O   . AIB A 3  ? 0.08839 0.13790 0.05434 0.05489  -0.00897 -0.02503 3   AIB A O   
35  C CB1 . AIB A 3  ? 0.06720 0.11486 0.10514 0.04396  0.01153  -0.01745 3   AIB A CB1 
36  C CB2 . AIB A 3  ? 0.08432 0.12207 0.09154 0.05436  -0.02659 -0.03557 3   AIB A CB2 
44  N N   . ALA A 4  ? 0.11284 0.12635 0.03686 0.02453  -0.00351 0.00486  4   ALA A N   
45  C CA  . ALA A 4  ? 0.11963 0.09549 0.05461 0.05593  -0.00580 -0.01719 4   ALA A CA  
46  C C   . ALA A 4  ? 0.13114 0.11468 0.04556 0.03913  -0.01835 -0.01092 4   ALA A C   
47  O O   . ALA A 4  ? 0.10484 0.09321 0.05404 0.05746  -0.02147 -0.01741 4   ALA A O   
48  C CB  . ALA A 4  ? 0.15044 0.11638 0.11420 0.04726  -0.01659 0.00490  4   ALA A CB  
54  N N   . CYS A 5  ? 0.13052 0.12292 0.04403 0.04211  0.00863  -0.00329 5   CYS A N   
55  C CA  . CYS A 5  ? 0.07472 0.14826 0.04604 0.05366  0.00510  0.00601  5   CYS A CA  
56  C C   . CYS A 5  ? 0.06455 0.12901 0.09252 0.04620  0.00637  -0.01029 5   CYS A C   
57  O O   . CYS A 5  ? 0.06665 0.10687 0.05440 0.04781  -0.00300 -0.00679 5   CYS A O   
58  C CB  . CYS A 5  ? 0.11464 0.20146 0.12317 0.04816  -0.03504 0.03904  5   CYS A CB  
59  S SG  . CYS A 5  ? 0.16918 0.23667 0.14583 0.04291  0.00254  0.04832  5   CYS A SG  
65  N N   . LEU A 6  ? 0.07620 0.10816 0.12073 0.04943  -0.01712 -0.01921 6   LEU A N   
66  C CA  . LEU A 6  ? 0.06586 0.12860 0.15288 0.04750  -0.01214 0.00592  6   LEU A CA  
67  C C   . LEU A 6  ? 0.06334 0.09523 0.10012 0.04468  -0.00176 0.00294  6   LEU A C   
68  O O   . LEU A 6  ? 0.07757 0.12101 0.06523 0.05118  -0.00995 0.00573  6   LEU A O   
69  C CB  . LEU A 6  ? 0.06827 0.10622 0.12178 0.03701  -0.02798 0.01706  6   LEU A CB  
70  C CG  . LEU A 6  ? 0.15805 0.15862 0.05268 0.00120  -0.01950 0.02913  6   LEU A CG  
71  C CD1 . LEU A 6  ? 0.11374 0.15089 0.06992 0.01131  -0.04646 0.00999  6   LEU A CD1 
72  C CD2 . LEU A 6  ? 0.10387 0.14158 0.07099 0.04486  0.00293  0.02296  6   LEU A CD2 
84  N N   . AIB A 7  ? 0.07515 0.14086 0.06057 0.04354  -0.01391 0.00792  7   AIB A N   
85  C CA  . AIB A 7  ? 0.05976 0.13017 0.05090 0.04404  0.00489  0.01378  7   AIB A CA  
86  C C   . AIB A 7  ? 0.07889 0.15062 0.07559 0.04988  -0.01252 0.01273  7   AIB A C   
87  O O   . AIB A 7  ? 0.08673 0.14172 0.09889 0.06117  0.01446  0.02115  7   AIB A O   
88  C CB1 . AIB A 7  ? 0.08943 0.09535 0.06740 0.05520  0.00437  0.00584  7   AIB A CB1 
89  C CB2 . AIB A 7  ? 0.08045 0.15130 0.04699 0.03532  0.00615  0.02198  7   AIB A CB2 
97  N N   . CYS A 8  ? 0.08079 0.11966 0.09218 0.05195  -0.02276 -0.00649 8   CYS A N   
98  C CA  . CYS A 8  ? 0.08901 0.13478 0.12028 0.05841  -0.02526 -0.00854 8   CYS A CA  
99  C C   . CYS A 8  ? 0.10063 0.09627 0.12579 0.04640  -0.04141 -0.00405 8   CYS A C   
100 O O   . CYS A 8  ? 0.08973 0.08498 0.12718 0.04977  -0.01055 -0.01343 8   CYS A O   
101 C CB  . CYS A 8  ? 0.10490 0.13069 0.11547 0.05752  0.01652  -0.02918 8   CYS A CB  
102 S SG  . CYS A 8  ? 0.21167 0.19774 0.15446 0.02758  -0.01134 -0.03211 8   CYS A SG  
108 N N   . AIB A 9  ? 0.12627 0.08407 0.09849 0.04878  -0.04217 -0.00680 9   AIB A N   
109 C CA  . AIB A 9  ? 0.05681 0.08068 0.06668 0.03361  0.00872  -0.01553 9   AIB A CA  
110 C C   . AIB A 9  ? 0.05291 0.12543 0.06882 0.01151  0.00759  0.02719  9   AIB A C   
111 O O   . AIB A 9  ? 0.06079 0.08394 0.09623 0.03204  -0.02181 0.01729  9   AIB A O   
112 C CB1 . AIB A 9  ? 0.07347 0.08606 0.02897 0.01655  -0.01172 0.00610  9   AIB A CB1 
113 C CB2 . AIB A 9  ? 0.10953 0.09095 0.03608 0.01936  0.00217  0.01753  9   AIB A CB2 
121 N N   . LEU A 10 ? 0.03925 0.12471 0.12665 0.01979  -0.01495 0.00368  10  LEU A N   
122 C CA  . LEU A 10 ? 0.04247 0.10477 0.06067 0.02512  0.01113  -0.00711 10  LEU A CA  
123 C C   . LEU A 10 ? 0.05225 0.11935 0.08178 0.03860  -0.00561 -0.00643 10  LEU A C   
124 O O   . LEU A 10 ? 0.09647 0.15358 0.14133 -0.00752 -0.05551 0.03675  10  LEU A O   
125 C CB  . LEU A 10 ? 0.12984 0.14771 0.04802 -0.00653 -0.02450 0.01784  10  LEU A CB  
126 C CG  . LEU A 10 ? 0.08754 0.15636 0.04657 -0.00038 0.00186  0.02619  10  LEU A CG  
127 C CD1 . LEU A 10 ? 0.11132 0.14052 0.04416 0.00616  -0.00957 0.02457  10  LEU A CD1 
128 C CD2 . LEU A 10 ? 0.07615 0.13702 0.04458 -0.00006 0.02067  -0.00304 10  LEU A CD2 
140 C C11 . I77 A 11 ? 0.10380 0.12350 0.23499 0.04743  -0.02172 0.02088  11  I77 A C11 
141 C C12 . I77 A 11 ? 0.11521 0.11391 0.23650 0.04835  -0.02168 0.02291  11  I77 A C12 
142 C C13 . I77 A 11 ? 0.06644 0.11033 0.12697 0.04677  0.00131  0.01140  11  I77 A C13 
143 C C17 . I77 A 11 ? 0.13211 0.11584 0.24090 0.05305  -0.02055 0.03211  11  I77 A C17 
144 C C18 . I77 A 11 ? 0.13179 0.12215 0.26771 0.05552  -0.01246 0.02363  11  I77 A C18 
145 C C02 . I77 A 11 ? 0.35378 0.34726 0.31278 -0.16088 -0.12389 0.12514  11  I77 A C02 
146 C C03 . I77 A 11 ? 0.31982 0.33253 0.26959 -0.14748 -0.05223 0.09371  11  I77 A C03 
147 C C04 . I77 A 11 ? 0.31403 0.30171 0.33678 -0.13080 -0.05592 0.09420  11  I77 A C04 
148 C C05 . I77 A 11 ? 0.23695 0.25092 0.39559 -0.07694 -0.04116 0.08163  11  I77 A C05 
149 C C06 . I77 A 11 ? 0.25942 0.31167 0.32812 -0.12144 -0.01205 0.05916  11  I77 A C06 
150 C C08 . I77 A 11 ? 0.13863 0.22679 0.37822 -0.03298 -0.01534 0.06552  11  I77 A C08 
151 C C09 . I77 A 11 ? 0.13139 0.13868 0.35661 0.03775  -0.02829 0.03001  11  I77 A C09 
152 N N01 . I77 A 11 ? 0.33673 0.30990 0.18277 -0.13013 -0.09786 0.09218  11  I77 A N01 
153 N N07 . I77 A 11 ? 0.17389 0.27177 0.36020 -0.07650 -0.01596 0.05603  11  I77 A N07 
154 N N10 . I77 A 11 ? 0.11411 0.13158 0.29978 0.04540  -0.01409 0.01011  11  I77 A N10 
155 N N14 . I77 A 11 ? 0.05148 0.10726 0.12828 0.03346  -0.01564 0.00633  11  I77 A N14 
156 N N15 . I77 A 11 ? 0.06135 0.10808 0.12930 0.04143  -0.01630 -0.00083 11  I77 A N15 
157 O O16 . I77 A 11 ? 0.06115 0.08362 0.12585 0.03547  0.01076  0.01841  11  I77 A O16 
158 O O19 . I77 A 11 ? 0.36743 0.37909 0.45372 -0.17571 -0.19898 0.19495  11  I77 A O19 
169 N N   . NIO B 1  ? 0.09355 0.10640 0.17872 0.01711  -0.04660 -0.03960 1   NIO B N   
170 C C1  . NIO B 1  ? 0.06680 0.08754 0.15287 0.02681  -0.02788 -0.05018 1   NIO B C1  
171 C C2  . NIO B 1  ? 0.08076 0.09720 0.20801 0.02510  -0.01801 -0.05607 1   NIO B C2  
172 C C3  . NIO B 1  ? 0.11330 0.10840 0.32011 0.02253  -0.06078 -0.05807 1   NIO B C3  
173 C C4  . NIO B 1  ? 0.10703 0.10978 0.31959 0.01716  -0.06602 -0.05020 1   NIO B C4  
174 C C5  . NIO B 1  ? 0.10418 0.11669 0.08867 0.00064  -0.05633 -0.01122 1   NIO B C5  
175 C C6  . NIO B 1  ? 0.04789 0.11374 0.14726 0.01751  0.01346  -0.02419 1   NIO B C6  
176 O O2  . NIO B 1  ? 0.04140 0.11738 0.13959 0.01683  0.01369  -0.00765 1   NIO B O2  
181 N N   . LEU B 2  ? 0.06773 0.10040 0.18064 0.02548  -0.01896 -0.04284 2   LEU B N   
182 C CA  . LEU B 2  ? 0.07288 0.09550 0.19306 0.03189  -0.01077 -0.02311 2   LEU B CA  
183 C C   . LEU B 2  ? 0.10568 0.08373 0.18399 0.04110  -0.03583 -0.01686 2   LEU B C   
184 O O   . LEU B 2  ? 0.07399 0.08905 0.12527 0.04601  -0.00417 0.01237  2   LEU B O   
185 C CB  . LEU B 2  ? 0.12042 0.11098 0.18706 0.00210  -0.01484 0.01575  2   LEU B CB  
186 C CG  . LEU B 2  ? 0.08858 0.09338 0.14175 0.03151  -0.01315 -0.00994 2   LEU B CG  
187 C CD1 . LEU B 2  ? 0.06791 0.07548 0.09151 0.03765  -0.02284 -0.02483 2   LEU B CD1 
188 C CD2 . LEU B 2  ? 0.07358 0.11031 0.21570 0.02043  -0.01999 0.02534  2   LEU B CD2 
199 N N   . AIB B 3  ? 0.11965 0.08869 0.19948 0.03744  -0.06197 -0.02105 3   AIB B N   
200 C CA  . AIB B 3  ? 0.09180 0.10769 0.09973 0.03045  -0.03527 -0.00292 3   AIB B CA  
201 C C   . AIB B 3  ? 0.06575 0.11879 0.08716 0.02377  -0.03764 -0.00720 3   AIB B C   
202 O O   . AIB B 3  ? 0.08014 0.12450 0.13680 0.02070  -0.04810 0.02371  3   AIB B O   
203 C CB1 . AIB B 3  ? 0.08058 0.09331 0.10070 0.03715  -0.02997 0.01805  3   AIB B CB1 
204 C CB2 . AIB B 3  ? 0.07402 0.08840 0.04222 0.04510  -0.01601 -0.01323 3   AIB B CB2 
212 N N   . ALA B 4  ? 0.08381 0.09316 0.07199 0.03635  -0.03713 -0.01283 4   ALA B N   
213 C CA  . ALA B 4  ? 0.09006 0.10362 0.11581 0.04457  -0.02086 -0.02781 4   ALA B CA  
214 C C   . ALA B 4  ? 0.12708 0.08771 0.11778 0.04817  -0.01592 0.00851  4   ALA B C   
215 O O   . ALA B 4  ? 0.15567 0.10905 0.05480 0.01680  0.02092  -0.00314 4   ALA B O   
216 C CB  . ALA B 4  ? 0.10333 0.10968 0.19034 0.03986  -0.05875 -0.03287 4   ALA B CB  
222 N N   . CYS B 5  ? 0.09841 0.12564 0.09293 0.02183  -0.03265 0.04187  5   CYS B N   
223 C CA  . CYS B 5  ? 0.07475 0.12191 0.03980 0.01929  0.01007  0.02170  5   CYS B CA  
224 C C   . CYS B 5  ? 0.08184 0.11963 0.05408 0.03630  0.02097  -0.00605 5   CYS B C   
225 O O   . CYS B 5  ? 0.08485 0.13099 0.04311 0.03236  -0.00090 0.01923  5   CYS B O   
226 C CB  . CYS B 5  ? 0.14511 0.19721 0.12513 -0.00162 -0.02416 0.05306  5   CYS B CB  
227 S SG  . CYS B 5  ? 0.11946 0.18980 0.18478 0.03491  -0.02325 0.08570  5   CYS B SG  
233 N N   . LEU B 6  ? 0.08207 0.13416 0.04356 0.03083  -0.00658 -0.02237 6   LEU B N   
234 C CA  . LEU B 6  ? 0.10223 0.11138 0.07923 0.03648  -0.00193 -0.04521 6   LEU B CA  
235 C C   . LEU B 6  ? 0.10663 0.09548 0.10954 0.04597  -0.04469 -0.01047 6   LEU B C   
236 O O   . LEU B 6  ? 0.10186 0.08961 0.13131 0.04196  -0.03524 0.01653  6   LEU B O   
237 C CB  . LEU B 6  ? 0.11784 0.10104 0.04545 0.03769  -0.02348 -0.01123 6   LEU B CB  
238 C CG  . LEU B 6  ? 0.08471 0.11506 0.03600 0.03839  0.00299  -0.00283 6   LEU B CG  
239 C CD1 . LEU B 6  ? 0.08681 0.13748 0.06885 0.02203  -0.03775 -0.00033 6   LEU B CD1 
240 C CD2 . LEU B 6  ? 0.06869 0.12243 0.06302 0.03591  0.02546  0.01159  6   LEU B CD2 
252 N N   . AIB B 7  ? 0.05363 0.13218 0.08859 0.02940  -0.02312 -0.01301 7   AIB B N   
253 C CA  . AIB B 7  ? 0.09765 0.12129 0.21381 0.04018  -0.04703 -0.02014 7   AIB B CA  
254 C C   . AIB B 7  ? 0.08540 0.11583 0.10080 0.05470  -0.02456 -0.02150 7   AIB B C   
255 O O   . AIB B 7  ? 0.08414 0.13091 0.11821 0.05442  -0.02811 -0.02978 7   AIB B O   
256 C CB1 . AIB B 7  ? 0.09488 0.10637 0.21174 0.03866  -0.03790 -0.00013 7   AIB B CB1 
257 C CB2 . AIB B 7  ? 0.11051 0.12230 0.30897 0.03512  -0.03586 -0.03086 7   AIB B CB2 
265 N N   . CYS B 8  ? 0.06787 0.10231 0.07981 0.04354  -0.00736 0.01578  8   CYS B N   
266 C CA  . CYS B 8  ? 0.08543 0.10397 0.09518 0.05138  -0.02178 -0.00067 8   CYS B CA  
267 C C   . CYS B 8  ? 0.13408 0.12138 0.12199 0.05806  -0.05000 -0.01030 8   CYS B C   
268 O O   . CYS B 8  ? 0.13032 0.10090 0.08904 0.05129  -0.04602 -0.00890 8   CYS B O   
269 C CB  . CYS B 8  ? 0.09986 0.17803 0.05909 0.03672  -0.01576 0.01382  8   CYS B CB  
270 S SG  . CYS B 8  ? 0.18604 0.20934 0.11476 0.00745  -0.02975 0.01908  8   CYS B SG  
276 N N   . AIB B 9  ? 0.18106 0.09998 0.07954 0.02783  -0.05438 0.00090  9   AIB B N   
277 C CA  . AIB B 9  ? 0.15147 0.10876 0.12072 0.03047  -0.07766 -0.02284 9   AIB B CA  
278 C C   . AIB B 9  ? 0.09810 0.12675 0.05894 0.02113  -0.03619 -0.01143 9   AIB B C   
279 O O   . AIB B 9  ? 0.09908 0.10252 0.03410 0.02345  -0.01004 0.00639  9   AIB B O   
280 C CB1 . AIB B 9  ? 0.23746 0.09933 0.19059 -0.00231 -0.12566 0.00593  9   AIB B CB1 
281 C CB2 . AIB B 9  ? 0.11484 0.09584 0.10064 0.04603  -0.05288 -0.02720 9   AIB B CB2 
289 N N   . LEU B 10 ? 0.08197 0.12466 0.04680 0.02687  -0.02245 -0.00317 10  LEU B N   
290 C CA  . LEU B 10 ? 0.09580 0.11353 0.08562 0.03053  -0.03929 0.02090  10  LEU B CA  
291 C C   . LEU B 10 ? 0.11078 0.11657 0.05288 0.03619  -0.01403 0.02080  10  LEU B C   
292 O O   . LEU B 10 ? 0.06421 0.10464 0.10655 0.03194  -0.00691 0.03756  10  LEU B O   
293 C CB  . LEU B 10 ? 0.11281 0.13374 0.05174 0.01900  -0.02822 0.01472  10  LEU B CB  
294 C CG  . LEU B 10 ? 0.07616 0.11963 0.05511 0.02543  -0.01736 0.02195  10  LEU B CG  
295 C CD1 . LEU B 10 ? 0.07804 0.12408 0.05027 0.02058  -0.01550 0.02267  10  LEU B CD1 
296 C CD2 . LEU B 10 ? 0.12907 0.15836 0.07116 -0.00594 0.00043  -0.00072 10  LEU B CD2 
308 C C11 . I77 B 11 ? 0.24280 0.14216 0.19536 0.08221  -0.06894 -0.03078 11  I77 B C11 
309 C C12 . I77 B 11 ? 0.16617 0.13879 0.05946 0.04508  -0.01659 -0.02647 11  I77 B C12 
310 C C13 . I77 B 11 ? 0.11681 0.16082 0.05857 0.05132  0.00827  -0.01893 11  I77 B C13 
311 C C17 . I77 B 11 ? 0.17310 0.10746 0.06706 0.06858  -0.03465 -0.01871 11  I77 B C17 
312 C C18 . I77 B 11 ? 0.17669 0.12940 0.11785 0.08088  -0.05552 -0.03057 11  I77 B C18 
313 C C02 . I77 B 11 ? 0.26643 0.14799 0.37208 0.08957  0.01161  -0.03721 11  I77 B C02 
314 C C03 . I77 B 11 ? 0.29104 0.14759 0.36475 0.08367  0.00965  -0.06133 11  I77 B C03 
315 C C04 . I77 B 11 ? 0.34721 0.14478 0.19321 0.05940  0.00575  -0.04951 11  I77 B C04 
316 C C05 . I77 B 11 ? 0.28710 0.12892 0.15459 0.07212  -0.01363 -0.04648 11  I77 B C05 
317 C C06 . I77 B 11 ? 0.32685 0.15199 0.39908 0.07620  -0.00565 -0.07538 11  I77 B C06 
318 C C08 . I77 B 11 ? 0.28792 0.13468 0.25329 0.08805  -0.07310 -0.03009 11  I77 B C08 
319 C C09 . I77 B 11 ? 0.24182 0.14091 0.21924 0.08470  -0.08828 -0.02565 11  I77 B C09 
320 N N01 . I77 B 11 ? 0.25037 0.15199 0.33648 0.08420  0.02414  -0.05747 11  I77 B N01 
321 N N07 . I77 B 11 ? 0.37920 0.14188 0.39943 0.07161  -0.04166 -0.05835 11  I77 B N07 
322 N N10 . I77 B 11 ? 0.24291 0.14843 0.29635 0.08326  -0.08691 -0.01660 11  I77 B N10 
323 N N14 . I77 B 11 ? 0.07653 0.16001 0.11371 0.05431  0.00037  -0.02290 11  I77 B N14 
324 N N15 . I77 B 11 ? 0.12639 0.10135 0.09203 0.06441  -0.02925 -0.02166 11  I77 B N15 
325 O O16 . I77 B 11 ? 0.10214 0.12005 0.06633 0.06261  -0.00932 -0.02204 11  I77 B O16 
326 O O19 . I77 B 11 ? 0.31797 0.11319 0.34348 0.07790  0.00491  -0.01280 11  I77 B O19 
337 N N   . NIO C 1  ? 0.13075 0.10496 0.08018 -0.00381 0.01547  -0.04081 1   NIO C N   
338 C C1  . NIO C 1  ? 0.05086 0.07508 0.10202 0.03447  -0.00032 -0.00510 1   NIO C C1  
339 C C2  . NIO C 1  ? 0.10926 0.09207 0.03458 0.00652  0.01465  -0.01418 1   NIO C C2  
340 C C3  . NIO C 1  ? 0.07828 0.10810 0.06733 0.00297  0.04216  -0.00922 1   NIO C C3  
341 C C4  . NIO C 1  ? 0.07854 0.08945 0.16957 0.02010  0.03035  -0.03404 1   NIO C C4  
342 C C5  . NIO C 1  ? 0.14559 0.08598 0.07826 -0.00093 -0.00782 -0.00701 1   NIO C C5  
343 C C6  . NIO C 1  ? 0.09452 0.06680 0.04488 0.01918  0.02049  -0.01456 1   NIO C C6  
344 O O2  . NIO C 1  ? 0.11609 0.07026 0.03666 0.02820  -0.01093 -0.01163 1   NIO C O2  
349 N N   . LEU C 2  ? 0.06819 0.09775 0.07219 0.01688  0.03558  -0.01680 2   LEU C N   
350 C CA  . LEU C 2  ? 0.07468 0.12184 0.06577 -0.00109 0.03708  -0.01350 2   LEU C CA  
351 C C   . LEU C 2  ? 0.07078 0.15949 0.08300 -0.02442 0.02582  0.01972  2   LEU C C   
352 O O   . LEU C 2  ? 0.05658 0.15263 0.04976 0.00371  0.01417  0.00877  2   LEU C O   
353 C CB  . LEU C 2  ? 0.07141 0.11241 0.08134 0.00095  0.02897  -0.04007 2   LEU C CB  
354 C CG  . LEU C 2  ? 0.08453 0.10924 0.09546 -0.01037 -0.00611 -0.00670 2   LEU C CG  
355 C CD1 . LEU C 2  ? 0.12169 0.06898 0.05504 0.00374  -0.03034 0.01864  2   LEU C CD1 
356 C CD2 . LEU C 2  ? 0.10225 0.09064 0.02999 -0.00931 0.00336  -0.01336 2   LEU C CD2 
367 N N   . AIB C 3  ? 0.06521 0.16707 0.06090 -0.00946 0.00695  0.03704  3   AIB C N   
368 C CA  . AIB C 3  ? 0.07207 0.11104 0.10571 0.04801  -0.01243 0.01094  3   AIB C CA  
369 C C   . AIB C 3  ? 0.07275 0.08165 0.08148 0.04424  0.01509  0.00561  3   AIB C C   
370 O O   . AIB C 3  ? 0.09535 0.08441 0.08958 0.03436  -0.02480 0.02796  3   AIB C O   
371 C CB1 . AIB C 3  ? 0.08162 0.13220 0.13828 0.04426  -0.03300 0.02245  3   AIB C CB1 
372 C CB2 . AIB C 3  ? 0.08738 0.09241 0.03978 0.02581  -0.00753 0.01890  3   AIB C CB2 
380 N N   . ALA C 4  ? 0.07052 0.08809 0.06382 0.02971  -0.01307 0.02543  4   ALA C N   
381 C CA  . ALA C 4  ? 0.07804 0.10038 0.04247 0.03305  -0.00054 -0.02199 4   ALA C CA  
382 C C   . ALA C 4  ? 0.08618 0.11842 0.08042 0.03783  -0.00739 -0.01329 4   ALA C C   
383 O O   . ALA C 4  ? 0.11958 0.11935 0.03205 -0.00054 0.01106  -0.00505 4   ALA C O   
384 C CB  . ALA C 4  ? 0.11098 0.13855 0.17386 -0.00816 -0.05516 0.06267  4   ALA C CB  
390 N N   . CYS C 5  ? 0.09737 0.10390 0.09287 0.05059  -0.02940 0.00272  5   CYS C N   
391 C CA  . CYS C 5  ? 0.08591 0.10342 0.04268 0.02596  0.02255  -0.00140 5   CYS C CA  
392 C C   . CYS C 5  ? 0.07586 0.11149 0.05623 0.03584  0.02704  0.01262  5   CYS C C   
393 O O   . CYS C 5  ? 0.12627 0.12499 0.03317 0.00081  -0.00475 0.01131  5   CYS C O   
394 C CB  . CYS C 5  ? 0.11536 0.14499 0.05727 0.03112  0.03198  0.00331  5   CYS C CB  
395 S SG  . CYS C 5  ? 0.15707 0.15930 0.15556 0.05339  -0.05439 0.00604  5   CYS C SG  
401 N N   . LEU C 6  ? 0.10194 0.09203 0.04252 0.01811  -0.00445 0.02602  6   LEU C N   
402 C CA  . LEU C 6  ? 0.07512 0.13172 0.09167 0.01211  0.02910  0.01022  6   LEU C CA  
403 C C   . LEU C 6  ? 0.07561 0.11584 0.03616 0.00163  0.01827  0.00128  6   LEU C C   
404 O O   . LEU C 6  ? 0.07732 0.14036 0.07228 0.00764  -0.03016 0.00867  6   LEU C O   
405 C CB  . LEU C 6  ? 0.08435 0.13154 0.03859 0.00518  -0.00899 0.01697  6   LEU C CB  
406 C CG  . LEU C 6  ? 0.11462 0.13218 0.03337 -0.00343 0.00026  0.00360  6   LEU C CG  
407 C CD1 . LEU C 6  ? 0.09505 0.10507 0.04097 0.02109  0.01463  0.02308  6   LEU C CD1 
408 C CD2 . LEU C 6  ? 0.06328 0.13304 0.05563 0.03775  0.00040  -0.01320 6   LEU C CD2 
420 N N   . AIB C 7  ? 0.07007 0.09341 0.07058 0.02182  0.03158  -0.01837 7   AIB C N   
421 C CA  . AIB C 7  ? 0.12613 0.12253 0.11769 0.03642  -0.01824 -0.02290 7   AIB C CA  
422 C C   . AIB C 7  ? 0.10250 0.12472 0.03764 0.01089  0.00619  0.01926  7   AIB C C   
423 O O   . AIB C 7  ? 0.13310 0.12677 0.05244 0.02181  -0.01840 0.02592  7   AIB C O   
424 C CB1 . AIB C 7  ? 0.10961 0.10001 0.18369 0.04703  -0.04650 -0.03755 7   AIB C CB1 
425 C CB2 . AIB C 7  ? 0.08193 0.10969 0.15559 0.04792  -0.01965 -0.02609 7   AIB C CB2 
433 N N   . CYS C 8  ? 0.07597 0.11319 0.06415 0.04634  -0.01916 -0.00263 8   CYS C N   
434 C CA  . CYS C 8  ? 0.06779 0.11830 0.13167 0.04901  -0.00807 0.00403  8   CYS C CA  
435 C C   . CYS C 8  ? 0.06895 0.10778 0.10496 0.04802  0.00863  -0.00565 8   CYS C C   
436 O O   . CYS C 8  ? 0.07976 0.12233 0.04182 0.05115  0.00931  0.01251  8   CYS C O   
437 C CB  . CYS C 8  ? 0.20091 0.14134 0.11607 0.05532  -0.06215 0.01266  8   CYS C CB  
438 S SG  . CYS C 8  ? 0.24121 0.19105 0.07353 0.02115  -0.03903 0.00670  8   CYS C SG  
444 N N   . AIB C 9  ? 0.05719 0.13803 0.07786 0.03583  0.00396  0.03373  9   AIB C N   
445 C CA  . AIB C 9  ? 0.07113 0.11873 0.05283 0.01840  0.02069  0.03142  9   AIB C CA  
446 C C   . AIB C 9  ? 0.06857 0.13656 0.07361 0.01935  -0.00472 0.04058  9   AIB C C   
447 O O   . AIB C 9  ? 0.05038 0.17923 0.05357 -0.00914 0.00367  0.01767  9   AIB C O   
448 C CB1 . AIB C 9  ? 0.08423 0.14480 0.12117 -0.00797 -0.02592 0.07196  9   AIB C CB1 
449 C CB2 . AIB C 9  ? 0.07369 0.13426 0.06768 0.02324  0.01498  0.03104  9   AIB C CB2 
457 N N   . LEU C 10 ? 0.09925 0.11420 0.04254 0.01133  -0.01366 0.02453  10  LEU C N   
458 C CA  . LEU C 10 ? 0.09519 0.12940 0.05368 0.02513  -0.02342 0.01701  10  LEU C CA  
459 C C   . LEU C 10 ? 0.08126 0.14964 0.04255 0.03596  0.00490  -0.00278 10  LEU C C   
460 O O   . LEU C 10 ? 0.08522 0.13517 0.10715 0.05262  -0.00018 -0.03577 10  LEU C O   
461 C CB  . LEU C 10 ? 0.09739 0.13469 0.04523 0.03803  -0.01127 0.00810  10  LEU C CB  
462 C CG  . LEU C 10 ? 0.08825 0.11034 0.06800 0.05619  0.01055  0.00056  10  LEU C CG  
463 C CD1 . LEU C 10 ? 0.06041 0.11012 0.06385 0.04325  0.00980  0.01941  10  LEU C CD1 
464 C CD2 . LEU C 10 ? 0.14405 0.11880 0.03770 0.00943  0.00344  0.00795  10  LEU C CD2 
476 C C11 . I77 C 11 ? 0.09123 0.22410 0.09936 0.05805  0.01439  -0.01086 11  I77 C C11 
477 C C12 . I77 C 11 ? 0.11674 0.18074 0.05135 0.03347  0.00388  0.01664  11  I77 C C12 
478 C C13 . I77 C 11 ? 0.14652 0.16757 0.05118 0.03491  -0.00207 0.01567  11  I77 C C13 
479 C C17 . I77 C 11 ? 0.10841 0.18072 0.06567 0.03162  -0.01196 0.03310  11  I77 C C17 
480 C C18 . I77 C 11 ? 0.07677 0.16462 0.04853 0.05739  0.00488  0.01029  11  I77 C C18 
481 C C02 . I77 C 11 ? 0.07809 0.18448 0.19643 0.02557  0.02610  -0.05233 11  I77 C C02 
482 C C03 . I77 C 11 ? 0.13441 0.23544 0.27048 0.00368  0.02690  -0.08389 11  I77 C C03 
483 C C04 . I77 C 11 ? 0.15005 0.25173 0.21793 0.00370  0.01705  -0.10985 11  I77 C C04 
484 C C05 . I77 C 11 ? 0.11112 0.23258 0.18825 0.01595  0.04826  -0.07335 11  I77 C C05 
485 C C06 . I77 C 11 ? 0.11104 0.28146 0.27487 -0.01493 0.06165  -0.07013 11  I77 C C06 
486 C C08 . I77 C 11 ? 0.09105 0.24831 0.17292 0.02464  0.04397  -0.03152 11  I77 C C08 
487 C C09 . I77 C 11 ? 0.08497 0.23082 0.11115 0.05080  0.01897  -0.00303 11  I77 C C09 
488 N N01 . I77 C 11 ? 0.07653 0.19954 0.21477 0.02553  -0.01682 -0.07385 11  I77 C N01 
489 N N07 . I77 C 11 ? 0.10987 0.29989 0.25078 -0.01738 0.06293  -0.05174 11  I77 C N07 
490 N N10 . I77 C 11 ? 0.09136 0.24029 0.18772 0.05778  -0.01584 -0.00262 11  I77 C N10 
491 N N14 . I77 C 11 ? 0.11254 0.12771 0.05502 0.07004  0.00858  0.00425  11  I77 C N14 
492 N N15 . I77 C 11 ? 0.07141 0.15421 0.05345 0.05325  0.01320  0.02686  11  I77 C N15 
493 O O16 . I77 C 11 ? 0.07973 0.14621 0.04895 0.05877  0.01072  0.01985  11  I77 C O16 
494 O O19 . I77 C 11 ? 0.09403 0.25050 0.15437 -0.01546 0.04063  -0.06400 11  I77 C O19 
505 N N   . NIO D 1  ? 0.17872 0.18907 0.19181 0.01921  -0.10125 0.03365  1   NIO D N   
506 C C1  . NIO D 1  ? 0.17793 0.19852 0.17031 0.01123  -0.09691 0.03491  1   NIO D C1  
507 C C2  . NIO D 1  ? 0.12466 0.18672 0.13139 0.03121  -0.06559 0.02701  1   NIO D C2  
508 C C3  . NIO D 1  ? 0.13315 0.15101 0.14857 0.04980  -0.06156 0.01900  1   NIO D C3  
509 C C4  . NIO D 1  ? 0.15509 0.13765 0.22834 0.05324  -0.06975 0.01991  1   NIO D C4  
510 C C5  . NIO D 1  ? 0.12751 0.12635 0.15550 0.05982  -0.05542 -0.01229 1   NIO D C5  
511 C C6  . NIO D 1  ? 0.10098 0.18199 0.10959 0.00352  -0.03908 0.05330  1   NIO D C6  
512 O O2  . NIO D 1  ? 0.10034 0.23655 0.11221 -0.04291 -0.02855 0.07725  1   NIO D O2  
517 N N   . LEU D 2  ? 0.07678 0.13900 0.07584 0.02582  -0.02977 0.01758  2   LEU D N   
518 C CA  . LEU D 2  ? 0.09472 0.13095 0.07844 0.04162  -0.03025 0.01352  2   LEU D CA  
519 C C   . LEU D 2  ? 0.08859 0.11293 0.04518 0.03302  -0.02112 -0.00079 2   LEU D C   
520 O O   . LEU D 2  ? 0.07788 0.11048 0.10743 0.04427  -0.02671 0.01148  2   LEU D O   
521 C CB  . LEU D 2  ? 0.17804 0.17110 0.12554 0.02668  -0.08047 0.01608  2   LEU D CB  
522 C CG  . LEU D 2  ? 0.20532 0.15783 0.26012 0.06405  -0.11581 -0.02823 2   LEU D CG  
523 C CD1 . LEU D 2  ? 0.17284 0.14533 0.18300 0.05766  -0.09390 -0.02741 2   LEU D CD1 
524 C CD2 . LEU D 2  ? 0.31885 0.17405 0.34043 0.03375  -0.19567 -0.02691 2   LEU D CD2 
535 N N   . AIB D 3  ? 0.05609 0.09424 0.04414 0.04076  0.00211  0.00107  3   AIB D N   
536 C CA  . AIB D 3  ? 0.09089 0.09681 0.11318 0.05590  0.00494  0.00620  3   AIB D CA  
537 C C   . AIB D 3  ? 0.08352 0.09763 0.04405 0.03442  0.02172  0.00428  3   AIB D C   
538 O O   . AIB D 3  ? 0.11858 0.12097 0.03976 0.03034  0.00566  0.01234  3   AIB D O   
539 C CB1 . AIB D 3  ? 0.06758 0.11912 0.13408 0.04486  0.01889  -0.01264 3   AIB D CB1 
540 C CB2 . AIB D 3  ? 0.12844 0.12772 0.06991 0.01451  0.01209  0.01588  3   AIB D CB2 
548 N N   . ALA D 4  ? 0.10540 0.10313 0.03768 0.03970  0.00072  0.00877  4   ALA D N   
549 C CA  . ALA D 4  ? 0.11858 0.17809 0.07736 0.01408  -0.01636 0.01990  4   ALA D CA  
550 C C   . ALA D 4  ? 0.12516 0.16923 0.07806 0.00814  -0.03558 0.04023  4   ALA D C   
551 O O   . ALA D 4  ? 0.07894 0.18322 0.06642 -0.00371 -0.00533 0.04617  4   ALA D O   
552 C CB  . ALA D 4  ? 0.12809 0.18333 0.07015 0.02350  -0.00630 0.00380  4   ALA D CB  
558 N N   A CYS D 5  ? 0.10814 0.16572 0.06559 0.00914  -0.02318 0.03595  5   CYS D N   
559 N N   B CYS D 5  ? 0.10011 0.14466 0.04088 0.02056  -0.00194 0.01442  5   CYS D N   
560 C CA  A CYS D 5  ? 0.08758 0.15763 0.06469 0.02160  -0.01740 0.03170  5   CYS D CA  
561 C CA  B CYS D 5  ? 0.09524 0.13986 0.04946 0.06646  0.00987  0.01374  5   CYS D CA  
562 C C   A CYS D 5  ? 0.08374 0.15939 0.10573 0.03614  -0.02704 0.03262  5   CYS D C   
563 C C   B CYS D 5  ? 0.10964 0.15696 0.05998 0.04740  -0.00483 0.02633  5   CYS D C   
564 O O   A CYS D 5  ? 0.08274 0.16679 0.17501 0.04434  -0.04158 0.01726  5   CYS D O   
565 O O   B CYS D 5  ? 0.06775 0.13035 0.04325 0.04949  0.00919  0.01621  5   CYS D O   
566 C CB  A CYS D 5  ? 0.10939 0.15155 0.04618 0.00750  -0.01626 0.01844  5   CYS D CB  
567 C CB  B CYS D 5  ? 0.14723 0.15350 0.11435 0.07001  -0.03914 0.01277  5   CYS D CB  
568 S SG  A CYS D 5  ? 0.08469 0.14980 0.04952 0.02067  -0.01451 0.01708  5   CYS D SG  
569 S SG  B CYS D 5  ? 0.16803 0.18353 0.13676 0.09038  -0.03515 0.00853  5   CYS D SG  
580 N N   . LEU D 6  ? 0.06255 0.15005 0.07145 0.04148  0.00803  0.03405  6   LEU D N   
581 C CA  . LEU D 6  ? 0.10692 0.13107 0.10718 0.04673  -0.02210 0.03860  6   LEU D CA  
582 C C   . LEU D 6  ? 0.08465 0.11028 0.11564 0.03787  -0.03538 0.02509  6   LEU D C   
583 O O   . LEU D 6  ? 0.06887 0.11381 0.11406 0.04226  -0.02160 0.01485  6   LEU D O   
584 C CB  . LEU D 6  ? 0.15724 0.15573 0.08505 0.01997  -0.04202 0.04499  6   LEU D CB  
585 C CG  . LEU D 6  ? 0.18354 0.15898 0.06208 0.01106  -0.01756 0.03635  6   LEU D CG  
586 C CD1 . LEU D 6  ? 0.12871 0.14567 0.16241 0.03140  -0.02010 0.07656  6   LEU D CD1 
587 C CD2 . LEU D 6  ? 0.16511 0.20599 0.05680 0.00162  0.00668  0.02450  6   LEU D CD2 
599 N N   . AIB D 7  ? 0.13932 0.13371 0.06369 0.01301  -0.02998 0.03674  7   AIB D N   
600 C CA  . AIB D 7  ? 0.13573 0.12588 0.08565 0.06078  -0.02358 0.01710  7   AIB D CA  
601 C C   . AIB D 7  ? 0.19649 0.16101 0.14555 0.02983  -0.07093 0.05002  7   AIB D C   
602 O O   . AIB D 7  ? 0.28736 0.19914 0.19799 -0.00551 -0.12145 0.05588  7   AIB D O   
603 C CB1 . AIB D 7  ? 0.08933 0.14817 0.05189 0.05128  -0.01580 -0.01111 7   AIB D CB1 
604 C CB2 . AIB D 7  ? 0.12078 0.13365 0.05838 0.06816  0.00868  0.02023  7   AIB D CB2 
612 N N   . CYS D 8  ? 0.08907 0.12271 0.05109 0.04795  -0.01416 0.00345  8   CYS D N   
613 C CA  . CYS D 8  ? 0.09367 0.15176 0.15264 0.06207  -0.02767 -0.00418 8   CYS D CA  
614 C C   . CYS D 8  ? 0.07551 0.13177 0.15644 0.05136  -0.01962 0.01183  8   CYS D C   
615 O O   . CYS D 8  ? 0.07230 0.13074 0.13332 0.04788  -0.02104 0.01110  8   CYS D O   
616 C CB  . CYS D 8  ? 0.09250 0.16707 0.05833 0.03535  0.02110  -0.00251 8   CYS D CB  
617 S SG  . CYS D 8  ? 0.32344 0.26522 0.10956 -0.01412 -0.03999 0.03262  8   CYS D SG  
623 N N   . AIB D 9  ? 0.06624 0.14401 0.09226 0.01254  0.01007  0.01852  9   AIB D N   
624 C CA  . AIB D 9  ? 0.05496 0.11309 0.06536 0.01042  0.02819  0.01846  9   AIB D CA  
625 C C   . AIB D 9  ? 0.10054 0.09854 0.06444 0.01631  -0.00246 0.00335  9   AIB D C   
626 O O   . AIB D 9  ? 0.05183 0.09189 0.10907 0.03131  -0.02014 0.00766  9   AIB D O   
627 C CB1 . AIB D 9  ? 0.03835 0.09049 0.04146 0.00989  0.01022  0.02738  9   AIB D CB1 
628 C CB2 . AIB D 9  ? 0.06958 0.12843 0.03505 -0.00891 0.00977  -0.00233 9   AIB D CB2 
636 N N   . LEU D 10 ? 0.09109 0.07341 0.11949 0.04325  -0.02184 0.00361  10  LEU D N   
637 C CA  . LEU D 10 ? 0.07090 0.06960 0.05122 0.03751  0.01781  0.00363  10  LEU D CA  
638 C C   . LEU D 10 ? 0.08958 0.08607 0.10108 0.05073  -0.01079 0.00697  10  LEU D C   
639 O O   . LEU D 10 ? 0.19002 0.09526 0.08195 0.02493  -0.05850 -0.01642 10  LEU D O   
640 C CB  . LEU D 10 ? 0.17744 0.06962 0.06034 0.03359  -0.02559 0.00324  10  LEU D CB  
641 C CG  . LEU D 10 ? 0.21696 0.10828 0.07320 -0.00489 -0.04252 0.00427  10  LEU D CG  
642 C CD1 . LEU D 10 ? 0.11500 0.11976 0.05693 0.02178  -0.00246 -0.01885 10  LEU D CD1 
643 C CD2 . LEU D 10 ? 0.21614 0.08753 0.06040 0.00353  -0.00337 -0.01451 10  LEU D CD2 
655 C C11 . I77 D 11 ? 0.15589 0.18055 0.15933 0.05586  -0.04264 -0.07325 11  I77 D C11 
656 C C12 . I77 D 11 ? 0.11224 0.18052 0.18694 0.04822  -0.03171 -0.04360 11  I77 D C12 
657 C C13 . I77 D 11 ? 0.06715 0.13051 0.10227 0.03519  0.02567  -0.01828 11  I77 D C13 
658 C C17 . I77 D 11 ? 0.09458 0.16844 0.17860 0.05808  -0.02459 -0.05418 11  I77 D C17 
659 C C18 . I77 D 11 ? 0.12498 0.18032 0.25870 0.06243  -0.05903 -0.07012 11  I77 D C18 
660 C C02 . I77 D 11 ? 0.57368 0.28593 0.38432 0.02629  -0.21585 -0.10634 11  I77 D C02 
661 C C03 . I77 D 11 ? 0.54582 0.29244 0.42254 0.01256  -0.20737 -0.12588 11  I77 D C03 
662 C C04 . I77 D 11 ? 0.53886 0.28739 0.42215 -0.00335 -0.19598 -0.12480 11  I77 D C04 
663 C C05 . I77 D 11 ? 0.47242 0.26989 0.37063 0.00289  -0.15782 -0.13037 11  I77 D C05 
664 C C06 . I77 D 11 ? 0.54306 0.29532 0.43742 -0.00211 -0.18836 -0.13916 11  I77 D C06 
665 C C08 . I77 D 11 ? 0.41821 0.24533 0.35095 0.02060  -0.13526 -0.13336 11  I77 D C08 
666 C C09 . I77 D 11 ? 0.25190 0.20237 0.34967 0.05303  -0.12970 -0.10767 11  I77 D C09 
667 N N01 . I77 D 11 ? 0.55154 0.27463 0.35760 0.04287  -0.18800 -0.11592 11  I77 D N01 
668 N N07 . I77 D 11 ? 0.49780 0.27074 0.40576 0.00937  -0.17275 -0.13316 11  I77 D N07 
669 N N10 . I77 D 11 ? 0.17849 0.17556 0.24382 0.07724  -0.09014 -0.08725 11  I77 D N10 
670 N N14 . I77 D 11 ? 0.11370 0.11228 0.11187 0.05932  -0.02971 0.00361  11  I77 D N14 
671 N N15 . I77 D 11 ? 0.09011 0.09450 0.10441 0.05374  -0.01158 -0.01565 11  I77 D N15 
672 O O16 . I77 D 11 ? 0.06035 0.12639 0.08586 0.03228  0.00076  -0.03983 11  I77 D O16 
673 O O19 . I77 D 11 ? 0.57714 0.28477 0.35060 0.02315  -0.22622 -0.07715 11  I77 D O19 
684 O O   . HOH E .  ? 0.18526 0.28718 0.16123 -0.03130 0.05532  -0.03654 201 HOH A O   
685 O O   . HOH E .  ? 0.29066 0.15056 0.20479 -0.08009 0.10797  -0.01372 202 HOH A O   
686 O O   . HOH E .  ? 0.21989 0.75940 0.22294 -0.10550 -0.02000 0.10712  203 HOH A O   
687 O O   . HOH E .  ? 0.14667 0.15088 0.06211 0.06523  -0.02009 0.00008  204 HOH A O   
688 O O   . HOH F .  ? 0.19903 0.22513 0.34191 -0.04926 0.05305  -0.15432 201 HOH C O   
689 O O   . HOH G .  ? 0.12853 0.12292 0.05363 0.05237  0.01057  0.02377  201 HOH D O   
690 O O   . HOH G .  ? 0.81793 0.28394 0.24474 0.19475  0.01162  0.00259  202 HOH D O   
# 
